data_1F0Z
#
_entry.id   1F0Z
#
_cell.length_a   1.000
_cell.length_b   1.000
_cell.length_c   1.000
_cell.angle_alpha   90.00
_cell.angle_beta   90.00
_cell.angle_gamma   90.00
#
_symmetry.space_group_name_H-M   'P 1'
#
_entity_poly.entity_id   1
_entity_poly.type   'polypeptide(L)'
_entity_poly.pdbx_seq_one_letter_code
;MQILFNDQAMQCAAGQTVHELLEQLDQRQAGAALAINQQIVPREQWAQHIVQDGDQILLFQVIAGG
;
_entity_poly.pdbx_strand_id   A
#
# COMPACT_ATOMS: atom_id res chain seq x y z
N MET A 1 -6.46 1.85 13.09
CA MET A 1 -5.13 1.39 12.60
C MET A 1 -4.35 2.56 12.01
N GLN A 2 -3.07 2.37 11.80
CA GLN A 2 -2.26 3.46 11.21
C GLN A 2 -1.21 2.90 10.27
N ILE A 3 -0.75 3.73 9.39
CA ILE A 3 0.21 3.28 8.39
C ILE A 3 1.22 4.36 8.06
N LEU A 4 2.15 4.02 7.24
CA LEU A 4 3.09 5.03 6.78
C LEU A 4 3.06 5.00 5.26
N PHE A 5 2.49 5.98 4.64
CA PHE A 5 2.43 5.98 3.18
C PHE A 5 3.50 6.92 2.62
N ASN A 6 4.56 6.38 2.10
CA ASN A 6 5.64 7.25 1.56
C ASN A 6 6.14 8.17 2.67
N ASP A 7 6.58 7.56 3.71
CA ASP A 7 7.10 8.30 4.89
C ASP A 7 6.00 9.23 5.43
N GLN A 8 4.76 8.97 5.09
CA GLN A 8 3.64 9.80 5.62
C GLN A 8 2.79 8.95 6.57
N ALA A 9 2.69 9.31 7.81
CA ALA A 9 1.87 8.47 8.75
C ALA A 9 0.38 8.61 8.45
N MET A 10 -0.39 7.60 8.72
CA MET A 10 -1.86 7.65 8.41
C MET A 10 -2.69 6.79 9.36
N GLN A 11 -3.99 6.90 9.26
CA GLN A 11 -4.88 6.01 10.04
C GLN A 11 -5.98 5.53 9.10
N CYS A 12 -6.02 4.27 8.91
CA CYS A 12 -7.02 3.66 7.98
C CYS A 12 -7.68 2.42 8.59
N ALA A 13 -8.23 1.58 7.76
CA ALA A 13 -8.93 0.35 8.23
C ALA A 13 -7.97 -0.83 8.40
N ALA A 14 -7.57 -1.12 9.60
CA ALA A 14 -6.65 -2.27 9.81
C ALA A 14 -7.29 -3.55 9.25
N GLY A 15 -6.51 -4.35 8.60
CA GLY A 15 -7.03 -5.62 8.02
C GLY A 15 -7.42 -5.37 6.57
N GLN A 16 -7.49 -4.13 6.17
CA GLN A 16 -7.85 -3.80 4.77
C GLN A 16 -6.62 -3.95 3.86
N THR A 17 -6.68 -4.75 2.83
CA THR A 17 -5.47 -4.90 1.97
C THR A 17 -4.97 -3.54 1.51
N VAL A 18 -4.07 -3.59 0.58
CA VAL A 18 -3.51 -2.37 -0.04
C VAL A 18 -4.52 -1.80 -0.98
N HIS A 19 -4.99 -2.63 -1.89
CA HIS A 19 -6.06 -2.16 -2.78
C HIS A 19 -7.11 -1.57 -1.87
N GLU A 20 -7.13 -2.09 -0.67
CA GLU A 20 -8.07 -1.56 0.35
C GLU A 20 -7.45 -0.33 1.00
N LEU A 21 -6.17 -0.37 1.23
CA LEU A 21 -5.47 0.80 1.85
C LEU A 21 -5.45 1.95 0.85
N LEU A 22 -4.86 1.73 -0.29
CA LEU A 22 -4.80 2.78 -1.32
C LEU A 22 -6.20 3.33 -1.59
N GLU A 23 -7.10 2.48 -1.92
CA GLU A 23 -8.48 2.94 -2.19
C GLU A 23 -9.04 3.67 -0.96
N GLN A 24 -8.77 3.18 0.21
CA GLN A 24 -9.28 3.89 1.43
C GLN A 24 -8.66 5.28 1.47
N LEU A 25 -7.37 5.34 1.28
CA LEU A 25 -6.67 6.63 1.28
C LEU A 25 -7.19 7.47 0.11
N ASP A 26 -7.79 6.80 -0.87
CA ASP A 26 -8.33 7.46 -2.10
C ASP A 26 -7.27 7.39 -3.19
N GLN A 27 -6.51 6.35 -3.19
CA GLN A 27 -5.44 6.19 -4.21
C GLN A 27 -5.67 4.90 -4.98
N ARG A 28 -5.34 4.88 -6.24
CA ARG A 28 -5.54 3.63 -7.03
C ARG A 28 -4.19 3.07 -7.47
N GLN A 29 -3.88 3.11 -8.74
CA GLN A 29 -2.56 2.59 -9.20
C GLN A 29 -2.16 3.27 -10.51
N ALA A 30 -2.77 2.90 -11.60
CA ALA A 30 -2.41 3.53 -12.91
C ALA A 30 -0.96 3.23 -13.23
N GLY A 31 -0.41 2.27 -12.59
CA GLY A 31 1.01 1.95 -12.85
C GLY A 31 1.82 2.29 -11.60
N ALA A 32 1.48 1.70 -10.47
CA ALA A 32 2.23 2.03 -9.24
C ALA A 32 2.61 0.77 -8.46
N ALA A 33 3.75 0.81 -7.83
CA ALA A 33 4.19 -0.33 -6.98
C ALA A 33 4.46 0.23 -5.60
N LEU A 34 4.51 -0.58 -4.57
CA LEU A 34 4.73 -0.02 -3.21
C LEU A 34 5.48 -1.02 -2.32
N ALA A 35 6.18 -0.55 -1.32
CA ALA A 35 6.89 -1.50 -0.41
C ALA A 35 6.35 -1.35 1.01
N ILE A 36 5.78 -2.38 1.56
CA ILE A 36 5.25 -2.25 2.93
C ILE A 36 6.18 -2.97 3.91
N ASN A 37 6.48 -2.36 5.03
CA ASN A 37 7.41 -3.02 5.99
C ASN A 37 8.73 -3.35 5.28
N GLN A 38 9.01 -2.64 4.21
CA GLN A 38 10.27 -2.84 3.43
C GLN A 38 10.13 -4.02 2.45
N GLN A 39 9.00 -4.66 2.41
CA GLN A 39 8.85 -5.78 1.42
C GLN A 39 8.14 -5.24 0.17
N ILE A 40 8.84 -5.12 -0.92
CA ILE A 40 8.18 -4.57 -2.13
C ILE A 40 7.25 -5.63 -2.72
N VAL A 41 5.97 -5.35 -2.69
CA VAL A 41 4.99 -6.33 -3.22
C VAL A 41 4.49 -5.89 -4.58
N PRO A 42 4.20 -6.86 -5.37
CA PRO A 42 3.65 -6.56 -6.69
C PRO A 42 2.19 -6.12 -6.59
N ARG A 43 1.96 -4.97 -7.09
CA ARG A 43 0.59 -4.36 -7.13
C ARG A 43 -0.53 -5.39 -7.00
N GLU A 44 -0.59 -6.31 -7.90
CA GLU A 44 -1.66 -7.33 -7.88
C GLU A 44 -1.98 -7.77 -6.46
N GLN A 45 -0.97 -8.08 -5.69
CA GLN A 45 -1.21 -8.53 -4.29
C GLN A 45 -1.95 -7.47 -3.47
N TRP A 46 -1.74 -6.21 -3.75
CA TRP A 46 -2.44 -5.15 -2.97
C TRP A 46 -3.88 -5.57 -2.69
N ALA A 47 -4.48 -6.27 -3.60
CA ALA A 47 -5.89 -6.68 -3.42
C ALA A 47 -6.01 -7.85 -2.43
N GLN A 48 -4.95 -8.55 -2.20
CA GLN A 48 -5.01 -9.68 -1.23
C GLN A 48 -3.93 -9.46 -0.17
N HIS A 49 -3.35 -8.30 -0.17
CA HIS A 49 -2.28 -7.99 0.83
C HIS A 49 -2.91 -7.27 2.01
N ILE A 50 -3.61 -7.98 2.85
CA ILE A 50 -4.27 -7.33 4.01
C ILE A 50 -3.27 -6.49 4.80
N VAL A 51 -3.65 -5.27 5.02
CA VAL A 51 -2.80 -4.29 5.76
C VAL A 51 -3.08 -4.35 7.27
N GLN A 52 -2.10 -4.09 8.09
CA GLN A 52 -2.32 -4.16 9.57
C GLN A 52 -2.05 -2.83 10.27
N ASP A 53 -2.73 -2.57 11.35
CA ASP A 53 -2.46 -1.31 12.09
C ASP A 53 -0.96 -1.17 12.29
N GLY A 54 -0.41 -0.23 11.63
CA GLY A 54 1.05 0.00 11.67
C GLY A 54 1.55 -0.23 10.24
N ASP A 55 0.63 -0.32 9.32
CA ASP A 55 0.99 -0.57 7.90
C ASP A 55 2.01 0.42 7.36
N GLN A 56 3.20 -0.03 7.09
CA GLN A 56 4.21 0.89 6.48
C GLN A 56 4.16 0.75 4.96
N ILE A 57 4.36 1.80 4.23
CA ILE A 57 4.25 1.67 2.75
C ILE A 57 5.31 2.48 2.00
N LEU A 58 5.72 1.99 0.87
CA LEU A 58 6.69 2.73 0.01
C LEU A 58 5.98 3.00 -1.32
N LEU A 59 6.21 4.12 -1.95
CA LEU A 59 5.46 4.40 -3.22
C LEU A 59 6.39 4.38 -4.45
N PHE A 60 6.05 3.59 -5.45
CA PHE A 60 6.89 3.54 -6.69
C PHE A 60 6.06 4.09 -7.87
N GLN A 61 6.66 4.86 -8.73
CA GLN A 61 5.89 5.40 -9.88
C GLN A 61 6.07 4.49 -11.12
N VAL A 62 4.97 4.02 -11.68
CA VAL A 62 5.07 3.14 -12.90
C VAL A 62 5.94 1.92 -12.61
N ILE A 63 5.70 0.85 -13.32
CA ILE A 63 6.49 -0.38 -13.12
C ILE A 63 7.58 -0.39 -14.18
N ALA A 64 8.73 0.09 -13.83
CA ALA A 64 9.82 0.16 -14.82
C ALA A 64 11.07 -0.56 -14.32
N GLY A 65 11.57 -1.50 -15.06
CA GLY A 65 12.80 -2.23 -14.61
C GLY A 65 13.77 -2.36 -15.79
N GLY A 66 15.03 -2.12 -15.55
CA GLY A 66 16.03 -2.21 -16.65
C GLY A 66 16.61 -0.83 -16.94
N MET A 1 9.16 -0.99 -11.36
CA MET A 1 8.56 -0.04 -10.39
C MET A 1 9.38 0.06 -9.11
N GLN A 2 9.15 1.10 -8.35
CA GLN A 2 9.86 1.25 -7.06
C GLN A 2 8.95 1.98 -6.11
N ILE A 3 9.03 1.64 -4.88
CA ILE A 3 8.09 2.25 -3.94
C ILE A 3 8.72 2.40 -2.56
N LEU A 4 7.98 2.95 -1.66
CA LEU A 4 8.46 3.06 -0.27
C LEU A 4 7.37 2.54 0.64
N PHE A 5 7.58 1.40 1.23
CA PHE A 5 6.54 0.84 2.13
C PHE A 5 7.03 0.96 3.58
N ASN A 6 6.52 1.93 4.31
CA ASN A 6 6.97 2.12 5.70
C ASN A 6 8.43 2.52 5.73
N ASP A 7 8.73 3.58 5.05
CA ASP A 7 10.13 4.07 4.98
C ASP A 7 11.04 2.97 4.44
N GLN A 8 10.47 1.98 3.81
CA GLN A 8 11.30 0.88 3.23
C GLN A 8 11.20 0.91 1.71
N ALA A 9 12.29 1.00 1.03
CA ALA A 9 12.23 1.07 -0.46
C ALA A 9 11.92 -0.30 -1.08
N MET A 10 11.22 -0.29 -2.19
CA MET A 10 10.82 -1.57 -2.88
C MET A 10 10.84 -1.45 -4.39
N GLN A 11 10.45 -2.53 -5.01
CA GLN A 11 10.29 -2.59 -6.48
C GLN A 11 9.19 -3.59 -6.77
N CYS A 12 8.21 -3.18 -7.49
CA CYS A 12 7.08 -4.09 -7.83
C CYS A 12 6.45 -3.67 -9.14
N ALA A 13 5.19 -3.90 -9.31
CA ALA A 13 4.54 -3.57 -10.60
C ALA A 13 3.95 -2.16 -10.65
N ALA A 14 4.51 -1.32 -11.48
CA ALA A 14 3.93 0.05 -11.62
C ALA A 14 2.53 -0.04 -12.23
N GLY A 15 1.64 0.77 -11.75
CA GLY A 15 0.25 0.74 -12.28
C GLY A 15 -0.55 -0.32 -11.52
N GLN A 16 0.06 -0.98 -10.58
CA GLN A 16 -0.65 -2.02 -9.79
C GLN A 16 -1.19 -1.38 -8.51
N THR A 17 -2.44 -1.57 -8.17
CA THR A 17 -2.96 -0.94 -6.92
C THR A 17 -2.20 -1.43 -5.69
N VAL A 18 -2.79 -1.16 -4.57
CA VAL A 18 -2.25 -1.61 -3.26
C VAL A 18 -2.56 -3.06 -3.11
N HIS A 19 -3.82 -3.38 -3.23
CA HIS A 19 -4.22 -4.79 -3.17
C HIS A 19 -3.31 -5.50 -4.14
N GLU A 20 -2.89 -4.74 -5.13
CA GLU A 20 -1.96 -5.30 -6.13
C GLU A 20 -0.54 -5.18 -5.60
N LEU A 21 -0.24 -4.12 -4.90
CA LEU A 21 1.14 -4.00 -4.36
C LEU A 21 1.26 -4.92 -3.15
N LEU A 22 0.46 -4.69 -2.14
CA LEU A 22 0.49 -5.56 -0.94
C LEU A 22 0.59 -7.02 -1.36
N GLU A 23 -0.33 -7.44 -2.18
CA GLU A 23 -0.30 -8.86 -2.66
C GLU A 23 1.06 -9.14 -3.30
N GLN A 24 1.54 -8.25 -4.13
CA GLN A 24 2.88 -8.45 -4.75
C GLN A 24 3.94 -8.37 -3.65
N LEU A 25 3.70 -7.55 -2.67
CA LEU A 25 4.65 -7.41 -1.54
C LEU A 25 4.51 -8.63 -0.64
N ASP A 26 3.39 -9.31 -0.74
CA ASP A 26 3.10 -10.51 0.09
C ASP A 26 2.63 -10.08 1.47
N GLN A 27 1.93 -8.98 1.54
CA GLN A 27 1.42 -8.49 2.85
C GLN A 27 -0.05 -8.10 2.72
N ARG A 28 -0.94 -8.77 3.39
CA ARG A 28 -2.39 -8.39 3.26
C ARG A 28 -2.72 -7.28 4.26
N GLN A 29 -3.33 -7.62 5.36
CA GLN A 29 -3.70 -6.59 6.35
C GLN A 29 -4.60 -7.17 7.44
N ALA A 30 -5.78 -7.60 7.08
CA ALA A 30 -6.71 -8.15 8.11
C ALA A 30 -7.11 -7.03 9.08
N GLY A 31 -6.69 -5.83 8.78
CA GLY A 31 -7.00 -4.70 9.67
C GLY A 31 -5.83 -3.71 9.59
N ALA A 32 -5.56 -3.20 8.42
CA ALA A 32 -4.42 -2.24 8.24
C ALA A 32 -4.83 -1.05 7.39
N ALA A 33 -4.11 0.02 7.49
CA ALA A 33 -4.41 1.22 6.67
C ALA A 33 -3.08 1.84 6.22
N LEU A 34 -3.05 2.62 5.18
CA LEU A 34 -1.74 3.17 4.75
C LEU A 34 -1.86 4.58 4.14
N ALA A 35 -0.77 5.31 4.08
CA ALA A 35 -0.80 6.67 3.46
C ALA A 35 0.22 6.72 2.35
N ILE A 36 -0.20 6.94 1.15
CA ILE A 36 0.78 6.99 0.03
C ILE A 36 0.94 8.43 -0.46
N ASN A 37 2.15 8.88 -0.65
CA ASN A 37 2.32 10.27 -1.14
C ASN A 37 1.57 11.23 -0.19
N GLN A 38 1.30 10.77 1.02
CA GLN A 38 0.59 11.59 2.05
C GLN A 38 -0.93 11.44 1.96
N GLN A 39 -1.41 10.63 1.07
CA GLN A 39 -2.89 10.43 1.00
C GLN A 39 -3.26 9.16 1.74
N ILE A 40 -3.90 9.27 2.87
CA ILE A 40 -4.29 8.05 3.61
C ILE A 40 -5.46 7.38 2.90
N VAL A 41 -5.22 6.26 2.26
CA VAL A 41 -6.32 5.58 1.54
C VAL A 41 -6.94 4.52 2.41
N PRO A 42 -8.19 4.34 2.22
CA PRO A 42 -8.88 3.31 2.97
C PRO A 42 -8.65 1.96 2.35
N ARG A 43 -8.15 1.09 3.16
CA ARG A 43 -7.85 -0.32 2.74
C ARG A 43 -8.62 -0.74 1.49
N GLU A 44 -9.92 -0.70 1.55
CA GLU A 44 -10.76 -1.10 0.40
C GLU A 44 -10.21 -0.54 -0.91
N GLN A 45 -9.88 0.71 -0.94
CA GLN A 45 -9.36 1.34 -2.19
C GLN A 45 -8.08 0.64 -2.65
N TRP A 46 -7.37 0.04 -1.75
CA TRP A 46 -6.12 -0.64 -2.16
C TRP A 46 -6.37 -1.46 -3.42
N ALA A 47 -7.56 -1.93 -3.59
CA ALA A 47 -7.89 -2.74 -4.79
C ALA A 47 -8.15 -1.85 -6.00
N GLN A 48 -8.45 -0.61 -5.76
CA GLN A 48 -8.68 0.33 -6.90
C GLN A 48 -7.66 1.47 -6.78
N HIS A 49 -6.73 1.32 -5.87
CA HIS A 49 -5.69 2.35 -5.64
C HIS A 49 -4.43 2.04 -6.45
N ILE A 50 -4.48 2.21 -7.75
CA ILE A 50 -3.28 1.90 -8.58
C ILE A 50 -2.06 2.63 -8.02
N VAL A 51 -0.99 1.90 -7.84
CA VAL A 51 0.26 2.49 -7.26
C VAL A 51 1.19 3.00 -8.38
N GLN A 52 1.89 4.08 -8.14
CA GLN A 52 2.79 4.67 -9.19
C GLN A 52 4.24 4.20 -9.05
N ASP A 53 4.93 4.12 -10.15
CA ASP A 53 6.36 3.76 -10.08
C ASP A 53 7.06 4.79 -9.22
N GLY A 54 7.51 4.36 -8.09
CA GLY A 54 8.15 5.28 -7.11
C GLY A 54 7.13 5.47 -5.99
N ASP A 55 6.12 4.64 -5.98
CA ASP A 55 5.05 4.72 -4.95
C ASP A 55 5.61 4.96 -3.53
N GLN A 56 4.94 5.77 -2.75
CA GLN A 56 5.38 5.99 -1.35
C GLN A 56 4.26 5.49 -0.44
N ILE A 57 4.56 4.86 0.64
CA ILE A 57 3.46 4.32 1.50
C ILE A 57 3.69 4.50 2.99
N LEU A 58 2.62 4.69 3.71
CA LEU A 58 2.68 4.79 5.19
C LEU A 58 1.87 3.61 5.76
N LEU A 59 2.24 3.07 6.88
CA LEU A 59 1.45 1.90 7.39
C LEU A 59 0.70 2.30 8.68
N PHE A 60 -0.53 1.88 8.81
CA PHE A 60 -1.33 2.22 10.02
C PHE A 60 -1.84 0.95 10.70
N GLN A 61 -1.96 0.97 12.00
CA GLN A 61 -2.47 -0.23 12.71
C GLN A 61 -3.93 -0.02 13.12
N VAL A 62 -4.79 -0.94 12.82
CA VAL A 62 -6.22 -0.78 13.20
C VAL A 62 -7.01 -2.01 12.76
N ILE A 63 -7.76 -2.59 13.65
CA ILE A 63 -8.55 -3.79 13.28
C ILE A 63 -10.03 -3.44 13.43
N ALA A 64 -10.68 -3.07 12.37
CA ALA A 64 -12.11 -2.69 12.48
C ALA A 64 -12.98 -3.53 11.55
N GLY A 65 -13.79 -4.40 12.10
CA GLY A 65 -14.69 -5.25 11.26
C GLY A 65 -14.20 -6.70 11.28
N GLY A 66 -13.16 -6.98 12.02
CA GLY A 66 -12.65 -8.39 12.07
C GLY A 66 -11.12 -8.38 12.20
N MET A 1 10.19 -1.41 -10.88
CA MET A 1 9.38 -0.54 -9.99
C MET A 1 10.03 -0.41 -8.62
N GLN A 2 9.70 0.65 -7.92
CA GLN A 2 10.23 0.83 -6.56
C GLN A 2 9.25 1.62 -5.75
N ILE A 3 9.23 1.37 -4.49
CA ILE A 3 8.25 2.02 -3.66
C ILE A 3 8.78 2.28 -2.27
N LEU A 4 8.00 2.91 -1.47
CA LEU A 4 8.40 3.11 -0.08
C LEU A 4 7.25 2.68 0.81
N PHE A 5 7.42 1.60 1.48
CA PHE A 5 6.33 1.14 2.36
C PHE A 5 6.71 1.43 3.81
N ASN A 6 6.16 2.46 4.39
CA ASN A 6 6.52 2.79 5.79
C ASN A 6 8.02 3.03 5.89
N ASP A 7 8.47 3.94 5.10
CA ASP A 7 9.92 4.30 5.03
C ASP A 7 10.75 3.07 4.66
N GLN A 8 10.12 2.07 4.14
CA GLN A 8 10.89 0.87 3.71
C GLN A 8 10.89 0.85 2.18
N ALA A 9 12.02 0.97 1.57
CA ALA A 9 12.03 0.98 0.08
C ALA A 9 11.75 -0.41 -0.48
N MET A 10 11.16 -0.48 -1.63
CA MET A 10 10.83 -1.80 -2.24
C MET A 10 10.95 -1.79 -3.75
N GLN A 11 10.62 -2.91 -4.33
CA GLN A 11 10.59 -3.01 -5.81
C GLN A 11 9.54 -4.06 -6.17
N CYS A 12 8.57 -3.66 -6.90
CA CYS A 12 7.48 -4.59 -7.29
C CYS A 12 6.90 -4.21 -8.64
N ALA A 13 5.65 -4.47 -8.84
CA ALA A 13 5.03 -4.19 -10.17
C ALA A 13 4.44 -2.79 -10.30
N ALA A 14 5.03 -1.98 -11.14
CA ALA A 14 4.49 -0.61 -11.36
C ALA A 14 3.11 -0.68 -12.00
N GLY A 15 2.23 0.20 -11.63
CA GLY A 15 0.87 0.21 -12.22
C GLY A 15 -0.01 -0.79 -11.49
N GLN A 16 0.54 -1.53 -10.59
CA GLN A 16 -0.27 -2.52 -9.82
C GLN A 16 -0.94 -1.81 -8.63
N THR A 17 -2.21 -2.03 -8.39
CA THR A 17 -2.84 -1.34 -7.23
C THR A 17 -2.13 -1.67 -5.93
N VAL A 18 -2.79 -1.31 -4.87
CA VAL A 18 -2.29 -1.60 -3.50
C VAL A 18 -2.57 -3.04 -3.19
N HIS A 19 -3.81 -3.43 -3.35
CA HIS A 19 -4.14 -4.84 -3.15
C HIS A 19 -3.13 -5.60 -3.99
N GLU A 20 -2.69 -4.94 -5.03
CA GLU A 20 -1.66 -5.55 -5.91
C GLU A 20 -0.29 -5.31 -5.30
N LEU A 21 -0.10 -4.17 -4.70
CA LEU A 21 1.22 -3.88 -4.06
C LEU A 21 1.38 -4.73 -2.81
N LEU A 22 0.49 -4.56 -1.87
CA LEU A 22 0.56 -5.34 -0.62
C LEU A 22 0.67 -6.82 -0.92
N GLU A 23 -0.25 -7.33 -1.66
CA GLU A 23 -0.21 -8.77 -2.00
C GLU A 23 1.15 -9.12 -2.58
N GLN A 24 1.69 -8.26 -3.42
CA GLN A 24 3.03 -8.56 -3.98
C GLN A 24 4.06 -8.51 -2.87
N LEU A 25 3.92 -7.55 -1.98
CA LEU A 25 4.87 -7.46 -0.84
C LEU A 25 4.59 -8.62 0.11
N ASP A 26 3.39 -9.17 0.02
CA ASP A 26 2.94 -10.34 0.85
C ASP A 26 1.99 -9.88 1.96
N GLN A 27 1.37 -8.75 1.76
CA GLN A 27 0.43 -8.24 2.80
C GLN A 27 -1.01 -8.44 2.32
N ARG A 28 -1.88 -8.94 3.16
CA ARG A 28 -3.28 -9.16 2.72
C ARG A 28 -4.19 -8.02 3.20
N GLN A 29 -3.70 -7.21 4.09
CA GLN A 29 -4.51 -6.06 4.59
C GLN A 29 -5.57 -6.54 5.56
N ALA A 30 -5.20 -7.36 6.49
CA ALA A 30 -6.18 -7.86 7.49
C ALA A 30 -7.05 -6.69 7.96
N GLY A 31 -6.52 -5.50 7.90
CA GLY A 31 -7.29 -4.29 8.33
C GLY A 31 -6.33 -3.11 8.36
N ALA A 32 -5.44 -3.04 7.41
CA ALA A 32 -4.43 -1.94 7.40
C ALA A 32 -4.83 -0.77 6.50
N ALA A 33 -4.28 0.38 6.80
CA ALA A 33 -4.55 1.59 5.95
C ALA A 33 -3.20 2.15 5.52
N LEU A 34 -3.17 2.92 4.46
CA LEU A 34 -1.85 3.43 4.00
C LEU A 34 -2.00 4.80 3.32
N ALA A 35 -0.96 5.59 3.33
CA ALA A 35 -1.05 6.90 2.65
C ALA A 35 0.05 6.98 1.60
N ILE A 36 -0.32 7.02 0.35
CA ILE A 36 0.72 7.08 -0.72
C ILE A 36 0.96 8.53 -1.15
N ASN A 37 2.19 8.94 -1.24
CA ASN A 37 2.47 10.34 -1.65
C ASN A 37 1.82 11.31 -0.67
N GLN A 38 1.47 10.82 0.51
CA GLN A 38 0.81 11.65 1.58
C GLN A 38 -0.72 11.57 1.47
N GLN A 39 -1.23 10.78 0.56
CA GLN A 39 -2.70 10.66 0.45
C GLN A 39 -3.16 9.39 1.19
N ILE A 40 -3.81 9.54 2.30
CA ILE A 40 -4.26 8.32 3.02
C ILE A 40 -5.45 7.73 2.26
N VAL A 41 -5.27 6.62 1.61
CA VAL A 41 -6.39 6.01 0.87
C VAL A 41 -7.05 4.94 1.70
N PRO A 42 -8.31 4.83 1.52
CA PRO A 42 -9.04 3.79 2.23
C PRO A 42 -8.74 2.41 1.67
N ARG A 43 -8.29 1.59 2.54
CA ARG A 43 -7.94 0.17 2.22
C ARG A 43 -8.69 -0.37 1.01
N GLU A 44 -9.98 -0.41 1.09
CA GLU A 44 -10.78 -0.98 -0.03
C GLU A 44 -10.28 -0.47 -1.39
N GLN A 45 -10.00 0.80 -1.50
CA GLN A 45 -9.50 1.30 -2.82
C GLN A 45 -8.24 0.56 -3.22
N TRP A 46 -7.49 0.09 -2.27
CA TRP A 46 -6.25 -0.65 -2.59
C TRP A 46 -6.50 -1.62 -3.74
N ALA A 47 -7.69 -2.08 -3.88
CA ALA A 47 -8.00 -3.04 -4.96
C ALA A 47 -8.18 -2.32 -6.29
N GLN A 48 -8.41 -1.04 -6.25
CA GLN A 48 -8.57 -0.27 -7.51
C GLN A 48 -7.64 0.94 -7.47
N HIS A 49 -6.68 0.89 -6.58
CA HIS A 49 -5.73 2.02 -6.44
C HIS A 49 -4.38 1.69 -7.08
N ILE A 50 -4.27 1.81 -8.37
CA ILE A 50 -3.01 1.49 -9.08
C ILE A 50 -1.81 2.22 -8.49
N VAL A 51 -0.78 1.48 -8.21
CA VAL A 51 0.47 2.04 -7.61
C VAL A 51 1.48 2.35 -8.72
N GLN A 52 2.27 3.38 -8.55
CA GLN A 52 3.25 3.74 -9.63
C GLN A 52 4.69 3.46 -9.25
N ASP A 53 5.51 3.22 -10.24
CA ASP A 53 6.94 2.97 -9.97
C ASP A 53 7.55 4.14 -9.23
N GLY A 54 7.95 3.86 -8.04
CA GLY A 54 8.52 4.89 -7.15
C GLY A 54 7.42 5.24 -6.17
N ASP A 55 6.43 4.38 -6.09
CA ASP A 55 5.28 4.62 -5.19
C ASP A 55 5.68 4.73 -3.72
N GLN A 56 5.22 5.76 -3.07
CA GLN A 56 5.52 5.94 -1.62
C GLN A 56 4.28 5.51 -0.81
N ILE A 57 4.47 5.00 0.37
CA ILE A 57 3.28 4.54 1.15
C ILE A 57 3.39 4.86 2.64
N LEU A 58 2.29 5.14 3.26
CA LEU A 58 2.29 5.35 4.72
C LEU A 58 1.63 4.10 5.31
N LEU A 59 2.00 3.67 6.48
CA LEU A 59 1.40 2.39 6.97
C LEU A 59 0.53 2.61 8.22
N PHE A 60 -0.68 2.12 8.18
CA PHE A 60 -1.59 2.22 9.34
C PHE A 60 -1.79 0.81 9.89
N GLN A 61 -1.82 0.64 11.19
CA GLN A 61 -1.98 -0.73 11.75
C GLN A 61 -3.47 -1.09 11.90
N VAL A 62 -3.75 -2.36 11.92
CA VAL A 62 -5.15 -2.81 12.05
C VAL A 62 -5.82 -2.22 13.29
N ILE A 63 -7.10 -1.94 13.19
CA ILE A 63 -7.83 -1.40 14.36
C ILE A 63 -8.95 -2.37 14.71
N ALA A 64 -8.70 -3.23 15.64
CA ALA A 64 -9.72 -4.22 16.02
C ALA A 64 -10.05 -4.14 17.52
N GLY A 65 -11.19 -4.60 17.91
CA GLY A 65 -11.56 -4.56 19.35
C GLY A 65 -11.39 -5.96 19.95
N GLY A 66 -10.47 -6.73 19.41
CA GLY A 66 -10.25 -8.10 19.94
C GLY A 66 -10.57 -9.12 18.84
N MET A 1 9.48 -0.96 -11.03
CA MET A 1 9.01 0.17 -10.21
C MET A 1 9.58 0.09 -8.79
N GLN A 2 9.35 1.10 -8.00
CA GLN A 2 9.88 1.09 -6.62
C GLN A 2 8.97 1.86 -5.70
N ILE A 3 9.06 1.59 -4.43
CA ILE A 3 8.12 2.24 -3.50
C ILE A 3 8.75 2.50 -2.15
N LEU A 4 7.98 3.13 -1.32
CA LEU A 4 8.41 3.34 0.06
C LEU A 4 7.28 2.80 0.94
N PHE A 5 7.50 1.69 1.56
CA PHE A 5 6.43 1.13 2.41
C PHE A 5 6.80 1.38 3.87
N ASN A 6 6.20 2.36 4.48
CA ASN A 6 6.53 2.68 5.90
C ASN A 6 8.01 3.04 6.00
N ASP A 7 8.37 4.04 5.27
CA ASP A 7 9.77 4.52 5.24
C ASP A 7 10.71 3.39 4.82
N GLN A 8 10.18 2.38 4.18
CA GLN A 8 11.04 1.26 3.71
C GLN A 8 11.00 1.22 2.19
N ALA A 9 12.12 1.39 1.56
CA ALA A 9 12.12 1.37 0.07
C ALA A 9 11.86 -0.04 -0.46
N MET A 10 11.21 -0.14 -1.59
CA MET A 10 10.88 -1.49 -2.17
C MET A 10 10.90 -1.47 -3.69
N GLN A 11 10.61 -2.59 -4.28
CA GLN A 11 10.50 -2.65 -5.75
C GLN A 11 9.41 -3.65 -6.11
N CYS A 12 8.42 -3.18 -6.78
CA CYS A 12 7.27 -4.07 -7.17
C CYS A 12 6.79 -3.77 -8.59
N ALA A 13 5.59 -4.16 -8.87
CA ALA A 13 5.02 -3.96 -10.22
C ALA A 13 4.43 -2.56 -10.41
N ALA A 14 5.09 -1.71 -11.14
CA ALA A 14 4.48 -0.36 -11.38
C ALA A 14 3.12 -0.54 -12.05
N GLY A 15 2.17 0.25 -11.68
CA GLY A 15 0.83 0.14 -12.29
C GLY A 15 0.00 -0.88 -11.51
N GLN A 16 0.57 -1.46 -10.49
CA GLN A 16 -0.18 -2.45 -9.68
C GLN A 16 -0.75 -1.75 -8.44
N THR A 17 -2.03 -1.89 -8.18
CA THR A 17 -2.61 -1.19 -7.01
C THR A 17 -1.90 -1.52 -5.72
N VAL A 18 -2.58 -1.16 -4.67
CA VAL A 18 -2.12 -1.43 -3.29
C VAL A 18 -2.40 -2.87 -2.96
N HIS A 19 -3.64 -3.25 -3.08
CA HIS A 19 -4.00 -4.65 -2.86
C HIS A 19 -3.03 -5.42 -3.72
N GLU A 20 -2.61 -4.77 -4.78
CA GLU A 20 -1.61 -5.38 -5.69
C GLU A 20 -0.23 -5.20 -5.08
N LEU A 21 0.04 -4.05 -4.54
CA LEU A 21 1.38 -3.83 -3.92
C LEU A 21 1.54 -4.76 -2.72
N LEU A 22 0.68 -4.64 -1.75
CA LEU A 22 0.78 -5.51 -0.56
C LEU A 22 1.00 -6.96 -0.96
N GLU A 23 0.13 -7.48 -1.78
CA GLU A 23 0.29 -8.89 -2.21
C GLU A 23 1.71 -9.13 -2.72
N GLN A 24 2.26 -8.21 -3.47
CA GLN A 24 3.66 -8.40 -3.96
C GLN A 24 4.59 -8.52 -2.77
N LEU A 25 4.43 -7.61 -1.87
CA LEU A 25 5.26 -7.57 -0.65
C LEU A 25 4.90 -8.76 0.25
N ASP A 26 3.75 -9.34 0.00
CA ASP A 26 3.24 -10.52 0.80
C ASP A 26 2.37 -10.00 1.93
N GLN A 27 1.58 -9.00 1.64
CA GLN A 27 0.68 -8.41 2.65
C GLN A 27 -0.76 -8.55 2.15
N ARG A 28 -1.68 -8.96 3.00
CA ARG A 28 -3.09 -9.14 2.52
C ARG A 28 -4.00 -8.00 2.98
N GLN A 29 -3.66 -7.34 4.05
CA GLN A 29 -4.49 -6.21 4.55
C GLN A 29 -5.72 -6.73 5.27
N ALA A 30 -5.54 -7.44 6.35
CA ALA A 30 -6.71 -7.96 7.10
C ALA A 30 -7.29 -6.85 7.96
N GLY A 31 -6.48 -5.87 8.26
CA GLY A 31 -6.94 -4.73 9.10
C GLY A 31 -5.83 -3.68 9.11
N ALA A 32 -5.56 -3.09 7.98
CA ALA A 32 -4.47 -2.08 7.91
C ALA A 32 -4.88 -0.88 7.06
N ALA A 33 -4.42 0.28 7.40
CA ALA A 33 -4.73 1.48 6.57
C ALA A 33 -3.40 2.06 6.09
N LEU A 34 -3.37 2.75 5.00
CA LEU A 34 -2.05 3.24 4.53
C LEU A 34 -2.18 4.59 3.81
N ALA A 35 -1.14 5.38 3.83
CA ALA A 35 -1.20 6.70 3.15
C ALA A 35 -0.11 6.76 2.08
N ILE A 36 -0.49 6.85 0.84
CA ILE A 36 0.54 6.90 -0.22
C ILE A 36 0.78 8.34 -0.66
N ASN A 37 2.01 8.75 -0.72
CA ASN A 37 2.29 10.15 -1.14
C ASN A 37 1.51 11.11 -0.24
N GLN A 38 1.22 10.69 0.97
CA GLN A 38 0.47 11.54 1.96
C GLN A 38 -1.04 11.39 1.78
N GLN A 39 -1.48 10.66 0.80
CA GLN A 39 -2.96 10.47 0.62
C GLN A 39 -3.42 9.23 1.40
N ILE A 40 -4.08 9.41 2.51
CA ILE A 40 -4.54 8.22 3.27
C ILE A 40 -5.74 7.62 2.56
N VAL A 41 -5.63 6.43 2.06
CA VAL A 41 -6.78 5.80 1.37
C VAL A 41 -7.32 4.66 2.19
N PRO A 42 -8.59 4.52 2.12
CA PRO A 42 -9.22 3.41 2.83
C PRO A 42 -8.93 2.08 2.16
N ARG A 43 -8.42 1.19 2.94
CA ARG A 43 -8.07 -0.19 2.48
C ARG A 43 -8.87 -0.64 1.26
N GLU A 44 -10.12 -0.33 1.23
CA GLU A 44 -10.99 -0.74 0.12
C GLU A 44 -10.41 -0.32 -1.24
N GLN A 45 -9.98 0.90 -1.35
CA GLN A 45 -9.42 1.37 -2.65
C GLN A 45 -8.12 0.66 -3.00
N TRP A 46 -7.37 0.20 -2.03
CA TRP A 46 -6.10 -0.49 -2.35
C TRP A 46 -6.29 -1.43 -3.54
N ALA A 47 -7.45 -1.98 -3.67
CA ALA A 47 -7.71 -2.92 -4.80
C ALA A 47 -7.94 -2.16 -6.11
N GLN A 48 -8.23 -0.89 -6.02
CA GLN A 48 -8.45 -0.10 -7.26
C GLN A 48 -7.53 1.11 -7.25
N HIS A 49 -6.54 1.08 -6.39
CA HIS A 49 -5.59 2.22 -6.28
C HIS A 49 -4.25 1.86 -6.92
N ILE A 50 -4.18 1.93 -8.22
CA ILE A 50 -2.91 1.59 -8.94
C ILE A 50 -1.72 2.37 -8.37
N VAL A 51 -0.67 1.66 -8.07
CA VAL A 51 0.57 2.27 -7.50
C VAL A 51 1.56 2.61 -8.61
N GLN A 52 2.31 3.66 -8.46
CA GLN A 52 3.30 4.05 -9.53
C GLN A 52 4.75 3.82 -9.12
N ASP A 53 5.61 3.65 -10.08
CA ASP A 53 7.05 3.49 -9.77
C ASP A 53 7.52 4.71 -9.01
N GLY A 54 7.89 4.50 -7.80
CA GLY A 54 8.31 5.62 -6.91
C GLY A 54 7.22 5.70 -5.83
N ASP A 55 6.38 4.69 -5.80
CA ASP A 55 5.26 4.65 -4.82
C ASP A 55 5.72 4.99 -3.40
N GLN A 56 4.94 5.75 -2.70
CA GLN A 56 5.26 6.07 -1.28
C GLN A 56 4.10 5.54 -0.45
N ILE A 57 4.36 4.98 0.69
CA ILE A 57 3.21 4.44 1.46
C ILE A 57 3.34 4.71 2.96
N LEU A 58 2.22 4.89 3.60
CA LEU A 58 2.22 5.09 5.06
C LEU A 58 1.50 3.90 5.67
N LEU A 59 1.89 3.44 6.82
CA LEU A 59 1.19 2.25 7.38
C LEU A 59 0.37 2.61 8.61
N PHE A 60 -0.82 2.11 8.67
CA PHE A 60 -1.70 2.40 9.83
C PHE A 60 -2.11 1.07 10.48
N GLN A 61 -2.45 1.09 11.75
CA GLN A 61 -2.80 -0.18 12.45
C GLN A 61 -4.30 -0.50 12.32
N VAL A 62 -4.63 -1.75 12.50
CA VAL A 62 -6.05 -2.19 12.39
C VAL A 62 -6.97 -1.29 13.21
N ILE A 63 -8.20 -1.17 12.79
CA ILE A 63 -9.16 -0.33 13.54
C ILE A 63 -10.32 -1.21 14.01
N ALA A 64 -10.24 -1.71 15.20
CA ALA A 64 -11.32 -2.59 15.71
C ALA A 64 -11.89 -2.05 17.02
N GLY A 65 -13.13 -2.36 17.31
CA GLY A 65 -13.74 -1.89 18.59
C GLY A 65 -14.29 -3.09 19.36
N GLY A 66 -13.74 -4.25 19.12
CA GLY A 66 -14.23 -5.46 19.84
C GLY A 66 -13.18 -6.57 19.72
N MET A 1 -6.12 2.28 13.62
CA MET A 1 -5.17 1.90 12.53
C MET A 1 -4.34 3.10 12.09
N GLN A 2 -3.10 2.86 11.80
CA GLN A 2 -2.23 3.96 11.31
C GLN A 2 -1.20 3.37 10.41
N ILE A 3 -0.79 4.11 9.45
CA ILE A 3 0.14 3.52 8.50
C ILE A 3 1.09 4.58 7.97
N LEU A 4 2.00 4.16 7.17
CA LEU A 4 2.90 5.13 6.56
C LEU A 4 2.87 4.93 5.05
N PHE A 5 2.30 5.84 4.35
CA PHE A 5 2.25 5.71 2.88
C PHE A 5 3.26 6.67 2.25
N ASN A 6 4.39 6.18 1.83
CA ASN A 6 5.42 7.07 1.25
C ASN A 6 5.87 8.09 2.28
N ASP A 7 6.33 7.59 3.38
CA ASP A 7 6.80 8.44 4.49
C ASP A 7 5.69 9.39 4.92
N GLN A 8 4.47 9.05 4.58
CA GLN A 8 3.31 9.89 5.00
C GLN A 8 2.47 9.08 6.00
N ALA A 9 2.35 9.55 7.20
CA ALA A 9 1.55 8.76 8.19
C ALA A 9 0.07 8.78 7.82
N MET A 10 -0.64 7.75 8.18
CA MET A 10 -2.10 7.66 7.83
C MET A 10 -2.89 6.90 8.88
N GLN A 11 -4.15 6.75 8.60
CA GLN A 11 -5.04 5.94 9.48
C GLN A 11 -6.12 5.35 8.59
N CYS A 12 -6.22 4.07 8.55
CA CYS A 12 -7.24 3.43 7.66
C CYS A 12 -7.86 2.19 8.29
N ALA A 13 -8.52 1.40 7.48
CA ALA A 13 -9.20 0.19 7.97
C ALA A 13 -8.21 -0.94 8.26
N ALA A 14 -7.97 -1.22 9.51
CA ALA A 14 -7.03 -2.32 9.84
C ALA A 14 -7.62 -3.64 9.37
N GLY A 15 -6.79 -4.49 8.85
CA GLY A 15 -7.28 -5.80 8.37
C GLY A 15 -7.73 -5.65 6.90
N GLN A 16 -7.64 -4.46 6.37
CA GLN A 16 -8.04 -4.25 4.96
C GLN A 16 -6.79 -4.36 4.06
N THR A 17 -6.86 -5.10 2.99
CA THR A 17 -5.64 -5.22 2.14
C THR A 17 -5.17 -3.87 1.63
N VAL A 18 -4.31 -3.95 0.67
CA VAL A 18 -3.76 -2.75 -0.01
C VAL A 18 -4.79 -2.25 -0.98
N HIS A 19 -5.23 -3.12 -1.85
CA HIS A 19 -6.29 -2.72 -2.78
C HIS A 19 -7.36 -2.12 -1.90
N GLU A 20 -7.39 -2.59 -0.67
CA GLU A 20 -8.35 -2.05 0.31
C GLU A 20 -7.78 -0.78 0.94
N LEU A 21 -6.49 -0.75 1.17
CA LEU A 21 -5.88 0.46 1.78
C LEU A 21 -5.81 1.57 0.72
N LEU A 22 -5.23 1.29 -0.40
CA LEU A 22 -5.16 2.32 -1.49
C LEU A 22 -6.53 2.93 -1.67
N GLU A 23 -7.48 2.08 -1.89
CA GLU A 23 -8.87 2.55 -2.07
C GLU A 23 -9.31 3.40 -0.86
N GLN A 24 -9.11 2.91 0.33
CA GLN A 24 -9.52 3.70 1.53
C GLN A 24 -8.76 5.03 1.56
N LEU A 25 -7.54 5.03 1.09
CA LEU A 25 -6.75 6.28 1.08
C LEU A 25 -7.14 7.13 -0.13
N ASP A 26 -7.77 6.50 -1.09
CA ASP A 26 -8.23 7.21 -2.33
C ASP A 26 -7.04 7.36 -3.27
N GLN A 27 -6.19 6.38 -3.30
CA GLN A 27 -5.00 6.43 -4.19
C GLN A 27 -4.94 5.12 -4.97
N ARG A 28 -4.98 5.18 -6.28
CA ARG A 28 -4.95 3.92 -7.06
C ARG A 28 -3.51 3.58 -7.46
N GLN A 29 -3.19 3.61 -8.73
CA GLN A 29 -1.82 3.27 -9.16
C GLN A 29 -1.71 3.23 -10.69
N ALA A 30 -2.53 2.43 -11.33
CA ALA A 30 -2.46 2.34 -12.81
C ALA A 30 -1.10 1.78 -13.23
N GLY A 31 -0.36 1.27 -12.29
CA GLY A 31 0.97 0.73 -12.63
C GLY A 31 1.94 1.10 -11.50
N ALA A 32 1.52 0.93 -10.28
CA ALA A 32 2.41 1.29 -9.14
C ALA A 32 2.75 0.08 -8.29
N ALA A 33 3.76 0.19 -7.49
CA ALA A 33 4.16 -0.92 -6.58
C ALA A 33 4.47 -0.30 -5.22
N LEU A 34 4.47 -1.07 -4.17
CA LEU A 34 4.74 -0.46 -2.85
C LEU A 34 5.44 -1.46 -1.92
N ALA A 35 6.23 -0.98 -1.00
CA ALA A 35 6.91 -1.91 -0.05
C ALA A 35 6.40 -1.67 1.36
N ILE A 36 5.77 -2.64 1.93
CA ILE A 36 5.24 -2.45 3.30
C ILE A 36 6.17 -3.08 4.33
N ASN A 37 6.49 -2.40 5.38
CA ASN A 37 7.39 -2.98 6.40
C ASN A 37 8.71 -3.41 5.74
N GLN A 38 9.05 -2.79 4.63
CA GLN A 38 10.32 -3.11 3.88
C GLN A 38 10.10 -4.29 2.93
N GLN A 39 8.88 -4.70 2.72
CA GLN A 39 8.66 -5.82 1.77
C GLN A 39 7.98 -5.30 0.51
N ILE A 40 8.68 -5.25 -0.59
CA ILE A 40 8.04 -4.74 -1.83
C ILE A 40 7.09 -5.82 -2.36
N VAL A 41 5.82 -5.64 -2.12
CA VAL A 41 4.85 -6.66 -2.60
C VAL A 41 4.40 -6.35 -3.99
N PRO A 42 4.14 -7.38 -4.71
CA PRO A 42 3.64 -7.19 -6.06
C PRO A 42 2.21 -6.72 -6.06
N ARG A 43 2.03 -5.60 -6.67
CA ARG A 43 0.68 -4.96 -6.80
C ARG A 43 -0.48 -5.96 -6.64
N GLU A 44 -0.54 -6.92 -7.51
CA GLU A 44 -1.64 -7.92 -7.46
C GLU A 44 -1.93 -8.34 -6.02
N GLN A 45 -0.93 -8.61 -5.24
CA GLN A 45 -1.19 -9.04 -3.84
C GLN A 45 -1.97 -7.96 -3.09
N TRP A 46 -1.78 -6.72 -3.45
CA TRP A 46 -2.52 -5.63 -2.78
C TRP A 46 -3.97 -6.04 -2.55
N ALA A 47 -4.51 -6.80 -3.45
CA ALA A 47 -5.93 -7.23 -3.33
C ALA A 47 -6.10 -8.31 -2.26
N GLN A 48 -5.04 -8.96 -1.88
CA GLN A 48 -5.14 -10.01 -0.84
C GLN A 48 -4.10 -9.72 0.24
N HIS A 49 -3.47 -8.59 0.15
CA HIS A 49 -2.43 -8.23 1.13
C HIS A 49 -3.05 -7.44 2.29
N ILE A 50 -3.68 -8.12 3.20
CA ILE A 50 -4.33 -7.43 4.35
C ILE A 50 -3.33 -6.51 5.03
N VAL A 51 -3.72 -5.28 5.20
CA VAL A 51 -2.85 -4.26 5.84
C VAL A 51 -3.14 -4.20 7.35
N GLN A 52 -2.14 -3.93 8.16
CA GLN A 52 -2.36 -3.92 9.65
C GLN A 52 -2.21 -2.54 10.27
N ASP A 53 -2.90 -2.34 11.36
CA ASP A 53 -2.79 -1.06 12.12
C ASP A 53 -1.32 -0.77 12.39
N GLY A 54 -0.85 0.22 11.75
CA GLY A 54 0.59 0.59 11.87
C GLY A 54 1.24 0.20 10.55
N ASP A 55 0.41 -0.08 9.58
CA ASP A 55 0.91 -0.50 8.24
C ASP A 55 1.91 0.50 7.66
N GLN A 56 3.05 0.05 7.26
CA GLN A 56 4.06 0.96 6.64
C GLN A 56 4.05 0.70 5.13
N ILE A 57 4.27 1.70 4.33
CA ILE A 57 4.24 1.46 2.87
C ILE A 57 5.33 2.23 2.11
N LEU A 58 5.82 1.64 1.07
CA LEU A 58 6.79 2.34 0.19
C LEU A 58 6.07 2.61 -1.10
N LEU A 59 6.34 3.68 -1.79
CA LEU A 59 5.55 3.94 -3.02
C LEU A 59 6.41 3.94 -4.29
N PHE A 60 6.02 3.16 -5.25
CA PHE A 60 6.75 3.11 -6.54
C PHE A 60 5.78 3.51 -7.66
N GLN A 61 6.05 4.57 -8.36
CA GLN A 61 5.12 4.98 -9.44
C GLN A 61 5.60 4.49 -10.80
N VAL A 62 4.79 3.71 -11.47
CA VAL A 62 5.17 3.19 -12.82
C VAL A 62 6.52 2.49 -12.79
N ILE A 63 6.72 1.56 -13.67
CA ILE A 63 8.02 0.85 -13.73
C ILE A 63 8.61 1.14 -15.11
N ALA A 64 9.47 2.10 -15.20
CA ALA A 64 10.05 2.45 -16.51
C ALA A 64 11.57 2.25 -16.49
N GLY A 65 12.06 1.34 -17.29
CA GLY A 65 13.52 1.09 -17.33
C GLY A 65 13.80 -0.31 -16.76
N GLY A 66 14.86 -0.93 -17.18
CA GLY A 66 15.17 -2.30 -16.67
C GLY A 66 16.32 -2.21 -15.66
N MET A 1 9.92 -0.71 -11.26
CA MET A 1 9.11 0.15 -10.35
C MET A 1 9.73 0.21 -8.97
N GLN A 2 9.35 1.18 -8.22
CA GLN A 2 9.89 1.28 -6.84
C GLN A 2 8.92 1.98 -5.95
N ILE A 3 8.97 1.66 -4.71
CA ILE A 3 8.00 2.26 -3.80
C ILE A 3 8.60 2.42 -2.42
N LEU A 4 7.86 3.00 -1.56
CA LEU A 4 8.33 3.14 -0.17
C LEU A 4 7.27 2.55 0.73
N PHE A 5 7.53 1.42 1.27
CA PHE A 5 6.54 0.80 2.16
C PHE A 5 7.02 0.96 3.60
N ASN A 6 6.45 1.86 4.34
CA ASN A 6 6.92 2.08 5.73
C ASN A 6 8.38 2.52 5.73
N ASP A 7 8.61 3.59 5.04
CA ASP A 7 9.99 4.14 4.95
C ASP A 7 10.94 3.09 4.39
N GLN A 8 10.41 2.10 3.75
CA GLN A 8 11.27 1.04 3.14
C GLN A 8 11.15 1.10 1.63
N ALA A 9 12.23 1.18 0.93
CA ALA A 9 12.12 1.24 -0.54
C ALA A 9 11.87 -0.15 -1.13
N MET A 10 11.12 -0.21 -2.19
CA MET A 10 10.78 -1.54 -2.82
C MET A 10 10.78 -1.46 -4.34
N GLN A 11 10.43 -2.55 -4.96
CA GLN A 11 10.27 -2.58 -6.43
C GLN A 11 9.10 -3.51 -6.75
N CYS A 12 8.12 -2.99 -7.39
CA CYS A 12 6.91 -3.81 -7.73
C CYS A 12 6.39 -3.51 -9.14
N ALA A 13 5.11 -3.77 -9.36
CA ALA A 13 4.51 -3.58 -10.71
C ALA A 13 3.93 -2.18 -10.91
N ALA A 14 4.60 -1.32 -11.59
CA ALA A 14 4.01 0.04 -11.81
C ALA A 14 2.64 -0.08 -12.43
N GLY A 15 1.72 0.68 -11.95
CA GLY A 15 0.35 0.64 -12.50
C GLY A 15 -0.50 -0.35 -11.72
N GLN A 16 0.09 -1.10 -10.83
CA GLN A 16 -0.70 -2.06 -10.05
C GLN A 16 -1.21 -1.39 -8.76
N THR A 17 -2.49 -1.41 -8.51
CA THR A 17 -2.99 -0.75 -7.27
C THR A 17 -2.24 -1.23 -6.04
N VAL A 18 -2.83 -0.92 -4.93
CA VAL A 18 -2.30 -1.33 -3.61
C VAL A 18 -2.65 -2.77 -3.39
N HIS A 19 -3.93 -3.06 -3.52
CA HIS A 19 -4.35 -4.45 -3.43
C HIS A 19 -3.44 -5.21 -4.37
N GLU A 20 -3.00 -4.48 -5.37
CA GLU A 20 -2.06 -5.06 -6.36
C GLU A 20 -0.63 -4.97 -5.83
N LEU A 21 -0.29 -3.88 -5.18
CA LEU A 21 1.08 -3.77 -4.63
C LEU A 21 1.21 -4.73 -3.46
N LEU A 22 0.37 -4.59 -2.48
CA LEU A 22 0.40 -5.50 -1.30
C LEU A 22 0.57 -6.93 -1.77
N GLU A 23 -0.27 -7.34 -2.65
CA GLU A 23 -0.17 -8.72 -3.18
C GLU A 23 1.26 -8.98 -3.65
N GLN A 24 1.78 -8.10 -4.46
CA GLN A 24 3.18 -8.28 -4.94
C GLN A 24 4.13 -8.24 -3.75
N LEU A 25 3.89 -7.35 -2.82
CA LEU A 25 4.76 -7.26 -1.62
C LEU A 25 4.56 -8.53 -0.80
N ASP A 26 3.41 -9.16 -0.99
CA ASP A 26 3.04 -10.40 -0.26
C ASP A 26 2.43 -10.05 1.08
N GLN A 27 1.68 -8.99 1.12
CA GLN A 27 1.04 -8.56 2.39
C GLN A 27 -0.47 -8.49 2.19
N ARG A 28 -1.19 -9.44 2.71
CA ARG A 28 -2.68 -9.45 2.54
C ARG A 28 -3.32 -8.43 3.46
N GLN A 29 -2.54 -7.70 4.20
CA GLN A 29 -3.07 -6.67 5.13
C GLN A 29 -4.24 -7.24 5.88
N ALA A 30 -4.09 -8.46 6.30
CA ALA A 30 -5.15 -9.15 7.05
C ALA A 30 -5.96 -8.14 7.89
N GLY A 31 -5.29 -7.13 8.38
CA GLY A 31 -5.95 -6.06 9.17
C GLY A 31 -5.05 -4.84 9.14
N ALA A 32 -5.08 -4.06 8.07
CA ALA A 32 -4.16 -2.89 8.02
C ALA A 32 -4.75 -1.68 7.28
N ALA A 33 -4.02 -0.59 7.34
CA ALA A 33 -4.40 0.67 6.64
C ALA A 33 -3.09 1.36 6.27
N LEU A 34 -3.05 2.19 5.26
CA LEU A 34 -1.74 2.81 4.89
C LEU A 34 -1.91 4.21 4.31
N ALA A 35 -0.85 4.98 4.30
CA ALA A 35 -0.95 6.34 3.72
C ALA A 35 0.08 6.48 2.60
N ILE A 36 -0.39 6.64 1.39
CA ILE A 36 0.57 6.77 0.24
C ILE A 36 0.78 8.23 -0.11
N ASN A 37 2.00 8.61 -0.38
CA ASN A 37 2.28 10.04 -0.70
C ASN A 37 1.80 10.91 0.46
N GLN A 38 1.76 10.33 1.64
CA GLN A 38 1.32 11.06 2.87
C GLN A 38 -0.20 11.17 2.92
N GLN A 39 -0.88 10.47 2.06
CA GLN A 39 -2.37 10.52 2.10
C GLN A 39 -2.88 9.21 2.71
N ILE A 40 -3.44 9.27 3.86
CA ILE A 40 -3.92 8.00 4.47
C ILE A 40 -5.18 7.55 3.73
N VAL A 41 -5.02 6.61 2.83
CA VAL A 41 -6.19 6.12 2.06
C VAL A 41 -6.84 4.99 2.79
N PRO A 42 -8.10 4.88 2.61
CA PRO A 42 -8.81 3.78 3.24
C PRO A 42 -8.61 2.51 2.44
N ARG A 43 -8.12 1.53 3.14
CA ARG A 43 -7.83 0.19 2.55
C ARG A 43 -8.67 -0.12 1.31
N GLU A 44 -9.95 0.01 1.42
CA GLU A 44 -10.85 -0.28 0.30
C GLU A 44 -10.28 0.26 -1.02
N GLN A 45 -9.82 1.47 -1.04
CA GLN A 45 -9.25 2.02 -2.31
C GLN A 45 -8.06 1.19 -2.79
N TRP A 46 -7.30 0.62 -1.90
CA TRP A 46 -6.14 -0.19 -2.32
C TRP A 46 -6.48 -1.03 -3.55
N ALA A 47 -7.71 -1.43 -3.67
CA ALA A 47 -8.13 -2.27 -4.82
C ALA A 47 -8.33 -1.43 -6.08
N GLN A 48 -8.58 -0.17 -5.93
CA GLN A 48 -8.78 0.71 -7.12
C GLN A 48 -7.76 1.83 -7.05
N HIS A 49 -6.79 1.68 -6.20
CA HIS A 49 -5.75 2.73 -6.03
C HIS A 49 -4.48 2.35 -6.80
N ILE A 50 -4.48 2.55 -8.09
CA ILE A 50 -3.28 2.20 -8.88
C ILE A 50 -2.05 2.84 -8.26
N VAL A 51 -1.06 2.05 -8.02
CA VAL A 51 0.20 2.57 -7.40
C VAL A 51 1.13 3.11 -8.49
N GLN A 52 1.87 4.13 -8.19
CA GLN A 52 2.78 4.72 -9.23
C GLN A 52 4.23 4.32 -9.04
N ASP A 53 4.94 4.22 -10.12
CA ASP A 53 6.37 3.88 -10.03
C ASP A 53 7.06 4.88 -9.12
N GLY A 54 7.51 4.40 -8.01
CA GLY A 54 8.15 5.27 -7.00
C GLY A 54 7.11 5.46 -5.89
N ASP A 55 6.10 4.62 -5.92
CA ASP A 55 5.00 4.70 -4.93
C ASP A 55 5.51 4.94 -3.51
N GLN A 56 4.77 5.66 -2.73
CA GLN A 56 5.18 5.90 -1.32
C GLN A 56 4.07 5.38 -0.41
N ILE A 57 4.40 4.78 0.71
CA ILE A 57 3.33 4.23 1.58
C ILE A 57 3.59 4.46 3.07
N LEU A 58 2.53 4.61 3.81
CA LEU A 58 2.62 4.76 5.29
C LEU A 58 1.91 3.53 5.85
N LEU A 59 2.56 2.70 6.62
CA LEU A 59 1.87 1.45 7.07
C LEU A 59 1.44 1.48 8.54
N PHE A 60 0.17 1.26 8.77
CA PHE A 60 -0.37 1.18 10.16
C PHE A 60 -1.43 0.09 10.13
N GLN A 61 -1.37 -0.90 10.97
CA GLN A 61 -2.39 -1.96 10.84
C GLN A 61 -2.83 -2.60 12.16
N VAL A 62 -3.87 -3.41 12.04
CA VAL A 62 -4.48 -4.17 13.17
C VAL A 62 -5.59 -3.40 13.85
N ILE A 63 -6.74 -4.00 13.88
CA ILE A 63 -7.90 -3.42 14.58
C ILE A 63 -8.23 -4.41 15.66
N ALA A 64 -7.71 -4.20 16.83
CA ALA A 64 -7.94 -5.19 17.91
C ALA A 64 -8.98 -4.70 18.91
N GLY A 65 -10.11 -5.35 18.97
CA GLY A 65 -11.17 -4.94 19.91
C GLY A 65 -12.53 -5.06 19.23
N GLY A 66 -13.36 -4.05 19.34
CA GLY A 66 -14.70 -4.11 18.69
C GLY A 66 -15.56 -2.94 19.19
N MET A 1 8.97 -0.89 -11.94
CA MET A 1 8.29 -0.02 -10.93
C MET A 1 9.10 0.07 -9.66
N GLN A 2 8.85 1.07 -8.88
CA GLN A 2 9.56 1.20 -7.58
C GLN A 2 8.67 1.91 -6.62
N ILE A 3 8.79 1.58 -5.39
CA ILE A 3 7.92 2.18 -4.41
C ILE A 3 8.62 2.33 -3.08
N LEU A 4 7.96 2.91 -2.15
CA LEU A 4 8.55 3.02 -0.81
C LEU A 4 7.55 2.46 0.18
N PHE A 5 7.83 1.32 0.71
CA PHE A 5 6.90 0.73 1.68
C PHE A 5 7.50 0.88 3.08
N ASN A 6 7.02 1.83 3.85
CA ASN A 6 7.59 2.05 5.21
C ASN A 6 9.06 2.44 5.10
N ASP A 7 9.29 3.48 4.38
CA ASP A 7 10.68 4.00 4.17
C ASP A 7 11.54 2.89 3.58
N GLN A 8 10.91 1.90 3.02
CA GLN A 8 11.67 0.79 2.40
C GLN A 8 11.44 0.84 0.89
N ALA A 9 12.47 1.05 0.14
CA ALA A 9 12.29 1.14 -1.33
C ALA A 9 11.97 -0.25 -1.92
N MET A 10 11.23 -0.26 -2.99
CA MET A 10 10.82 -1.56 -3.62
C MET A 10 10.73 -1.44 -5.14
N GLN A 11 10.36 -2.53 -5.75
CA GLN A 11 10.11 -2.53 -7.21
C GLN A 11 9.08 -3.61 -7.50
N CYS A 12 8.00 -3.22 -8.06
CA CYS A 12 6.90 -4.20 -8.36
C CYS A 12 6.09 -3.77 -9.58
N ALA A 13 4.83 -4.06 -9.58
CA ALA A 13 4.01 -3.75 -10.77
C ALA A 13 3.43 -2.33 -10.74
N ALA A 14 3.88 -1.51 -11.64
CA ALA A 14 3.34 -0.13 -11.73
C ALA A 14 1.87 -0.16 -12.17
N GLY A 15 1.09 0.74 -11.66
CA GLY A 15 -0.35 0.77 -12.04
C GLY A 15 -1.11 -0.29 -11.25
N GLN A 16 -0.43 -0.98 -10.37
CA GLN A 16 -1.08 -2.02 -9.56
C GLN A 16 -1.59 -1.41 -8.24
N THR A 17 -2.86 -1.54 -7.93
CA THR A 17 -3.37 -0.93 -6.67
C THR A 17 -2.52 -1.32 -5.46
N VAL A 18 -3.09 -1.09 -4.32
CA VAL A 18 -2.46 -1.46 -3.03
C VAL A 18 -2.66 -2.93 -2.82
N HIS A 19 -3.90 -3.35 -2.89
CA HIS A 19 -4.18 -4.79 -2.80
C HIS A 19 -3.24 -5.42 -3.80
N GLU A 20 -2.90 -4.64 -4.79
CA GLU A 20 -1.95 -5.12 -5.81
C GLU A 20 -0.53 -4.91 -5.29
N LEU A 21 -0.27 -3.78 -4.69
CA LEU A 21 1.10 -3.54 -4.15
C LEU A 21 1.35 -4.46 -2.95
N LEU A 22 0.55 -4.34 -1.93
CA LEU A 22 0.73 -5.22 -0.75
C LEU A 22 0.79 -6.67 -1.17
N GLU A 23 -0.20 -7.13 -1.86
CA GLU A 23 -0.21 -8.54 -2.32
C GLU A 23 1.07 -8.85 -3.09
N GLN A 24 1.52 -7.95 -3.92
CA GLN A 24 2.76 -8.21 -4.68
C GLN A 24 3.92 -8.29 -3.71
N LEU A 25 3.98 -7.39 -2.76
CA LEU A 25 5.05 -7.43 -1.75
C LEU A 25 4.85 -8.70 -0.92
N ASP A 26 3.64 -9.22 -0.94
CA ASP A 26 3.27 -10.46 -0.19
C ASP A 26 2.84 -10.09 1.23
N GLN A 27 2.23 -8.96 1.37
CA GLN A 27 1.78 -8.52 2.72
C GLN A 27 0.28 -8.22 2.70
N ARG A 28 -0.43 -8.65 3.70
CA ARG A 28 -1.90 -8.38 3.74
C ARG A 28 -2.20 -7.27 4.73
N GLN A 29 -2.86 -7.56 5.83
CA GLN A 29 -3.18 -6.51 6.81
C GLN A 29 -4.08 -7.05 7.93
N ALA A 30 -5.28 -7.45 7.60
CA ALA A 30 -6.22 -7.95 8.64
C ALA A 30 -6.61 -6.80 9.55
N GLY A 31 -6.21 -5.61 9.19
CA GLY A 31 -6.53 -4.44 10.03
C GLY A 31 -5.40 -3.41 9.88
N ALA A 32 -4.96 -3.17 8.68
CA ALA A 32 -3.85 -2.21 8.48
C ALA A 32 -4.25 -1.08 7.53
N ALA A 33 -3.65 0.06 7.71
CA ALA A 33 -3.93 1.21 6.80
C ALA A 33 -2.60 1.75 6.31
N LEU A 34 -2.58 2.47 5.23
CA LEU A 34 -1.28 2.97 4.71
C LEU A 34 -1.44 4.35 4.05
N ALA A 35 -0.40 5.14 4.06
CA ALA A 35 -0.49 6.48 3.42
C ALA A 35 0.47 6.56 2.25
N ILE A 36 -0.04 6.73 1.06
CA ILE A 36 0.87 6.79 -0.12
C ILE A 36 1.12 8.23 -0.57
N ASN A 37 2.34 8.59 -0.81
CA ASN A 37 2.62 9.97 -1.26
C ASN A 37 1.95 10.95 -0.29
N GLN A 38 1.80 10.55 0.95
CA GLN A 38 1.15 11.41 1.99
C GLN A 38 -0.38 11.30 1.88
N GLN A 39 -0.87 10.31 1.18
CA GLN A 39 -2.34 10.14 1.07
C GLN A 39 -2.78 8.91 1.86
N ILE A 40 -3.39 9.13 2.99
CA ILE A 40 -3.85 7.97 3.80
C ILE A 40 -5.10 7.37 3.16
N VAL A 41 -4.96 6.23 2.56
CA VAL A 41 -6.15 5.60 1.93
C VAL A 41 -6.75 4.57 2.83
N PRO A 42 -8.03 4.46 2.76
CA PRO A 42 -8.70 3.46 3.55
C PRO A 42 -8.45 2.07 2.98
N ARG A 43 -7.98 1.23 3.82
CA ARG A 43 -7.65 -0.19 3.44
C ARG A 43 -8.51 -0.70 2.29
N GLU A 44 -9.79 -0.61 2.42
CA GLU A 44 -10.70 -1.11 1.37
C GLU A 44 -10.32 -0.59 -0.01
N GLN A 45 -9.99 0.66 -0.12
CA GLN A 45 -9.60 1.21 -1.46
C GLN A 45 -8.37 0.51 -1.99
N TRP A 46 -7.52 0.00 -1.12
CA TRP A 46 -6.30 -0.70 -1.59
C TRP A 46 -6.62 -1.56 -2.81
N ALA A 47 -7.79 -2.07 -2.90
CA ALA A 47 -8.15 -2.95 -4.03
C ALA A 47 -8.46 -2.14 -5.30
N GLN A 48 -8.71 -0.87 -5.15
CA GLN A 48 -8.99 -0.05 -6.36
C GLN A 48 -8.06 1.16 -6.37
N HIS A 49 -7.19 1.23 -5.41
CA HIS A 49 -6.24 2.36 -5.32
C HIS A 49 -4.98 2.06 -6.14
N ILE A 50 -5.05 2.24 -7.43
CA ILE A 50 -3.89 1.95 -8.33
C ILE A 50 -2.62 2.66 -7.85
N VAL A 51 -1.57 1.91 -7.75
CA VAL A 51 -0.26 2.46 -7.29
C VAL A 51 0.61 2.78 -8.51
N GLN A 52 1.44 3.78 -8.41
CA GLN A 52 2.27 4.17 -9.58
C GLN A 52 3.76 3.92 -9.39
N ASP A 53 4.44 3.73 -10.49
CA ASP A 53 5.91 3.53 -10.44
C ASP A 53 6.54 4.69 -9.68
N GLY A 54 7.07 4.36 -8.56
CA GLY A 54 7.68 5.40 -7.68
C GLY A 54 6.73 5.54 -6.49
N ASP A 55 5.81 4.63 -6.39
CA ASP A 55 4.81 4.65 -5.29
C ASP A 55 5.45 4.83 -3.90
N GLN A 56 4.86 5.65 -3.08
CA GLN A 56 5.38 5.81 -1.69
C GLN A 56 4.31 5.26 -0.75
N ILE A 57 4.68 4.67 0.34
CA ILE A 57 3.62 4.11 1.23
C ILE A 57 3.92 4.31 2.71
N LEU A 58 2.88 4.49 3.48
CA LEU A 58 3.04 4.61 4.95
C LEU A 58 2.33 3.41 5.58
N LEU A 59 2.80 2.92 6.69
CA LEU A 59 2.13 1.73 7.27
C LEU A 59 1.40 2.09 8.57
N PHE A 60 0.17 1.67 8.70
CA PHE A 60 -0.62 1.96 9.92
C PHE A 60 -1.09 0.65 10.56
N GLN A 61 -1.26 0.62 11.85
CA GLN A 61 -1.71 -0.64 12.50
C GLN A 61 -2.95 -0.42 13.37
N VAL A 62 -3.93 -1.28 13.23
CA VAL A 62 -5.17 -1.15 14.05
C VAL A 62 -6.13 -2.30 13.69
N ILE A 63 -6.63 -2.99 14.68
CA ILE A 63 -7.57 -4.10 14.39
C ILE A 63 -8.90 -3.79 15.06
N ALA A 64 -9.83 -3.25 14.33
CA ALA A 64 -11.14 -2.91 14.93
C ALA A 64 -12.28 -3.59 14.17
N GLY A 65 -13.12 -4.31 14.87
CA GLY A 65 -14.26 -5.00 14.20
C GLY A 65 -15.45 -5.06 15.16
N GLY A 66 -15.22 -5.45 16.38
CA GLY A 66 -16.34 -5.54 17.36
C GLY A 66 -15.83 -5.19 18.75
N MET A 1 -6.07 3.29 13.59
CA MET A 1 -5.22 2.76 12.48
C MET A 1 -4.33 3.85 11.93
N GLN A 2 -3.13 3.50 11.63
CA GLN A 2 -2.19 4.48 11.05
C GLN A 2 -1.23 3.75 10.18
N ILE A 3 -0.72 4.42 9.22
CA ILE A 3 0.13 3.73 8.30
C ILE A 3 1.23 4.65 7.78
N LEU A 4 2.12 4.10 7.03
CA LEU A 4 3.16 4.94 6.43
C LEU A 4 3.17 4.71 4.94
N PHE A 5 2.74 5.67 4.19
CA PHE A 5 2.74 5.49 2.72
C PHE A 5 3.84 6.37 2.12
N ASN A 6 4.93 5.78 1.74
CA ASN A 6 6.06 6.58 1.18
C ASN A 6 6.53 7.59 2.22
N ASP A 7 6.90 7.06 3.34
CA ASP A 7 7.39 7.91 4.48
C ASP A 7 6.34 8.95 4.86
N GLN A 8 5.12 8.70 4.50
CA GLN A 8 4.04 9.66 4.88
C GLN A 8 3.10 8.94 5.84
N ALA A 9 2.91 9.49 7.00
CA ALA A 9 2.04 8.81 7.97
C ALA A 9 0.57 8.99 7.61
N MET A 10 -0.22 8.00 7.92
CA MET A 10 -1.67 8.07 7.59
C MET A 10 -2.52 7.42 8.66
N GLN A 11 -3.79 7.38 8.40
CA GLN A 11 -4.76 6.69 9.29
C GLN A 11 -5.87 6.19 8.40
N CYS A 12 -6.09 4.94 8.40
CA CYS A 12 -7.14 4.38 7.50
C CYS A 12 -7.89 3.21 8.13
N ALA A 13 -8.58 2.47 7.31
CA ALA A 13 -9.37 1.33 7.81
C ALA A 13 -8.49 0.12 8.10
N ALA A 14 -8.26 -0.15 9.34
CA ALA A 14 -7.42 -1.33 9.68
C ALA A 14 -8.09 -2.60 9.18
N GLY A 15 -7.32 -3.49 8.66
CA GLY A 15 -7.88 -4.75 8.14
C GLY A 15 -8.25 -4.55 6.67
N GLN A 16 -8.03 -3.37 6.16
CA GLN A 16 -8.36 -3.09 4.74
C GLN A 16 -7.15 -3.39 3.86
N THR A 17 -7.31 -4.07 2.77
CA THR A 17 -6.14 -4.35 1.93
C THR A 17 -5.50 -3.07 1.43
N VAL A 18 -4.62 -3.23 0.51
CA VAL A 18 -3.92 -2.10 -0.13
C VAL A 18 -4.86 -1.47 -1.11
N HIS A 19 -5.38 -2.28 -2.00
CA HIS A 19 -6.38 -1.75 -2.94
C HIS A 19 -7.38 -1.00 -2.08
N GLU A 20 -7.48 -1.45 -0.86
CA GLU A 20 -8.39 -0.77 0.10
C GLU A 20 -7.66 0.42 0.73
N LEU A 21 -6.40 0.25 1.04
CA LEU A 21 -5.66 1.39 1.64
C LEU A 21 -5.47 2.48 0.58
N LEU A 22 -4.86 2.13 -0.51
CA LEU A 22 -4.65 3.12 -1.61
C LEU A 22 -5.94 3.87 -1.87
N GLU A 23 -6.98 3.14 -2.10
CA GLU A 23 -8.29 3.77 -2.40
C GLU A 23 -8.60 4.79 -1.30
N GLN A 24 -8.41 4.43 -0.06
CA GLN A 24 -8.67 5.39 1.04
C GLN A 24 -7.76 6.60 0.85
N LEU A 25 -6.54 6.33 0.51
CA LEU A 25 -5.56 7.42 0.30
C LEU A 25 -5.89 8.14 -1.02
N ASP A 26 -6.67 7.49 -1.86
CA ASP A 26 -7.08 8.07 -3.17
C ASP A 26 -5.92 7.98 -4.16
N GLN A 27 -5.23 6.88 -4.15
CA GLN A 27 -4.10 6.71 -5.09
C GLN A 27 -4.11 5.27 -5.62
N ARG A 28 -4.52 5.08 -6.84
CA ARG A 28 -4.57 3.71 -7.39
C ARG A 28 -3.15 3.22 -7.70
N GLN A 29 -2.76 3.16 -8.95
CA GLN A 29 -1.39 2.68 -9.26
C GLN A 29 -1.14 2.49 -10.77
N ALA A 30 -2.12 2.09 -11.53
CA ALA A 30 -1.91 1.87 -12.99
C ALA A 30 -0.62 1.10 -13.25
N GLY A 31 -0.08 0.44 -12.27
CA GLY A 31 1.19 -0.30 -12.51
C GLY A 31 2.22 0.13 -11.47
N ALA A 32 1.79 0.32 -10.25
CA ALA A 32 2.72 0.74 -9.18
C ALA A 32 3.07 -0.43 -8.28
N ALA A 33 4.10 -0.31 -7.50
CA ALA A 33 4.47 -1.42 -6.57
C ALA A 33 4.76 -0.84 -5.20
N LEU A 34 4.68 -1.62 -4.16
CA LEU A 34 4.92 -1.03 -2.81
C LEU A 34 5.52 -2.07 -1.85
N ALA A 35 6.18 -1.62 -0.81
CA ALA A 35 6.75 -2.58 0.17
C ALA A 35 6.21 -2.28 1.56
N ILE A 36 5.45 -3.17 2.12
CA ILE A 36 4.89 -2.92 3.47
C ILE A 36 5.66 -3.72 4.52
N ASN A 37 6.20 -3.05 5.51
CA ASN A 37 6.97 -3.78 6.57
C ASN A 37 8.23 -4.42 5.97
N GLN A 38 8.82 -3.77 5.00
CA GLN A 38 10.05 -4.29 4.33
C GLN A 38 9.72 -5.45 3.40
N GLN A 39 8.44 -5.71 3.20
CA GLN A 39 8.08 -6.82 2.28
C GLN A 39 7.55 -6.23 0.97
N ILE A 40 8.29 -6.33 -0.08
CA ILE A 40 7.77 -5.78 -1.35
C ILE A 40 6.68 -6.71 -1.88
N VAL A 41 5.47 -6.25 -1.93
CA VAL A 41 4.38 -7.13 -2.43
C VAL A 41 4.00 -6.74 -3.83
N PRO A 42 3.68 -7.71 -4.58
CA PRO A 42 3.26 -7.44 -5.96
C PRO A 42 1.87 -6.82 -5.99
N ARG A 43 1.83 -5.70 -6.62
CA ARG A 43 0.57 -4.91 -6.78
C ARG A 43 -0.70 -5.76 -6.73
N GLU A 44 -0.80 -6.71 -7.60
CA GLU A 44 -2.02 -7.56 -7.65
C GLU A 44 -2.46 -8.04 -6.25
N GLN A 45 -1.57 -8.19 -5.33
CA GLN A 45 -1.98 -8.64 -3.96
C GLN A 45 -2.67 -7.50 -3.21
N TRP A 46 -2.34 -6.27 -3.52
CA TRP A 46 -2.98 -5.14 -2.82
C TRP A 46 -4.47 -5.39 -2.62
N ALA A 47 -5.09 -6.05 -3.55
CA ALA A 47 -6.55 -6.30 -3.45
C ALA A 47 -6.86 -7.36 -2.39
N GLN A 48 -5.91 -8.17 -2.04
CA GLN A 48 -6.16 -9.19 -1.00
C GLN A 48 -5.11 -9.05 0.09
N HIS A 49 -4.40 -7.96 0.07
CA HIS A 49 -3.33 -7.73 1.07
C HIS A 49 -3.86 -6.86 2.21
N ILE A 50 -4.63 -7.44 3.10
CA ILE A 50 -5.21 -6.68 4.23
C ILE A 50 -4.13 -5.91 4.98
N VAL A 51 -4.38 -4.65 5.16
CA VAL A 51 -3.41 -3.76 5.87
C VAL A 51 -3.77 -3.64 7.35
N GLN A 52 -2.80 -3.51 8.21
CA GLN A 52 -3.09 -3.41 9.67
C GLN A 52 -2.77 -2.06 10.27
N ASP A 53 -3.42 -1.76 11.37
CA ASP A 53 -3.16 -0.49 12.09
C ASP A 53 -1.66 -0.34 12.34
N GLY A 54 -1.10 0.64 11.72
CA GLY A 54 0.37 0.87 11.84
C GLY A 54 0.99 0.40 10.54
N ASP A 55 0.15 0.13 9.57
CA ASP A 55 0.62 -0.36 8.25
C ASP A 55 1.78 0.49 7.71
N GLN A 56 2.78 -0.14 7.18
CA GLN A 56 3.92 0.63 6.58
C GLN A 56 3.96 0.36 5.08
N ILE A 57 4.35 1.32 4.28
CA ILE A 57 4.38 1.06 2.82
C ILE A 57 5.57 1.70 2.12
N LEU A 58 6.10 1.02 1.13
CA LEU A 58 7.18 1.62 0.31
C LEU A 58 6.55 1.88 -1.07
N LEU A 59 6.94 2.90 -1.77
CA LEU A 59 6.25 3.16 -3.08
C LEU A 59 7.17 2.89 -4.27
N PHE A 60 6.61 2.30 -5.29
CA PHE A 60 7.40 2.04 -6.54
C PHE A 60 6.71 2.72 -7.71
N GLN A 61 7.47 3.29 -8.61
CA GLN A 61 6.87 4.02 -9.76
C GLN A 61 6.65 3.10 -10.97
N VAL A 62 5.64 3.39 -11.75
CA VAL A 62 5.34 2.55 -12.96
C VAL A 62 6.63 2.04 -13.61
N ILE A 63 6.61 0.82 -14.07
CA ILE A 63 7.84 0.24 -14.72
C ILE A 63 7.51 -0.16 -16.16
N ALA A 64 7.82 0.66 -17.09
CA ALA A 64 7.49 0.32 -18.51
C ALA A 64 8.76 0.35 -19.38
N GLY A 65 8.70 -0.26 -20.53
CA GLY A 65 9.89 -0.27 -21.43
C GLY A 65 10.23 1.17 -21.80
N GLY A 66 11.20 1.75 -21.16
CA GLY A 66 11.57 3.15 -21.47
C GLY A 66 10.50 4.09 -20.90
N MET A 1 9.31 0.02 -11.55
CA MET A 1 8.80 1.01 -10.56
C MET A 1 9.42 0.79 -9.18
N GLN A 2 9.26 1.74 -8.31
CA GLN A 2 9.83 1.60 -6.95
C GLN A 2 8.94 2.29 -5.95
N ILE A 3 9.10 1.90 -4.72
CA ILE A 3 8.23 2.45 -3.69
C ILE A 3 8.94 2.57 -2.36
N LEU A 4 8.27 3.12 -1.43
CA LEU A 4 8.81 3.20 -0.08
C LEU A 4 7.80 2.57 0.85
N PHE A 5 8.10 1.43 1.37
CA PHE A 5 7.12 0.79 2.28
C PHE A 5 7.64 0.90 3.72
N ASN A 6 7.07 1.80 4.48
CA ASN A 6 7.55 2.00 5.88
C ASN A 6 9.01 2.42 5.84
N ASP A 7 9.24 3.48 5.14
CA ASP A 7 10.61 4.03 4.99
C ASP A 7 11.54 2.99 4.39
N GLN A 8 10.99 1.98 3.78
CA GLN A 8 11.84 0.94 3.12
C GLN A 8 11.64 0.99 1.61
N ALA A 9 12.68 1.26 0.88
CA ALA A 9 12.52 1.34 -0.61
C ALA A 9 12.21 -0.03 -1.22
N MET A 10 11.49 -0.03 -2.32
CA MET A 10 11.12 -1.33 -2.99
C MET A 10 10.97 -1.19 -4.50
N GLN A 11 10.62 -2.29 -5.13
CA GLN A 11 10.35 -2.26 -6.59
C GLN A 11 9.22 -3.23 -6.89
N CYS A 12 8.19 -2.72 -7.45
CA CYS A 12 7.00 -3.56 -7.79
C CYS A 12 6.46 -3.21 -9.18
N ALA A 13 5.22 -3.50 -9.41
CA ALA A 13 4.60 -3.23 -10.73
C ALA A 13 4.06 -1.80 -10.82
N ALA A 14 4.73 -0.94 -11.53
CA ALA A 14 4.20 0.45 -11.65
C ALA A 14 2.84 0.43 -12.32
N GLY A 15 1.92 1.18 -11.81
CA GLY A 15 0.57 1.21 -12.41
C GLY A 15 -0.32 0.16 -11.72
N GLN A 16 0.24 -0.59 -10.81
CA GLN A 16 -0.55 -1.63 -10.11
C GLN A 16 -1.14 -1.03 -8.80
N THR A 17 -2.38 -1.28 -8.51
CA THR A 17 -2.95 -0.71 -7.25
C THR A 17 -2.19 -1.16 -6.01
N VAL A 18 -2.76 -0.87 -4.90
CA VAL A 18 -2.21 -1.28 -3.59
C VAL A 18 -2.51 -2.74 -3.40
N HIS A 19 -3.75 -3.08 -3.53
CA HIS A 19 -4.13 -4.50 -3.45
C HIS A 19 -3.17 -5.20 -4.39
N GLU A 20 -2.75 -4.45 -5.38
CA GLU A 20 -1.76 -4.99 -6.35
C GLU A 20 -0.36 -4.82 -5.78
N LEU A 21 -0.10 -3.72 -5.11
CA LEU A 21 1.26 -3.52 -4.53
C LEU A 21 1.43 -4.44 -3.32
N LEU A 22 0.55 -4.36 -2.36
CA LEU A 22 0.64 -5.25 -1.17
C LEU A 22 0.80 -6.71 -1.60
N GLU A 23 -0.13 -7.17 -2.38
CA GLU A 23 -0.05 -8.59 -2.84
C GLU A 23 1.31 -8.86 -3.47
N GLN A 24 1.81 -7.97 -4.29
CA GLN A 24 3.14 -8.20 -4.91
C GLN A 24 4.17 -8.30 -3.78
N LEU A 25 4.12 -7.38 -2.88
CA LEU A 25 5.06 -7.38 -1.72
C LEU A 25 4.80 -8.64 -0.88
N ASP A 26 3.64 -9.23 -1.04
CA ASP A 26 3.27 -10.45 -0.26
C ASP A 26 2.83 -10.05 1.14
N GLN A 27 2.20 -8.92 1.27
CA GLN A 27 1.71 -8.45 2.61
C GLN A 27 0.27 -8.00 2.48
N ARG A 28 -0.65 -8.68 3.10
CA ARG A 28 -2.09 -8.29 2.98
C ARG A 28 -2.45 -7.17 3.95
N GLN A 29 -3.25 -7.46 4.95
CA GLN A 29 -3.65 -6.40 5.90
C GLN A 29 -4.70 -6.92 6.91
N ALA A 30 -5.68 -7.66 6.47
CA ALA A 30 -6.70 -8.17 7.41
C ALA A 30 -7.36 -7.01 8.15
N GLY A 31 -7.24 -5.84 7.61
CA GLY A 31 -7.82 -4.66 8.29
C GLY A 31 -6.75 -3.59 8.46
N ALA A 32 -5.66 -3.73 7.75
CA ALA A 32 -4.56 -2.74 7.85
C ALA A 32 -4.86 -1.50 7.02
N ALA A 33 -4.09 -0.46 7.20
CA ALA A 33 -4.29 0.77 6.39
C ALA A 33 -2.93 1.30 5.96
N LEU A 34 -2.88 2.12 4.94
CA LEU A 34 -1.54 2.60 4.49
C LEU A 34 -1.63 4.02 3.91
N ALA A 35 -0.58 4.79 4.03
CA ALA A 35 -0.63 6.16 3.44
C ALA A 35 0.44 6.30 2.38
N ILE A 36 0.04 6.47 1.16
CA ILE A 36 1.05 6.62 0.08
C ILE A 36 1.26 8.09 -0.22
N ASN A 37 2.48 8.53 -0.31
CA ASN A 37 2.70 9.98 -0.55
C ASN A 37 2.01 10.79 0.54
N GLN A 38 1.74 10.13 1.66
CA GLN A 38 1.05 10.77 2.84
C GLN A 38 -0.48 10.67 2.71
N GLN A 39 -0.98 10.12 1.63
CA GLN A 39 -2.46 9.99 1.51
C GLN A 39 -2.90 8.66 2.13
N ILE A 40 -3.53 8.72 3.27
CA ILE A 40 -3.98 7.43 3.88
C ILE A 40 -5.17 6.91 3.10
N VAL A 41 -5.06 5.76 2.52
CA VAL A 41 -6.22 5.21 1.77
C VAL A 41 -6.86 4.07 2.50
N PRO A 42 -8.14 4.04 2.41
CA PRO A 42 -8.87 2.94 3.01
C PRO A 42 -8.62 1.66 2.24
N ARG A 43 -8.20 0.69 2.96
CA ARG A 43 -7.92 -0.67 2.40
C ARG A 43 -8.73 -0.96 1.13
N GLU A 44 -10.01 -0.98 1.26
CA GLU A 44 -10.90 -1.28 0.10
C GLU A 44 -10.43 -0.58 -1.18
N GLN A 45 -9.98 0.64 -1.11
CA GLN A 45 -9.53 1.34 -2.35
C GLN A 45 -8.24 0.70 -2.88
N TRP A 46 -7.41 0.16 -2.01
CA TRP A 46 -6.17 -0.48 -2.48
C TRP A 46 -6.41 -1.27 -3.76
N ALA A 47 -7.59 -1.81 -3.90
CA ALA A 47 -7.91 -2.63 -5.09
C ALA A 47 -8.16 -1.74 -6.31
N GLN A 48 -8.39 -0.47 -6.08
CA GLN A 48 -8.62 0.45 -7.22
C GLN A 48 -7.62 1.58 -7.13
N HIS A 49 -6.75 1.52 -6.16
CA HIS A 49 -5.75 2.60 -5.98
C HIS A 49 -4.48 2.28 -6.76
N ILE A 50 -4.50 2.44 -8.05
CA ILE A 50 -3.31 2.15 -8.87
C ILE A 50 -2.08 2.88 -8.31
N VAL A 51 -1.03 2.14 -8.09
CA VAL A 51 0.22 2.70 -7.53
C VAL A 51 1.22 3.00 -8.66
N GLN A 52 2.02 4.01 -8.52
CA GLN A 52 2.99 4.35 -9.61
C GLN A 52 4.45 4.25 -9.16
N ASP A 53 5.33 4.11 -10.11
CA ASP A 53 6.78 4.06 -9.78
C ASP A 53 7.16 5.27 -8.94
N GLY A 54 7.48 5.00 -7.73
CA GLY A 54 7.83 6.05 -6.74
C GLY A 54 6.82 5.91 -5.60
N ASP A 55 6.00 4.90 -5.69
CA ASP A 55 4.96 4.62 -4.66
C ASP A 55 5.49 4.72 -3.24
N GLN A 56 5.12 5.73 -2.52
CA GLN A 56 5.56 5.82 -1.10
C GLN A 56 4.46 5.18 -0.26
N ILE A 57 4.78 4.65 0.88
CA ILE A 57 3.70 4.00 1.69
C ILE A 57 3.86 4.21 3.20
N LEU A 58 2.76 4.26 3.88
CA LEU A 58 2.78 4.35 5.37
C LEU A 58 2.01 3.14 5.89
N LEU A 59 2.34 2.61 7.03
CA LEU A 59 1.60 1.38 7.48
C LEU A 59 0.71 1.66 8.69
N PHE A 60 -0.48 1.14 8.67
CA PHE A 60 -1.42 1.34 9.80
C PHE A 60 -1.78 -0.03 10.40
N GLN A 61 -1.97 -0.10 11.68
CA GLN A 61 -2.30 -1.40 12.32
C GLN A 61 -3.80 -1.64 12.38
N VAL A 62 -4.20 -2.84 12.09
CA VAL A 62 -5.65 -3.20 12.12
C VAL A 62 -6.33 -2.60 13.35
N ILE A 63 -7.60 -2.33 13.27
CA ILE A 63 -8.31 -1.76 14.44
C ILE A 63 -9.38 -2.76 14.87
N ALA A 64 -9.07 -3.60 15.82
CA ALA A 64 -10.07 -4.60 16.27
C ALA A 64 -10.28 -4.49 17.78
N GLY A 65 -11.26 -5.18 18.30
CA GLY A 65 -11.51 -5.11 19.77
C GLY A 65 -12.99 -5.37 20.04
N GLY A 66 -13.73 -4.35 20.39
CA GLY A 66 -15.18 -4.55 20.66
C GLY A 66 -15.38 -4.97 22.12
N MET A 1 -7.21 1.62 11.90
CA MET A 1 -5.78 1.22 11.77
C MET A 1 -4.91 2.45 11.55
N GLN A 2 -3.63 2.25 11.39
CA GLN A 2 -2.74 3.40 11.14
C GLN A 2 -1.61 2.97 10.27
N ILE A 3 -1.13 3.84 9.46
CA ILE A 3 -0.09 3.43 8.52
C ILE A 3 0.88 4.55 8.21
N LEU A 4 1.86 4.24 7.43
CA LEU A 4 2.81 5.27 6.97
C LEU A 4 2.85 5.20 5.46
N PHE A 5 2.28 6.17 4.82
CA PHE A 5 2.30 6.15 3.35
C PHE A 5 3.32 7.16 2.86
N ASN A 6 4.46 6.72 2.43
CA ASN A 6 5.50 7.67 1.98
C ASN A 6 5.90 8.56 3.14
N ASP A 7 6.34 7.91 4.18
CA ASP A 7 6.77 8.60 5.41
C ASP A 7 5.65 9.50 5.95
N GLN A 8 4.45 9.25 5.53
CA GLN A 8 3.30 10.05 6.04
C GLN A 8 2.41 9.15 6.90
N ALA A 9 2.20 9.51 8.13
CA ALA A 9 1.37 8.63 8.99
C ALA A 9 -0.12 8.75 8.59
N MET A 10 -0.84 7.70 8.78
CA MET A 10 -2.29 7.70 8.38
C MET A 10 -3.13 6.82 9.30
N GLN A 11 -4.42 6.86 9.10
CA GLN A 11 -5.32 5.96 9.86
C GLN A 11 -6.44 5.55 8.92
N CYS A 12 -6.52 4.30 8.69
CA CYS A 12 -7.55 3.75 7.77
C CYS A 12 -8.05 2.38 8.23
N ALA A 13 -8.63 1.63 7.34
CA ALA A 13 -9.20 0.32 7.71
C ALA A 13 -8.17 -0.79 7.87
N ALA A 14 -7.98 -1.21 9.09
CA ALA A 14 -7.03 -2.33 9.34
C ALA A 14 -7.57 -3.61 8.70
N GLY A 15 -6.71 -4.44 8.23
CA GLY A 15 -7.17 -5.71 7.58
C GLY A 15 -7.62 -5.38 6.17
N GLN A 16 -7.41 -4.18 5.74
CA GLN A 16 -7.80 -3.78 4.37
C GLN A 16 -6.59 -3.87 3.46
N THR A 17 -6.65 -4.63 2.40
CA THR A 17 -5.46 -4.76 1.52
C THR A 17 -4.89 -3.41 1.13
N VAL A 18 -3.98 -3.46 0.21
CA VAL A 18 -3.34 -2.25 -0.34
C VAL A 18 -4.30 -1.63 -1.30
N HIS A 19 -4.75 -2.43 -2.24
CA HIS A 19 -5.77 -1.95 -3.18
C HIS A 19 -6.85 -1.35 -2.30
N GLU A 20 -6.91 -1.87 -1.10
CA GLU A 20 -7.88 -1.35 -0.11
C GLU A 20 -7.28 -0.13 0.59
N LEU A 21 -6.02 -0.19 0.95
CA LEU A 21 -5.37 0.97 1.61
C LEU A 21 -5.36 2.13 0.62
N LEU A 22 -4.72 1.95 -0.48
CA LEU A 22 -4.69 3.00 -1.54
C LEU A 22 -6.08 3.59 -1.72
N GLU A 23 -7.04 2.74 -1.91
CA GLU A 23 -8.44 3.22 -2.11
C GLU A 23 -8.82 4.21 -1.01
N GLN A 24 -8.54 3.89 0.22
CA GLN A 24 -8.89 4.82 1.33
C GLN A 24 -8.17 6.14 1.09
N LEU A 25 -6.91 6.01 0.85
CA LEU A 25 -6.06 7.18 0.60
C LEU A 25 -6.48 7.85 -0.71
N ASP A 26 -7.22 7.13 -1.51
CA ASP A 26 -7.73 7.66 -2.81
C ASP A 26 -6.66 7.58 -3.88
N GLN A 27 -5.88 6.53 -3.86
CA GLN A 27 -4.82 6.34 -4.89
C GLN A 27 -4.89 4.92 -5.43
N ARG A 28 -4.23 4.61 -6.51
CA ARG A 28 -4.32 3.23 -7.04
C ARG A 28 -2.93 2.76 -7.54
N GLN A 29 -2.81 2.43 -8.80
CA GLN A 29 -1.50 1.97 -9.32
C GLN A 29 -1.18 2.61 -10.68
N ALA A 30 -1.86 2.19 -11.72
CA ALA A 30 -1.59 2.75 -13.07
C ALA A 30 -0.13 2.54 -13.42
N GLY A 31 0.54 1.70 -12.69
CA GLY A 31 1.97 1.46 -12.97
C GLY A 31 2.78 1.86 -11.75
N ALA A 32 2.29 1.56 -10.56
CA ALA A 32 3.04 1.94 -9.32
C ALA A 32 3.50 0.71 -8.54
N ALA A 33 4.31 0.92 -7.55
CA ALA A 33 4.80 -0.19 -6.69
C ALA A 33 5.05 0.34 -5.29
N LEU A 34 5.05 -0.48 -4.28
CA LEU A 34 5.24 0.04 -2.91
C LEU A 34 5.96 -0.96 -2.00
N ALA A 35 6.46 -0.51 -0.89
CA ALA A 35 7.11 -1.45 0.05
C ALA A 35 6.52 -1.24 1.44
N ILE A 36 5.83 -2.20 1.97
CA ILE A 36 5.22 -2.01 3.30
C ILE A 36 6.07 -2.67 4.39
N ASN A 37 6.36 -1.98 5.45
CA ASN A 37 7.18 -2.58 6.54
C ASN A 37 8.51 -3.09 5.96
N GLN A 38 8.95 -2.49 4.88
CA GLN A 38 10.24 -2.89 4.21
C GLN A 38 10.01 -4.05 3.24
N GLN A 39 8.80 -4.55 3.14
CA GLN A 39 8.54 -5.66 2.19
C GLN A 39 8.04 -5.08 0.87
N ILE A 40 8.84 -5.14 -0.15
CA ILE A 40 8.38 -4.58 -1.46
C ILE A 40 7.38 -5.55 -2.08
N VAL A 41 6.13 -5.18 -2.13
CA VAL A 41 5.14 -6.10 -2.74
C VAL A 41 4.79 -5.64 -4.13
N PRO A 42 4.58 -6.59 -4.97
CA PRO A 42 4.18 -6.27 -6.33
C PRO A 42 2.76 -5.77 -6.40
N ARG A 43 2.64 -4.60 -6.93
CA ARG A 43 1.32 -3.93 -7.11
C ARG A 43 0.13 -4.89 -7.12
N GLU A 44 0.08 -5.74 -8.09
CA GLU A 44 -1.05 -6.70 -8.19
C GLU A 44 -1.46 -7.25 -6.82
N GLN A 45 -0.51 -7.70 -6.05
CA GLN A 45 -0.86 -8.24 -4.70
C GLN A 45 -1.66 -7.23 -3.89
N TRP A 46 -1.41 -5.96 -4.08
CA TRP A 46 -2.16 -4.93 -3.32
C TRP A 46 -3.62 -5.32 -3.16
N ALA A 47 -4.15 -6.00 -4.13
CA ALA A 47 -5.59 -6.40 -4.07
C ALA A 47 -5.81 -7.57 -3.11
N GLN A 48 -4.80 -8.30 -2.78
CA GLN A 48 -4.97 -9.44 -1.85
C GLN A 48 -3.94 -9.31 -0.72
N HIS A 49 -3.37 -8.14 -0.61
CA HIS A 49 -2.36 -7.91 0.43
C HIS A 49 -3.00 -7.20 1.62
N ILE A 50 -3.72 -7.92 2.44
CA ILE A 50 -4.38 -7.29 3.60
C ILE A 50 -3.37 -6.48 4.43
N VAL A 51 -3.71 -5.26 4.68
CA VAL A 51 -2.83 -4.33 5.43
C VAL A 51 -3.20 -4.33 6.92
N GLN A 52 -2.24 -4.15 7.80
CA GLN A 52 -2.54 -4.17 9.26
C GLN A 52 -2.42 -2.79 9.90
N ASP A 53 -3.09 -2.61 11.00
CA ASP A 53 -3.00 -1.31 11.74
C ASP A 53 -1.56 -1.11 12.17
N GLY A 54 -0.97 -0.11 11.63
CA GLY A 54 0.45 0.19 11.90
C GLY A 54 1.20 -0.14 10.62
N ASP A 55 0.47 -0.38 9.56
CA ASP A 55 1.09 -0.74 8.27
C ASP A 55 1.95 0.38 7.69
N GLN A 56 3.16 0.09 7.33
CA GLN A 56 4.04 1.12 6.71
C GLN A 56 3.98 0.97 5.18
N ILE A 57 4.26 2.01 4.45
CA ILE A 57 4.20 1.88 2.97
C ILE A 57 5.33 2.65 2.28
N LEU A 58 5.85 2.10 1.23
CA LEU A 58 6.89 2.79 0.44
C LEU A 58 6.32 3.02 -0.98
N LEU A 59 6.67 4.09 -1.64
CA LEU A 59 6.10 4.32 -3.01
C LEU A 59 7.18 4.11 -4.07
N PHE A 60 6.82 3.50 -5.17
CA PHE A 60 7.81 3.26 -6.27
C PHE A 60 7.17 3.61 -7.61
N GLN A 61 7.97 4.04 -8.56
CA GLN A 61 7.39 4.37 -9.90
C GLN A 61 7.94 3.41 -10.96
N VAL A 62 7.09 2.87 -11.76
CA VAL A 62 7.57 1.93 -12.82
C VAL A 62 6.40 1.53 -13.71
N ILE A 63 6.60 1.54 -15.00
CA ILE A 63 5.51 1.15 -15.92
C ILE A 63 5.98 -0.07 -16.71
N ALA A 64 5.62 -1.23 -16.27
CA ALA A 64 6.08 -2.45 -16.97
C ALA A 64 4.87 -3.30 -17.40
N GLY A 65 5.08 -4.21 -18.31
CA GLY A 65 3.95 -5.07 -18.76
C GLY A 65 4.17 -6.51 -18.29
N GLY A 66 5.38 -6.83 -17.94
CA GLY A 66 5.68 -8.22 -17.46
C GLY A 66 7.19 -8.43 -17.41
N MET A 1 9.02 -0.65 -11.29
CA MET A 1 8.66 0.37 -10.26
C MET A 1 9.36 0.08 -8.93
N GLN A 2 9.33 1.04 -8.06
CA GLN A 2 9.93 0.84 -6.72
C GLN A 2 9.11 1.62 -5.72
N ILE A 3 9.11 1.15 -4.52
CA ILE A 3 8.25 1.79 -3.52
C ILE A 3 8.85 1.75 -2.13
N LEU A 4 8.17 2.35 -1.22
CA LEU A 4 8.60 2.31 0.20
C LEU A 4 7.44 1.81 1.01
N PHE A 5 7.54 0.63 1.50
CA PHE A 5 6.43 0.08 2.30
C PHE A 5 6.85 0.08 3.77
N ASN A 6 6.39 1.01 4.55
CA ASN A 6 6.82 1.05 5.98
C ASN A 6 8.32 1.26 6.06
N ASP A 7 8.74 2.33 5.46
CA ASP A 7 10.19 2.71 5.43
C ASP A 7 11.03 1.59 4.83
N GLN A 8 10.42 0.69 4.11
CA GLN A 8 11.19 -0.39 3.48
C GLN A 8 11.13 -0.21 1.97
N ALA A 9 12.24 -0.13 1.31
CA ALA A 9 12.18 0.07 -0.16
C ALA A 9 11.75 -1.23 -0.86
N MET A 10 11.07 -1.09 -1.98
CA MET A 10 10.58 -2.30 -2.72
C MET A 10 10.62 -2.12 -4.21
N GLN A 11 10.27 -3.15 -4.92
CA GLN A 11 10.19 -3.06 -6.38
C GLN A 11 9.08 -3.98 -6.85
N CYS A 12 8.13 -3.41 -7.49
CA CYS A 12 6.96 -4.18 -7.98
C CYS A 12 6.45 -3.60 -9.30
N ALA A 13 5.20 -3.76 -9.57
CA ALA A 13 4.64 -3.28 -10.86
C ALA A 13 4.14 -1.85 -10.81
N ALA A 14 4.81 -0.97 -11.48
CA ALA A 14 4.34 0.44 -11.51
C ALA A 14 2.94 0.52 -12.13
N GLY A 15 2.14 1.42 -11.66
CA GLY A 15 0.77 1.53 -12.21
C GLY A 15 -0.09 0.42 -11.63
N GLN A 16 0.41 -0.21 -10.60
CA GLN A 16 -0.36 -1.31 -9.95
C GLN A 16 -0.98 -0.78 -8.66
N THR A 17 -2.26 -0.89 -8.50
CA THR A 17 -2.89 -0.34 -7.26
C THR A 17 -2.20 -0.86 -6.01
N VAL A 18 -2.87 -0.65 -4.92
CA VAL A 18 -2.43 -1.13 -3.59
C VAL A 18 -2.74 -2.59 -3.50
N HIS A 19 -4.00 -2.92 -3.72
CA HIS A 19 -4.37 -4.33 -3.74
C HIS A 19 -3.40 -4.98 -4.69
N GLU A 20 -2.93 -4.19 -5.61
CA GLU A 20 -1.93 -4.70 -6.58
C GLU A 20 -0.54 -4.59 -5.95
N LEU A 21 -0.32 -3.57 -5.18
CA LEU A 21 1.01 -3.43 -4.51
C LEU A 21 1.09 -4.47 -3.40
N LEU A 22 0.22 -4.39 -2.42
CA LEU A 22 0.21 -5.40 -1.33
C LEU A 22 0.35 -6.78 -1.91
N GLU A 23 -0.52 -7.10 -2.82
CA GLU A 23 -0.49 -8.45 -3.45
C GLU A 23 0.85 -8.71 -4.12
N GLN A 24 1.36 -7.78 -4.87
CA GLN A 24 2.69 -8.01 -5.52
C GLN A 24 3.74 -8.23 -4.43
N LEU A 25 3.62 -7.56 -3.32
CA LEU A 25 4.58 -7.79 -2.21
C LEU A 25 4.27 -9.16 -1.60
N ASP A 26 3.07 -9.65 -1.83
CA ASP A 26 2.61 -10.97 -1.32
C ASP A 26 2.04 -10.82 0.09
N GLN A 27 1.43 -9.70 0.35
CA GLN A 27 0.83 -9.46 1.68
C GLN A 27 -0.62 -9.00 1.48
N ARG A 28 -1.51 -9.28 2.41
CA ARG A 28 -2.92 -8.85 2.19
C ARG A 28 -3.33 -7.69 3.07
N GLN A 29 -2.89 -7.66 4.30
CA GLN A 29 -3.23 -6.51 5.17
C GLN A 29 -4.73 -6.50 5.44
N ALA A 30 -5.26 -7.64 5.74
CA ALA A 30 -6.71 -7.72 6.03
C ALA A 30 -7.07 -6.82 7.20
N GLY A 31 -7.63 -5.67 6.94
CA GLY A 31 -8.00 -4.77 8.06
C GLY A 31 -6.90 -3.71 8.24
N ALA A 32 -5.90 -3.73 7.40
CA ALA A 32 -4.80 -2.74 7.53
C ALA A 32 -5.13 -1.47 6.75
N ALA A 33 -4.33 -0.47 6.93
CA ALA A 33 -4.52 0.80 6.19
C ALA A 33 -3.14 1.31 5.79
N LEU A 34 -3.07 2.21 4.85
CA LEU A 34 -1.71 2.67 4.44
C LEU A 34 -1.73 4.14 4.03
N ALA A 35 -0.61 4.81 4.10
CA ALA A 35 -0.57 6.24 3.68
C ALA A 35 0.53 6.40 2.63
N ILE A 36 0.18 6.74 1.43
CA ILE A 36 1.22 6.87 0.38
C ILE A 36 1.52 8.34 0.09
N ASN A 37 2.77 8.68 0.05
CA ASN A 37 3.15 10.10 -0.22
C ASN A 37 2.39 11.05 0.71
N GLN A 38 2.07 10.57 1.89
CA GLN A 38 1.34 11.41 2.92
C GLN A 38 -0.17 11.40 2.66
N GLN A 39 -0.66 10.48 1.87
CA GLN A 39 -2.13 10.42 1.63
C GLN A 39 -2.71 9.15 2.25
N ILE A 40 -3.33 9.25 3.39
CA ILE A 40 -3.88 8.02 4.03
C ILE A 40 -5.13 7.60 3.28
N VAL A 41 -5.03 6.56 2.50
CA VAL A 41 -6.21 6.11 1.74
C VAL A 41 -6.89 4.97 2.45
N PRO A 42 -8.17 4.96 2.32
CA PRO A 42 -8.93 3.88 2.93
C PRO A 42 -8.85 2.63 2.09
N ARG A 43 -8.40 1.59 2.70
CA ARG A 43 -8.24 0.25 2.03
C ARG A 43 -9.20 0.06 0.87
N GLU A 44 -10.40 0.46 1.04
CA GLU A 44 -11.44 0.28 -0.01
C GLU A 44 -10.97 0.77 -1.39
N GLN A 45 -9.96 1.57 -1.45
CA GLN A 45 -9.48 2.06 -2.78
C GLN A 45 -8.25 1.29 -3.21
N TRP A 46 -7.62 0.62 -2.31
CA TRP A 46 -6.42 -0.16 -2.65
C TRP A 46 -6.62 -0.92 -3.95
N ALA A 47 -7.82 -1.34 -4.21
CA ALA A 47 -8.10 -2.09 -5.45
C ALA A 47 -8.22 -1.15 -6.64
N GLN A 48 -8.34 0.12 -6.38
CA GLN A 48 -8.46 1.10 -7.49
C GLN A 48 -7.42 2.21 -7.27
N HIS A 49 -6.56 2.03 -6.32
CA HIS A 49 -5.52 3.06 -6.02
C HIS A 49 -4.23 2.76 -6.77
N ILE A 50 -4.21 2.98 -8.05
CA ILE A 50 -3.00 2.69 -8.86
C ILE A 50 -1.77 3.35 -8.24
N VAL A 51 -0.75 2.56 -8.06
CA VAL A 51 0.51 3.03 -7.43
C VAL A 51 1.56 3.35 -8.51
N GLN A 52 2.40 4.33 -8.28
CA GLN A 52 3.43 4.70 -9.30
C GLN A 52 4.85 4.30 -8.90
N ASP A 53 5.67 4.03 -9.88
CA ASP A 53 7.08 3.69 -9.58
C ASP A 53 7.67 4.80 -8.70
N GLY A 54 8.02 4.44 -7.52
CA GLY A 54 8.54 5.42 -6.53
C GLY A 54 7.48 5.52 -5.44
N ASP A 55 6.51 4.65 -5.53
CA ASP A 55 5.39 4.65 -4.55
C ASP A 55 5.89 4.63 -3.11
N GLN A 56 5.42 5.53 -2.31
CA GLN A 56 5.79 5.54 -0.87
C GLN A 56 4.59 5.07 -0.07
N ILE A 57 4.78 4.35 0.98
CA ILE A 57 3.59 3.88 1.72
C ILE A 57 3.76 3.96 3.25
N LEU A 58 2.69 4.21 3.94
CA LEU A 58 2.74 4.23 5.42
C LEU A 58 1.92 3.02 5.87
N LEU A 59 2.37 2.26 6.83
CA LEU A 59 1.59 1.04 7.19
C LEU A 59 0.76 1.22 8.46
N PHE A 60 -0.51 0.88 8.38
CA PHE A 60 -1.41 1.00 9.57
C PHE A 60 -1.84 -0.41 10.01
N GLN A 61 -1.94 -0.63 11.31
CA GLN A 61 -2.32 -1.99 11.80
C GLN A 61 -3.84 -2.10 12.00
N VAL A 62 -4.34 -3.30 11.97
CA VAL A 62 -5.82 -3.53 12.16
C VAL A 62 -6.38 -2.56 13.21
N ILE A 63 -7.58 -2.11 13.00
CA ILE A 63 -8.19 -1.19 13.99
C ILE A 63 -9.48 -1.81 14.51
N ALA A 64 -9.43 -2.48 15.62
CA ALA A 64 -10.66 -3.11 16.16
C ALA A 64 -10.93 -2.65 17.60
N GLY A 65 -11.99 -1.91 17.81
CA GLY A 65 -12.29 -1.42 19.18
C GLY A 65 -11.11 -0.61 19.70
N GLY A 66 -10.26 -1.22 20.48
CA GLY A 66 -9.08 -0.48 21.01
C GLY A 66 -7.95 -0.53 19.98
N MET A 1 10.47 -0.26 -11.08
CA MET A 1 9.52 0.37 -10.10
C MET A 1 10.09 0.36 -8.70
N GLN A 2 9.76 1.33 -7.92
CA GLN A 2 10.25 1.36 -6.53
C GLN A 2 9.25 2.07 -5.67
N ILE A 3 9.19 1.71 -4.45
CA ILE A 3 8.18 2.32 -3.61
C ILE A 3 8.66 2.49 -2.19
N LEU A 4 7.84 3.08 -1.38
CA LEU A 4 8.18 3.21 0.03
C LEU A 4 7.04 2.65 0.86
N PHE A 5 7.24 1.54 1.48
CA PHE A 5 6.18 0.94 2.31
C PHE A 5 6.55 1.12 3.79
N ASN A 6 5.93 2.05 4.46
CA ASN A 6 6.29 2.30 5.90
C ASN A 6 7.75 2.71 6.01
N ASP A 7 8.07 3.76 5.32
CA ASP A 7 9.47 4.30 5.33
C ASP A 7 10.44 3.20 4.89
N GLN A 8 9.94 2.18 4.24
CA GLN A 8 10.83 1.09 3.74
C GLN A 8 10.82 1.10 2.21
N ALA A 9 11.94 1.28 1.59
CA ALA A 9 11.94 1.30 0.11
C ALA A 9 11.69 -0.09 -0.47
N MET A 10 11.11 -0.13 -1.64
CA MET A 10 10.80 -1.45 -2.29
C MET A 10 10.85 -1.35 -3.81
N GLN A 11 10.57 -2.44 -4.47
CA GLN A 11 10.48 -2.45 -5.94
C GLN A 11 9.37 -3.43 -6.31
N CYS A 12 8.39 -2.95 -6.99
CA CYS A 12 7.23 -3.83 -7.35
C CYS A 12 6.72 -3.58 -8.77
N ALA A 13 5.52 -4.04 -9.04
CA ALA A 13 4.92 -3.89 -10.38
C ALA A 13 4.30 -2.52 -10.60
N ALA A 14 4.95 -1.66 -11.31
CA ALA A 14 4.34 -0.33 -11.55
C ALA A 14 3.02 -0.51 -12.26
N GLY A 15 2.03 0.18 -11.81
CA GLY A 15 0.70 0.06 -12.44
C GLY A 15 -0.15 -0.93 -11.64
N GLN A 16 0.42 -1.58 -10.65
CA GLN A 16 -0.37 -2.54 -9.85
C GLN A 16 -0.97 -1.80 -8.64
N THR A 17 -2.26 -1.84 -8.44
CA THR A 17 -2.85 -1.11 -7.28
C THR A 17 -2.14 -1.46 -5.98
N VAL A 18 -2.80 -1.11 -4.92
CA VAL A 18 -2.33 -1.40 -3.55
C VAL A 18 -2.62 -2.85 -3.24
N HIS A 19 -3.86 -3.22 -3.36
CA HIS A 19 -4.21 -4.63 -3.16
C HIS A 19 -3.25 -5.39 -4.04
N GLU A 20 -2.83 -4.73 -5.08
CA GLU A 20 -1.85 -5.33 -6.01
C GLU A 20 -0.46 -5.13 -5.41
N LEU A 21 -0.23 -4.00 -4.80
CA LEU A 21 1.09 -3.73 -4.19
C LEU A 21 1.32 -4.68 -3.02
N LEU A 22 0.49 -4.60 -2.03
CA LEU A 22 0.64 -5.50 -0.85
C LEU A 22 0.76 -6.94 -1.31
N GLU A 23 -0.19 -7.41 -2.03
CA GLU A 23 -0.11 -8.82 -2.52
C GLU A 23 1.19 -9.02 -3.29
N GLN A 24 1.59 -8.04 -4.06
CA GLN A 24 2.86 -8.19 -4.82
C GLN A 24 4.02 -8.34 -3.83
N LEU A 25 4.04 -7.54 -2.81
CA LEU A 25 5.12 -7.64 -1.80
C LEU A 25 4.97 -8.96 -1.05
N ASP A 26 3.75 -9.46 -1.00
CA ASP A 26 3.41 -10.74 -0.30
C ASP A 26 2.83 -10.38 1.06
N GLN A 27 2.07 -9.32 1.11
CA GLN A 27 1.48 -8.85 2.40
C GLN A 27 -0.01 -8.59 2.20
N ARG A 28 -0.84 -8.89 3.16
CA ARG A 28 -2.29 -8.62 2.97
C ARG A 28 -2.72 -7.46 3.87
N GLN A 29 -3.64 -7.68 4.77
CA GLN A 29 -4.08 -6.55 5.65
C GLN A 29 -4.27 -7.03 7.10
N ALA A 30 -5.26 -7.86 7.33
CA ALA A 30 -5.51 -8.34 8.72
C ALA A 30 -5.92 -7.17 9.59
N GLY A 31 -6.13 -6.03 9.01
CA GLY A 31 -6.50 -4.85 9.81
C GLY A 31 -5.46 -3.75 9.55
N ALA A 32 -5.45 -3.18 8.38
CA ALA A 32 -4.44 -2.13 8.08
C ALA A 32 -5.00 -1.01 7.22
N ALA A 33 -4.25 0.05 7.12
CA ALA A 33 -4.64 1.21 6.27
C ALA A 33 -3.34 1.88 5.84
N LEU A 34 -3.34 2.67 4.82
CA LEU A 34 -2.05 3.25 4.40
C LEU A 34 -2.18 4.64 3.76
N ALA A 35 -1.13 5.41 3.76
CA ALA A 35 -1.20 6.76 3.12
C ALA A 35 -0.16 6.84 2.01
N ILE A 36 -0.59 6.97 0.80
CA ILE A 36 0.41 7.05 -0.31
C ILE A 36 0.59 8.49 -0.75
N ASN A 37 1.80 8.92 -0.95
CA ASN A 37 2.03 10.34 -1.35
C ASN A 37 1.44 11.27 -0.28
N GLN A 38 1.27 10.75 0.91
CA GLN A 38 0.71 11.56 2.07
C GLN A 38 -0.81 11.55 2.07
N GLN A 39 -1.43 10.83 1.18
CA GLN A 39 -2.91 10.78 1.22
C GLN A 39 -3.37 9.45 1.81
N ILE A 40 -3.96 9.49 2.97
CA ILE A 40 -4.42 8.22 3.59
C ILE A 40 -5.62 7.68 2.84
N VAL A 41 -5.44 6.55 2.20
CA VAL A 41 -6.56 5.94 1.45
C VAL A 41 -7.16 4.82 2.25
N PRO A 42 -8.42 4.64 2.05
CA PRO A 42 -9.08 3.54 2.73
C PRO A 42 -8.82 2.23 2.02
N ARG A 43 -8.38 1.29 2.77
CA ARG A 43 -8.06 -0.08 2.22
C ARG A 43 -8.88 -0.38 0.97
N GLU A 44 -10.13 -0.12 1.05
CA GLU A 44 -11.03 -0.41 -0.08
C GLU A 44 -10.40 0.03 -1.41
N GLN A 45 -10.00 1.26 -1.52
CA GLN A 45 -9.40 1.74 -2.80
C GLN A 45 -8.15 0.95 -3.16
N TRP A 46 -7.46 0.38 -2.20
CA TRP A 46 -6.23 -0.38 -2.55
C TRP A 46 -6.47 -1.25 -3.77
N ALA A 47 -7.67 -1.71 -3.92
CA ALA A 47 -8.01 -2.58 -5.07
C ALA A 47 -8.19 -1.78 -6.35
N GLN A 48 -8.35 -0.50 -6.26
CA GLN A 48 -8.52 0.32 -7.49
C GLN A 48 -7.56 1.50 -7.45
N HIS A 49 -6.55 1.40 -6.62
CA HIS A 49 -5.57 2.50 -6.49
C HIS A 49 -4.24 2.08 -7.13
N ILE A 50 -4.14 2.18 -8.43
CA ILE A 50 -2.89 1.77 -9.14
C ILE A 50 -1.68 2.49 -8.51
N VAL A 51 -0.68 1.73 -8.20
CA VAL A 51 0.56 2.30 -7.57
C VAL A 51 1.58 2.68 -8.64
N GLN A 52 2.38 3.69 -8.40
CA GLN A 52 3.36 4.13 -9.44
C GLN A 52 4.83 3.88 -9.09
N ASP A 53 5.63 3.73 -10.11
CA ASP A 53 7.09 3.54 -9.91
C ASP A 53 7.64 4.69 -9.08
N GLY A 54 8.00 4.36 -7.90
CA GLY A 54 8.49 5.39 -6.94
C GLY A 54 7.38 5.54 -5.90
N ASP A 55 6.42 4.64 -5.95
CA ASP A 55 5.27 4.69 -5.03
C ASP A 55 5.68 4.95 -3.57
N GLN A 56 4.91 5.71 -2.87
CA GLN A 56 5.21 5.97 -1.45
C GLN A 56 4.01 5.53 -0.62
N ILE A 57 4.21 4.90 0.50
CA ILE A 57 3.06 4.43 1.30
C ILE A 57 3.25 4.70 2.79
N LEU A 58 2.18 4.98 3.48
CA LEU A 58 2.26 5.18 4.94
C LEU A 58 1.46 4.05 5.57
N LEU A 59 2.04 3.26 6.43
CA LEU A 59 1.25 2.10 6.99
C LEU A 59 0.62 2.43 8.33
N PHE A 60 -0.64 2.10 8.46
CA PHE A 60 -1.37 2.34 9.74
C PHE A 60 -1.70 0.98 10.34
N GLN A 61 -1.22 0.69 11.51
CA GLN A 61 -1.51 -0.62 12.11
C GLN A 61 -2.76 -0.55 13.00
N VAL A 62 -3.72 -1.39 12.72
CA VAL A 62 -4.97 -1.39 13.53
C VAL A 62 -5.85 -2.58 13.16
N ILE A 63 -6.28 -3.34 14.13
CA ILE A 63 -7.17 -4.49 13.83
C ILE A 63 -8.51 -4.21 14.50
N ALA A 64 -9.44 -3.66 13.78
CA ALA A 64 -10.75 -3.34 14.41
C ALA A 64 -11.91 -3.99 13.64
N GLY A 65 -12.60 -4.91 14.26
CA GLY A 65 -13.74 -5.57 13.58
C GLY A 65 -14.49 -6.46 14.58
N GLY A 66 -13.80 -7.38 15.18
CA GLY A 66 -14.46 -8.29 16.16
C GLY A 66 -15.15 -7.45 17.25
N MET A 1 9.23 0.06 -11.78
CA MET A 1 8.79 1.09 -10.79
C MET A 1 9.33 0.78 -9.40
N GLN A 2 9.23 1.71 -8.50
CA GLN A 2 9.75 1.49 -7.13
C GLN A 2 8.88 2.18 -6.12
N ILE A 3 8.90 1.70 -4.93
CA ILE A 3 8.05 2.30 -3.92
C ILE A 3 8.73 2.30 -2.57
N LEU A 4 8.13 2.90 -1.63
CA LEU A 4 8.67 2.86 -0.28
C LEU A 4 7.61 2.26 0.61
N PHE A 5 7.79 1.06 1.05
CA PHE A 5 6.76 0.45 1.92
C PHE A 5 7.27 0.48 3.36
N ASN A 6 6.81 1.39 4.15
CA ASN A 6 7.29 1.48 5.55
C ASN A 6 8.80 1.70 5.55
N ASP A 7 9.20 2.75 4.92
CA ASP A 7 10.64 3.12 4.83
C ASP A 7 11.42 1.97 4.21
N GLN A 8 10.72 1.10 3.54
CA GLN A 8 11.44 0.00 2.86
C GLN A 8 11.33 0.25 1.37
N ALA A 9 12.43 0.48 0.71
CA ALA A 9 12.33 0.76 -0.75
C ALA A 9 11.94 -0.51 -1.49
N MET A 10 11.21 -0.38 -2.56
CA MET A 10 10.75 -1.60 -3.31
C MET A 10 10.72 -1.40 -4.80
N GLN A 11 10.37 -2.43 -5.49
CA GLN A 11 10.18 -2.33 -6.95
C GLN A 11 9.06 -3.27 -7.33
N CYS A 12 8.06 -2.73 -7.90
CA CYS A 12 6.87 -3.54 -8.29
C CYS A 12 6.30 -3.06 -9.62
N ALA A 13 5.08 -3.40 -9.86
CA ALA A 13 4.44 -3.00 -11.13
C ALA A 13 3.91 -1.58 -11.06
N ALA A 14 4.50 -0.67 -11.75
CA ALA A 14 3.97 0.72 -11.73
C ALA A 14 2.57 0.71 -12.33
N GLY A 15 1.69 1.50 -11.79
CA GLY A 15 0.31 1.54 -12.31
C GLY A 15 -0.50 0.43 -11.64
N GLN A 16 0.09 -0.25 -10.70
CA GLN A 16 -0.63 -1.35 -10.00
C GLN A 16 -1.17 -0.81 -8.68
N THR A 17 -2.45 -0.89 -8.44
CA THR A 17 -2.96 -0.34 -7.17
C THR A 17 -2.25 -0.90 -5.96
N VAL A 18 -2.85 -0.65 -4.85
CA VAL A 18 -2.36 -1.16 -3.55
C VAL A 18 -2.78 -2.58 -3.41
N HIS A 19 -4.06 -2.80 -3.54
CA HIS A 19 -4.56 -4.18 -3.50
C HIS A 19 -3.70 -4.93 -4.50
N GLU A 20 -3.24 -4.17 -5.46
CA GLU A 20 -2.35 -4.73 -6.51
C GLU A 20 -0.92 -4.74 -5.99
N LEU A 21 -0.50 -3.68 -5.34
CA LEU A 21 0.89 -3.68 -4.82
C LEU A 21 0.96 -4.67 -3.67
N LEU A 22 0.15 -4.47 -2.67
CA LEU A 22 0.12 -5.39 -1.51
C LEU A 22 0.20 -6.83 -1.97
N GLU A 23 -0.70 -7.21 -2.81
CA GLU A 23 -0.66 -8.62 -3.32
C GLU A 23 0.73 -8.89 -3.91
N GLN A 24 1.21 -7.99 -4.73
CA GLN A 24 2.57 -8.18 -5.33
C GLN A 24 3.61 -8.23 -4.20
N LEU A 25 3.50 -7.34 -3.26
CA LEU A 25 4.44 -7.34 -2.13
C LEU A 25 4.24 -8.63 -1.34
N ASP A 26 3.09 -9.25 -1.54
CA ASP A 26 2.75 -10.52 -0.83
C ASP A 26 2.23 -10.21 0.57
N GLN A 27 1.49 -9.15 0.69
CA GLN A 27 0.90 -8.77 2.01
C GLN A 27 -0.54 -8.27 1.83
N ARG A 28 -1.50 -8.93 2.41
CA ARG A 28 -2.90 -8.50 2.25
C ARG A 28 -3.22 -7.42 3.29
N GLN A 29 -4.32 -7.57 3.98
CA GLN A 29 -4.69 -6.56 4.99
C GLN A 29 -6.07 -6.85 5.60
N ALA A 30 -6.19 -7.87 6.40
CA ALA A 30 -7.51 -8.16 7.00
C ALA A 30 -8.13 -6.85 7.52
N GLY A 31 -7.31 -5.89 7.86
CA GLY A 31 -7.82 -4.59 8.36
C GLY A 31 -6.64 -3.61 8.49
N ALA A 32 -5.73 -3.64 7.55
CA ALA A 32 -4.55 -2.73 7.61
C ALA A 32 -4.86 -1.38 6.98
N ALA A 33 -4.01 -0.41 7.21
CA ALA A 33 -4.22 0.93 6.60
C ALA A 33 -2.85 1.46 6.15
N LEU A 34 -2.81 2.32 5.18
CA LEU A 34 -1.47 2.77 4.70
C LEU A 34 -1.52 4.22 4.21
N ALA A 35 -0.39 4.91 4.23
CA ALA A 35 -0.38 6.30 3.75
C ALA A 35 0.60 6.43 2.60
N ILE A 36 0.11 6.69 1.43
CA ILE A 36 1.03 6.83 0.27
C ILE A 36 1.17 8.31 -0.09
N ASN A 37 2.36 8.76 -0.33
CA ASN A 37 2.55 10.19 -0.68
C ASN A 37 2.04 11.07 0.46
N GLN A 38 1.85 10.48 1.63
CA GLN A 38 1.36 11.22 2.85
C GLN A 38 -0.16 11.21 2.94
N GLN A 39 -0.83 10.50 2.07
CA GLN A 39 -2.31 10.44 2.17
C GLN A 39 -2.72 9.08 2.72
N ILE A 40 -3.22 9.03 3.92
CA ILE A 40 -3.64 7.70 4.46
C ILE A 40 -4.93 7.28 3.77
N VAL A 41 -4.84 6.37 2.85
CA VAL A 41 -6.07 5.94 2.16
C VAL A 41 -6.67 4.74 2.84
N PRO A 42 -7.95 4.72 2.87
CA PRO A 42 -8.64 3.60 3.47
C PRO A 42 -8.54 2.39 2.57
N ARG A 43 -8.04 1.34 3.12
CA ARG A 43 -7.86 0.05 2.38
C ARG A 43 -8.83 -0.09 1.22
N GLU A 44 -10.08 0.13 1.48
CA GLU A 44 -11.13 0.00 0.45
C GLU A 44 -10.70 0.62 -0.89
N GLN A 45 -9.83 1.59 -0.89
CA GLN A 45 -9.41 2.19 -2.20
C GLN A 45 -8.18 1.45 -2.74
N TRP A 46 -7.40 0.84 -1.90
CA TRP A 46 -6.20 0.10 -2.37
C TRP A 46 -6.52 -0.63 -3.68
N ALA A 47 -7.69 -1.19 -3.79
CA ALA A 47 -8.06 -1.92 -5.04
C ALA A 47 -8.29 -0.95 -6.19
N GLN A 48 -8.36 0.32 -5.90
CA GLN A 48 -8.57 1.34 -6.96
C GLN A 48 -7.49 2.41 -6.84
N HIS A 49 -6.55 2.22 -5.95
CA HIS A 49 -5.46 3.22 -5.76
C HIS A 49 -4.22 2.80 -6.57
N ILE A 50 -4.25 3.01 -7.86
CA ILE A 50 -3.08 2.64 -8.71
C ILE A 50 -1.79 3.24 -8.17
N VAL A 51 -0.79 2.42 -8.00
CA VAL A 51 0.51 2.87 -7.44
C VAL A 51 1.48 3.30 -8.55
N GLN A 52 2.30 4.29 -8.30
CA GLN A 52 3.24 4.76 -9.38
C GLN A 52 4.70 4.53 -9.04
N ASP A 53 5.52 4.48 -10.06
CA ASP A 53 6.97 4.30 -9.85
C ASP A 53 7.49 5.41 -8.93
N GLY A 54 7.87 5.00 -7.78
CA GLY A 54 8.33 5.93 -6.72
C GLY A 54 7.28 5.87 -5.62
N ASP A 55 6.30 5.02 -5.81
CA ASP A 55 5.21 4.88 -4.81
C ASP A 55 5.76 4.99 -3.38
N GLN A 56 5.08 5.67 -2.52
CA GLN A 56 5.55 5.75 -1.12
C GLN A 56 4.44 5.19 -0.24
N ILE A 57 4.74 4.51 0.82
CA ILE A 57 3.63 3.96 1.63
C ILE A 57 3.89 4.01 3.13
N LEU A 58 2.86 4.26 3.87
CA LEU A 58 2.98 4.24 5.33
C LEU A 58 2.17 3.03 5.81
N LEU A 59 2.54 2.39 6.88
CA LEU A 59 1.79 1.18 7.30
C LEU A 59 0.99 1.39 8.59
N PHE A 60 -0.23 0.93 8.60
CA PHE A 60 -1.08 1.03 9.82
C PHE A 60 -1.46 -0.38 10.26
N GLN A 61 -1.59 -0.61 11.54
CA GLN A 61 -1.94 -1.98 12.02
C GLN A 61 -3.45 -2.20 12.11
N VAL A 62 -3.88 -3.44 12.12
CA VAL A 62 -5.33 -3.75 12.20
C VAL A 62 -6.05 -2.78 13.15
N ILE A 63 -7.26 -2.44 12.82
CA ILE A 63 -8.02 -1.51 13.70
C ILE A 63 -9.31 -2.21 14.15
N ALA A 64 -9.28 -2.78 15.32
CA ALA A 64 -10.49 -3.49 15.79
C ALA A 64 -10.97 -2.94 17.13
N GLY A 65 -12.16 -3.30 17.53
CA GLY A 65 -12.71 -2.82 18.82
C GLY A 65 -13.95 -3.64 19.16
N GLY A 66 -13.81 -4.66 19.97
CA GLY A 66 -14.98 -5.51 20.32
C GLY A 66 -14.50 -6.78 21.01
N MET A 1 9.22 -1.50 -10.46
CA MET A 1 8.94 -0.15 -9.89
C MET A 1 9.59 -0.02 -8.52
N GLN A 2 9.38 1.08 -7.87
CA GLN A 2 9.95 1.26 -6.51
C GLN A 2 9.03 2.11 -5.68
N ILE A 3 9.02 1.89 -4.41
CA ILE A 3 8.08 2.63 -3.58
C ILE A 3 8.64 2.90 -2.20
N LEU A 4 7.89 3.61 -1.43
CA LEU A 4 8.31 3.84 -0.04
C LEU A 4 7.18 3.35 0.86
N PHE A 5 7.39 2.26 1.52
CA PHE A 5 6.32 1.74 2.41
C PHE A 5 6.73 2.01 3.85
N ASN A 6 6.14 2.99 4.47
CA ASN A 6 6.52 3.31 5.88
C ASN A 6 8.00 3.68 5.94
N ASP A 7 8.34 4.67 5.18
CA ASP A 7 9.75 5.18 5.12
C ASP A 7 10.71 4.06 4.71
N GLN A 8 10.19 3.01 4.12
CA GLN A 8 11.09 1.91 3.65
C GLN A 8 10.99 1.81 2.13
N ALA A 9 12.08 2.00 1.45
CA ALA A 9 12.01 1.93 -0.04
C ALA A 9 11.74 0.50 -0.48
N MET A 10 11.11 0.34 -1.61
CA MET A 10 10.79 -1.03 -2.11
C MET A 10 10.90 -1.12 -3.62
N GLN A 11 10.68 -2.29 -4.14
CA GLN A 11 10.64 -2.48 -5.60
C GLN A 11 9.61 -3.53 -5.93
N CYS A 12 8.66 -3.12 -6.67
CA CYS A 12 7.54 -4.04 -7.05
C CYS A 12 7.07 -3.74 -8.46
N ALA A 13 5.90 -4.20 -8.81
CA ALA A 13 5.41 -4.00 -10.18
C ALA A 13 4.78 -2.63 -10.40
N ALA A 14 5.40 -1.82 -11.19
CA ALA A 14 4.81 -0.48 -11.48
C ALA A 14 3.47 -0.69 -12.20
N GLY A 15 2.52 0.15 -11.93
CA GLY A 15 1.20 0.01 -12.59
C GLY A 15 0.37 -1.02 -11.83
N GLN A 16 0.90 -1.56 -10.77
CA GLN A 16 0.13 -2.55 -9.98
C GLN A 16 -0.53 -1.87 -8.77
N THR A 17 -1.83 -1.93 -8.65
CA THR A 17 -2.49 -1.25 -7.49
C THR A 17 -1.86 -1.61 -6.16
N VAL A 18 -2.54 -1.25 -5.13
CA VAL A 18 -2.12 -1.57 -3.75
C VAL A 18 -2.46 -3.00 -3.50
N HIS A 19 -3.69 -3.37 -3.77
CA HIS A 19 -4.07 -4.77 -3.65
C HIS A 19 -3.00 -5.51 -4.43
N GLU A 20 -2.47 -4.82 -5.41
CA GLU A 20 -1.38 -5.39 -6.24
C GLU A 20 -0.05 -5.18 -5.54
N LEU A 21 0.13 -4.06 -4.90
CA LEU A 21 1.42 -3.82 -4.20
C LEU A 21 1.45 -4.66 -2.93
N LEU A 22 0.49 -4.48 -2.07
CA LEU A 22 0.43 -5.30 -0.82
C LEU A 22 0.68 -6.76 -1.15
N GLU A 23 -0.10 -7.29 -2.05
CA GLU A 23 0.08 -8.71 -2.45
C GLU A 23 1.55 -8.94 -2.80
N GLN A 24 2.14 -8.06 -3.56
CA GLN A 24 3.58 -8.23 -3.90
C GLN A 24 4.41 -8.18 -2.63
N LEU A 25 4.09 -7.25 -1.76
CA LEU A 25 4.81 -7.10 -0.48
C LEU A 25 4.44 -8.26 0.46
N ASP A 26 3.30 -8.87 0.21
CA ASP A 26 2.79 -10.04 1.03
C ASP A 26 1.81 -9.52 2.07
N GLN A 27 1.21 -8.41 1.78
CA GLN A 27 0.24 -7.82 2.73
C GLN A 27 -1.18 -8.15 2.26
N ARG A 28 -1.98 -8.76 3.08
CA ARG A 28 -3.35 -9.07 2.61
C ARG A 28 -4.34 -8.01 3.09
N GLN A 29 -3.90 -7.17 3.99
CA GLN A 29 -4.75 -6.07 4.52
C GLN A 29 -5.77 -6.61 5.51
N ALA A 30 -5.40 -7.56 6.31
CA ALA A 30 -6.36 -8.09 7.32
C ALA A 30 -7.04 -6.92 8.03
N GLY A 31 -6.40 -5.78 8.02
CA GLY A 31 -6.98 -4.59 8.69
C GLY A 31 -5.94 -3.47 8.63
N ALA A 32 -5.80 -2.82 7.52
CA ALA A 32 -4.78 -1.75 7.40
C ALA A 32 -5.29 -0.57 6.57
N ALA A 33 -4.56 0.49 6.56
CA ALA A 33 -4.93 1.69 5.76
C ALA A 33 -3.64 2.41 5.40
N LEU A 34 -3.59 3.15 4.33
CA LEU A 34 -2.29 3.78 4.00
C LEU A 34 -2.45 5.11 3.27
N ALA A 35 -1.38 5.87 3.18
CA ALA A 35 -1.46 7.16 2.44
C ALA A 35 -0.33 7.19 1.41
N ILE A 36 -0.66 7.35 0.17
CA ILE A 36 0.40 7.39 -0.87
C ILE A 36 0.55 8.82 -1.40
N ASN A 37 1.74 9.34 -1.36
CA ASN A 37 1.98 10.73 -1.85
C ASN A 37 1.21 11.74 -0.99
N GLN A 38 0.83 11.33 0.20
CA GLN A 38 0.09 12.21 1.18
C GLN A 38 -1.43 12.06 1.05
N GLN A 39 -1.91 11.34 0.08
CA GLN A 39 -3.39 11.15 -0.02
C GLN A 39 -3.77 9.85 0.67
N ILE A 40 -4.41 9.92 1.81
CA ILE A 40 -4.79 8.65 2.50
C ILE A 40 -5.95 7.99 1.77
N VAL A 41 -5.74 6.81 1.27
CA VAL A 41 -6.82 6.12 0.54
C VAL A 41 -7.42 5.01 1.37
N PRO A 42 -8.68 4.83 1.18
CA PRO A 42 -9.34 3.75 1.88
C PRO A 42 -8.97 2.40 1.28
N ARG A 43 -8.49 1.57 2.13
CA ARG A 43 -8.05 0.18 1.75
C ARG A 43 -8.72 -0.33 0.48
N GLU A 44 -10.02 -0.42 0.48
CA GLU A 44 -10.75 -0.93 -0.70
C GLU A 44 -10.15 -0.39 -2.01
N GLN A 45 -9.88 0.88 -2.07
CA GLN A 45 -9.29 1.45 -3.32
C GLN A 45 -8.01 0.72 -3.67
N TRP A 46 -7.31 0.22 -2.69
CA TRP A 46 -6.07 -0.50 -2.98
C TRP A 46 -6.27 -1.43 -4.18
N ALA A 47 -7.46 -1.90 -4.35
CA ALA A 47 -7.75 -2.82 -5.49
C ALA A 47 -7.94 -2.02 -6.78
N GLN A 48 -8.20 -0.76 -6.64
CA GLN A 48 -8.39 0.12 -7.82
C GLN A 48 -7.40 1.28 -7.72
N HIS A 49 -6.41 1.12 -6.89
CA HIS A 49 -5.40 2.18 -6.69
C HIS A 49 -4.07 1.79 -7.32
N ILE A 50 -3.98 1.88 -8.62
CA ILE A 50 -2.73 1.50 -9.34
C ILE A 50 -1.54 2.26 -8.76
N VAL A 51 -0.51 1.53 -8.43
CA VAL A 51 0.72 2.13 -7.82
C VAL A 51 1.73 2.49 -8.91
N GLN A 52 2.46 3.56 -8.73
CA GLN A 52 3.45 3.99 -9.76
C GLN A 52 4.87 3.72 -9.32
N ASP A 53 5.78 3.59 -10.24
CA ASP A 53 7.18 3.40 -9.85
C ASP A 53 7.63 4.65 -9.12
N GLY A 54 8.02 4.47 -7.91
CA GLY A 54 8.40 5.61 -7.05
C GLY A 54 7.25 5.83 -6.09
N ASP A 55 6.30 4.91 -6.10
CA ASP A 55 5.10 5.04 -5.22
C ASP A 55 5.48 5.22 -3.74
N GLN A 56 4.91 6.20 -3.10
CA GLN A 56 5.19 6.43 -1.66
C GLN A 56 3.98 5.97 -0.84
N ILE A 57 4.18 5.47 0.35
CA ILE A 57 3.03 4.95 1.14
C ILE A 57 3.11 5.27 2.64
N LEU A 58 1.97 5.47 3.24
CA LEU A 58 1.91 5.67 4.72
C LEU A 58 1.14 4.48 5.28
N LEU A 59 1.53 3.92 6.39
CA LEU A 59 0.79 2.72 6.89
C LEU A 59 -0.02 2.99 8.16
N PHE A 60 -1.25 2.57 8.15
CA PHE A 60 -2.12 2.70 9.34
C PHE A 60 -2.72 1.32 9.62
N GLN A 61 -2.40 0.71 10.71
CA GLN A 61 -2.92 -0.65 10.96
C GLN A 61 -3.72 -0.74 12.26
N VAL A 62 -4.91 -1.27 12.19
CA VAL A 62 -5.73 -1.45 13.41
C VAL A 62 -6.15 -2.92 13.51
N ILE A 63 -5.75 -3.57 14.56
CA ILE A 63 -6.13 -4.99 14.72
C ILE A 63 -7.03 -5.08 15.94
N ALA A 64 -8.30 -5.09 15.72
CA ALA A 64 -9.22 -5.12 16.89
C ALA A 64 -10.13 -6.36 16.84
N GLY A 65 -9.89 -7.32 17.70
CA GLY A 65 -10.74 -8.54 17.70
C GLY A 65 -10.20 -9.53 18.74
N GLY A 66 -8.90 -9.66 18.83
CA GLY A 66 -8.31 -10.61 19.81
C GLY A 66 -7.37 -11.58 19.09
N MET A 1 10.79 0.92 -11.00
CA MET A 1 9.78 1.38 -10.01
C MET A 1 10.36 1.34 -8.59
N GLN A 2 9.96 2.25 -7.78
CA GLN A 2 10.44 2.24 -6.38
C GLN A 2 9.39 2.81 -5.49
N ILE A 3 9.37 2.37 -4.29
CA ILE A 3 8.32 2.82 -3.42
C ILE A 3 8.79 2.93 -1.98
N LEU A 4 7.94 3.39 -1.14
CA LEU A 4 8.31 3.44 0.28
C LEU A 4 7.24 2.69 1.06
N PHE A 5 7.56 1.54 1.56
CA PHE A 5 6.54 0.79 2.34
C PHE A 5 6.92 0.88 3.82
N ASN A 6 6.26 1.73 4.56
CA ASN A 6 6.61 1.87 6.00
C ASN A 6 8.04 2.37 6.14
N ASP A 7 8.31 3.49 5.54
CA ASP A 7 9.68 4.07 5.58
C ASP A 7 10.69 3.08 5.03
N GLN A 8 10.21 2.11 4.32
CA GLN A 8 11.16 1.15 3.73
C GLN A 8 11.12 1.31 2.21
N ALA A 9 12.20 1.68 1.60
CA ALA A 9 12.16 1.86 0.13
C ALA A 9 12.04 0.50 -0.57
N MET A 10 11.40 0.48 -1.70
CA MET A 10 11.19 -0.80 -2.44
C MET A 10 11.22 -0.59 -3.95
N GLN A 11 10.95 -1.66 -4.65
CA GLN A 11 10.84 -1.62 -6.12
C GLN A 11 9.81 -2.67 -6.52
N CYS A 12 8.79 -2.24 -7.18
CA CYS A 12 7.71 -3.20 -7.59
C CYS A 12 7.17 -2.86 -8.97
N ALA A 13 6.03 -3.41 -9.27
CA ALA A 13 5.42 -3.18 -10.60
C ALA A 13 4.78 -1.78 -10.68
N ALA A 14 5.35 -0.91 -11.46
CA ALA A 14 4.77 0.44 -11.61
C ALA A 14 3.40 0.36 -12.25
N GLY A 15 2.50 1.18 -11.82
CA GLY A 15 1.13 1.17 -12.38
C GLY A 15 0.32 0.05 -11.73
N GLN A 16 0.90 -0.64 -10.79
CA GLN A 16 0.18 -1.74 -10.10
C GLN A 16 -0.46 -1.20 -8.81
N THR A 17 -1.72 -1.42 -8.60
CA THR A 17 -2.34 -0.87 -7.37
C THR A 17 -1.62 -1.34 -6.11
N VAL A 18 -2.30 -1.14 -5.03
CA VAL A 18 -1.82 -1.56 -3.70
C VAL A 18 -2.08 -3.03 -3.56
N HIS A 19 -3.31 -3.42 -3.72
CA HIS A 19 -3.64 -4.84 -3.69
C HIS A 19 -2.66 -5.49 -4.64
N GLU A 20 -2.25 -4.71 -5.60
CA GLU A 20 -1.26 -5.19 -6.59
C GLU A 20 0.15 -5.03 -6.02
N LEU A 21 0.38 -3.98 -5.28
CA LEU A 21 1.73 -3.78 -4.69
C LEU A 21 1.91 -4.71 -3.50
N LEU A 22 1.03 -4.62 -2.53
CA LEU A 22 1.13 -5.51 -1.34
C LEU A 22 1.28 -6.95 -1.78
N GLU A 23 0.38 -7.42 -2.57
CA GLU A 23 0.46 -8.83 -3.05
C GLU A 23 1.81 -9.10 -3.70
N GLN A 24 2.27 -8.22 -4.56
CA GLN A 24 3.58 -8.43 -5.20
C GLN A 24 4.66 -8.51 -4.11
N LEU A 25 4.58 -7.63 -3.17
CA LEU A 25 5.56 -7.62 -2.06
C LEU A 25 5.36 -8.87 -1.20
N ASP A 26 4.18 -9.46 -1.30
CA ASP A 26 3.80 -10.68 -0.52
C ASP A 26 3.09 -10.25 0.76
N GLN A 27 2.35 -9.19 0.67
CA GLN A 27 1.61 -8.67 1.85
C GLN A 27 0.13 -8.52 1.50
N ARG A 28 -0.75 -8.66 2.45
CA ARG A 28 -2.18 -8.52 2.14
C ARG A 28 -2.79 -7.44 3.04
N GLN A 29 -3.79 -7.76 3.80
CA GLN A 29 -4.42 -6.74 4.68
C GLN A 29 -4.80 -7.33 6.04
N ALA A 30 -5.70 -8.28 6.05
CA ALA A 30 -6.12 -8.89 7.34
C ALA A 30 -6.80 -7.83 8.21
N GLY A 31 -7.09 -6.70 7.64
CA GLY A 31 -7.71 -5.62 8.44
C GLY A 31 -6.71 -4.46 8.52
N ALA A 32 -5.76 -4.45 7.64
CA ALA A 32 -4.73 -3.37 7.65
C ALA A 32 -5.20 -2.11 6.91
N ALA A 33 -4.45 -1.05 7.02
CA ALA A 33 -4.79 0.20 6.28
C ALA A 33 -3.47 0.91 5.97
N LEU A 34 -3.40 1.73 4.96
CA LEU A 34 -2.08 2.33 4.66
C LEU A 34 -2.21 3.75 4.07
N ALA A 35 -1.15 4.53 4.14
CA ALA A 35 -1.23 5.90 3.58
C ALA A 35 -0.17 6.07 2.49
N ILE A 36 -0.58 6.34 1.30
CA ILE A 36 0.41 6.52 0.21
C ILE A 36 0.67 8.01 0.00
N ASN A 37 1.90 8.39 -0.15
CA ASN A 37 2.21 9.84 -0.34
C ASN A 37 1.65 10.66 0.82
N GLN A 38 1.31 10.01 1.91
CA GLN A 38 0.74 10.68 3.14
C GLN A 38 -0.79 10.69 3.11
N GLN A 39 -1.40 10.21 2.05
CA GLN A 39 -2.88 10.19 2.05
C GLN A 39 -3.34 8.79 2.48
N ILE A 40 -3.97 8.70 3.62
CA ILE A 40 -4.42 7.35 4.08
C ILE A 40 -5.59 6.90 3.22
N VAL A 41 -5.42 5.83 2.51
CA VAL A 41 -6.50 5.31 1.65
C VAL A 41 -7.15 4.11 2.27
N PRO A 42 -8.41 4.01 2.06
CA PRO A 42 -9.14 2.87 2.58
C PRO A 42 -8.79 1.59 1.84
N ARG A 43 -8.33 0.66 2.60
CA ARG A 43 -7.93 -0.69 2.09
C ARG A 43 -8.62 -1.06 0.79
N GLU A 44 -9.89 -0.90 0.74
CA GLU A 44 -10.65 -1.26 -0.47
C GLU A 44 -10.03 -0.65 -1.73
N GLN A 45 -9.68 0.59 -1.67
CA GLN A 45 -9.06 1.24 -2.88
C GLN A 45 -7.76 0.54 -3.27
N TRP A 46 -7.08 -0.06 -2.34
CA TRP A 46 -5.82 -0.75 -2.68
C TRP A 46 -5.99 -1.53 -3.98
N ALA A 47 -7.14 -2.11 -4.16
CA ALA A 47 -7.42 -2.91 -5.38
C ALA A 47 -7.65 -2.00 -6.58
N GLN A 48 -7.90 -0.75 -6.34
CA GLN A 48 -8.13 0.20 -7.46
C GLN A 48 -7.19 1.40 -7.29
N HIS A 49 -6.22 1.26 -6.43
CA HIS A 49 -5.28 2.37 -6.18
C HIS A 49 -3.95 2.10 -6.90
N ILE A 50 -3.92 2.31 -8.19
CA ILE A 50 -2.68 2.06 -8.96
C ILE A 50 -1.48 2.79 -8.32
N VAL A 51 -0.45 2.05 -8.09
CA VAL A 51 0.78 2.62 -7.47
C VAL A 51 1.76 3.09 -8.55
N GLN A 52 2.50 4.13 -8.29
CA GLN A 52 3.44 4.64 -9.33
C GLN A 52 4.91 4.50 -8.94
N ASP A 53 5.76 4.42 -9.92
CA ASP A 53 7.21 4.34 -9.65
C ASP A 53 7.61 5.48 -8.74
N GLY A 54 7.97 5.13 -7.57
CA GLY A 54 8.34 6.14 -6.54
C GLY A 54 7.22 6.12 -5.51
N ASP A 55 6.34 5.15 -5.63
CA ASP A 55 5.19 5.03 -4.70
C ASP A 55 5.60 5.20 -3.24
N GLN A 56 4.75 5.76 -2.45
CA GLN A 56 5.04 5.93 -1.01
C GLN A 56 3.93 5.25 -0.21
N ILE A 57 4.24 4.63 0.89
CA ILE A 57 3.16 3.95 1.65
C ILE A 57 3.31 4.10 3.16
N LEU A 58 2.20 4.15 3.84
CA LEU A 58 2.22 4.24 5.32
C LEU A 58 1.44 3.03 5.83
N LEU A 59 1.98 2.20 6.67
CA LEU A 59 1.18 1.02 7.10
C LEU A 59 0.45 1.26 8.41
N PHE A 60 -0.78 0.83 8.49
CA PHE A 60 -1.57 1.00 9.73
C PHE A 60 -1.97 -0.38 10.24
N GLN A 61 -2.13 -0.51 11.53
CA GLN A 61 -2.50 -1.83 12.10
C GLN A 61 -4.02 -2.00 12.13
N VAL A 62 -4.46 -3.23 12.29
CA VAL A 62 -5.92 -3.53 12.35
C VAL A 62 -6.72 -2.36 12.90
N ILE A 63 -7.96 -2.22 12.50
CA ILE A 63 -8.78 -1.12 13.05
C ILE A 63 -9.94 -1.72 13.83
N ALA A 64 -9.77 -1.88 15.11
CA ALA A 64 -10.84 -2.48 15.94
C ALA A 64 -11.17 -1.55 17.11
N GLY A 65 -12.29 -1.75 17.75
CA GLY A 65 -12.65 -0.87 18.90
C GLY A 65 -11.50 -0.89 19.91
N GLY A 66 -11.60 -0.12 20.96
CA GLY A 66 -10.52 -0.11 21.98
C GLY A 66 -10.90 -1.00 23.16
N MET A 1 9.65 0.25 -11.56
CA MET A 1 9.01 1.18 -10.60
C MET A 1 9.50 0.89 -9.18
N GLN A 2 9.43 1.86 -8.32
CA GLN A 2 9.88 1.63 -6.94
C GLN A 2 8.96 2.34 -5.97
N ILE A 3 8.96 1.90 -4.76
CA ILE A 3 8.04 2.48 -3.80
C ILE A 3 8.67 2.62 -2.44
N LEU A 4 7.96 3.19 -1.54
CA LEU A 4 8.48 3.25 -0.17
C LEU A 4 7.46 2.62 0.75
N PHE A 5 7.76 1.47 1.23
CA PHE A 5 6.81 0.80 2.15
C PHE A 5 7.37 0.88 3.56
N ASN A 6 6.84 1.76 4.37
CA ASN A 6 7.35 1.91 5.75
C ASN A 6 8.82 2.31 5.74
N ASP A 7 9.08 3.41 5.09
CA ASP A 7 10.46 3.94 4.97
C ASP A 7 11.37 2.89 4.36
N GLN A 8 10.79 1.95 3.67
CA GLN A 8 11.62 0.91 3.01
C GLN A 8 11.42 1.01 1.50
N ALA A 9 12.48 1.17 0.76
CA ALA A 9 12.32 1.30 -0.71
C ALA A 9 12.05 -0.05 -1.36
N MET A 10 11.35 -0.03 -2.45
CA MET A 10 11.00 -1.32 -3.16
C MET A 10 10.99 -1.18 -4.67
N GLN A 11 10.65 -2.25 -5.35
CA GLN A 11 10.50 -2.19 -6.82
C GLN A 11 9.40 -3.16 -7.23
N CYS A 12 8.38 -2.62 -7.78
CA CYS A 12 7.20 -3.46 -8.19
C CYS A 12 6.69 -3.03 -9.56
N ALA A 13 5.48 -3.43 -9.86
CA ALA A 13 4.87 -3.09 -11.17
C ALA A 13 4.26 -1.69 -11.14
N ALA A 14 4.90 -0.72 -11.71
CA ALA A 14 4.28 0.63 -11.69
C ALA A 14 2.94 0.57 -12.37
N GLY A 15 1.97 1.20 -11.80
CA GLY A 15 0.62 1.17 -12.39
C GLY A 15 -0.18 0.06 -11.70
N GLN A 16 0.44 -0.65 -10.80
CA GLN A 16 -0.30 -1.73 -10.07
C GLN A 16 -0.87 -1.13 -8.77
N THR A 17 -2.12 -1.38 -8.47
CA THR A 17 -2.69 -0.76 -7.24
C THR A 17 -1.97 -1.25 -5.98
N VAL A 18 -2.64 -1.04 -4.89
CA VAL A 18 -2.16 -1.46 -3.56
C VAL A 18 -2.42 -2.93 -3.43
N HIS A 19 -3.64 -3.32 -3.62
CA HIS A 19 -3.95 -4.76 -3.59
C HIS A 19 -2.92 -5.38 -4.52
N GLU A 20 -2.49 -4.59 -5.46
CA GLU A 20 -1.44 -5.06 -6.42
C GLU A 20 -0.06 -4.85 -5.81
N LEU A 21 0.13 -3.76 -5.12
CA LEU A 21 1.45 -3.51 -4.50
C LEU A 21 1.62 -4.47 -3.33
N LEU A 22 0.73 -4.40 -2.39
CA LEU A 22 0.79 -5.32 -1.22
C LEU A 22 1.01 -6.74 -1.68
N GLU A 23 0.15 -7.21 -2.53
CA GLU A 23 0.28 -8.61 -3.02
C GLU A 23 1.64 -8.81 -3.71
N GLN A 24 2.07 -7.85 -4.48
CA GLN A 24 3.40 -7.99 -5.15
C GLN A 24 4.48 -8.02 -4.07
N LEU A 25 4.31 -7.25 -3.03
CA LEU A 25 5.29 -7.26 -1.92
C LEU A 25 5.15 -8.59 -1.17
N ASP A 26 4.01 -9.24 -1.34
CA ASP A 26 3.72 -10.53 -0.66
C ASP A 26 3.12 -10.27 0.73
N GLN A 27 2.44 -9.18 0.90
CA GLN A 27 1.82 -8.87 2.23
C GLN A 27 0.34 -8.56 2.06
N ARG A 28 -0.50 -9.01 2.96
CA ARG A 28 -1.96 -8.74 2.82
C ARG A 28 -2.39 -7.65 3.81
N GLN A 29 -3.21 -7.97 4.78
CA GLN A 29 -3.65 -6.94 5.75
C GLN A 29 -4.61 -7.52 6.80
N ALA A 30 -5.72 -8.09 6.39
CA ALA A 30 -6.68 -8.65 7.40
C ALA A 30 -7.29 -7.51 8.22
N GLY A 31 -7.05 -6.30 7.81
CA GLY A 31 -7.57 -5.15 8.57
C GLY A 31 -6.46 -4.11 8.67
N ALA A 32 -5.75 -3.90 7.61
CA ALA A 32 -4.63 -2.91 7.62
C ALA A 32 -4.99 -1.64 6.87
N ALA A 33 -4.24 -0.60 7.09
CA ALA A 33 -4.50 0.68 6.39
C ALA A 33 -3.16 1.23 5.93
N LEU A 34 -3.13 2.08 4.94
CA LEU A 34 -1.81 2.59 4.48
C LEU A 34 -1.91 4.01 3.92
N ALA A 35 -0.85 4.77 4.00
CA ALA A 35 -0.89 6.16 3.45
C ALA A 35 0.16 6.29 2.36
N ILE A 36 -0.25 6.60 1.16
CA ILE A 36 0.74 6.71 0.05
C ILE A 36 0.90 8.16 -0.40
N ASN A 37 2.10 8.62 -0.58
CA ASN A 37 2.29 10.02 -1.03
C ASN A 37 1.64 10.96 -0.01
N GLN A 38 1.56 10.53 1.22
CA GLN A 38 0.95 11.35 2.32
C GLN A 38 -0.57 11.28 2.26
N GLN A 39 -1.12 10.33 1.55
CA GLN A 39 -2.60 10.23 1.51
C GLN A 39 -3.04 8.91 2.13
N ILE A 40 -3.67 8.97 3.27
CA ILE A 40 -4.13 7.70 3.90
C ILE A 40 -5.35 7.21 3.14
N VAL A 41 -5.24 6.11 2.46
CA VAL A 41 -6.42 5.59 1.71
C VAL A 41 -6.99 4.41 2.42
N PRO A 42 -8.27 4.31 2.35
CA PRO A 42 -8.93 3.18 2.96
C PRO A 42 -8.73 1.92 2.14
N ARG A 43 -8.26 0.93 2.81
CA ARG A 43 -7.99 -0.41 2.21
C ARG A 43 -8.86 -0.70 0.99
N GLU A 44 -10.13 -0.64 1.15
CA GLU A 44 -11.06 -0.93 0.03
C GLU A 44 -10.55 -0.38 -1.31
N GLN A 45 -9.96 0.79 -1.31
CA GLN A 45 -9.44 1.36 -2.59
C GLN A 45 -8.16 0.65 -3.05
N TRP A 46 -7.39 0.12 -2.14
CA TRP A 46 -6.14 -0.59 -2.54
C TRP A 46 -6.33 -1.39 -3.81
N ALA A 47 -7.51 -1.85 -4.05
CA ALA A 47 -7.77 -2.67 -5.26
C ALA A 47 -7.93 -1.79 -6.50
N GLN A 48 -8.22 -0.54 -6.31
CA GLN A 48 -8.37 0.39 -7.46
C GLN A 48 -7.39 1.55 -7.28
N HIS A 49 -6.51 1.41 -6.32
CA HIS A 49 -5.52 2.48 -6.02
C HIS A 49 -4.21 2.21 -6.78
N ILE A 50 -4.21 2.39 -8.08
CA ILE A 50 -2.98 2.14 -8.89
C ILE A 50 -1.76 2.87 -8.32
N VAL A 51 -0.68 2.13 -8.17
CA VAL A 51 0.58 2.69 -7.58
C VAL A 51 1.58 3.09 -8.69
N GLN A 52 2.37 4.11 -8.46
CA GLN A 52 3.33 4.56 -9.52
C GLN A 52 4.80 4.42 -9.10
N ASP A 53 5.67 4.31 -10.08
CA ASP A 53 7.13 4.23 -9.79
C ASP A 53 7.54 5.41 -8.91
N GLY A 54 7.92 5.11 -7.73
CA GLY A 54 8.28 6.14 -6.74
C GLY A 54 7.25 6.06 -5.62
N ASP A 55 6.30 5.17 -5.80
CA ASP A 55 5.21 4.99 -4.81
C ASP A 55 5.70 5.16 -3.38
N GLN A 56 4.88 5.74 -2.55
CA GLN A 56 5.25 5.90 -1.13
C GLN A 56 4.15 5.24 -0.30
N ILE A 57 4.47 4.65 0.81
CA ILE A 57 3.39 4.01 1.59
C ILE A 57 3.59 4.21 3.09
N LEU A 58 2.51 4.30 3.81
CA LEU A 58 2.58 4.43 5.29
C LEU A 58 1.70 3.30 5.84
N LEU A 59 2.21 2.42 6.66
CA LEU A 59 1.33 1.29 7.11
C LEU A 59 0.66 1.52 8.47
N PHE A 60 -0.58 1.08 8.58
CA PHE A 60 -1.35 1.23 9.83
C PHE A 60 -1.77 -0.16 10.34
N GLN A 61 -1.78 -0.38 11.62
CA GLN A 61 -2.18 -1.73 12.14
C GLN A 61 -3.69 -1.79 12.40
N VAL A 62 -4.23 -2.98 12.43
CA VAL A 62 -5.71 -3.13 12.68
C VAL A 62 -6.20 -2.01 13.60
N ILE A 63 -7.42 -1.61 13.45
CA ILE A 63 -7.96 -0.53 14.32
C ILE A 63 -9.10 -1.11 15.13
N ALA A 64 -8.82 -1.51 16.32
CA ALA A 64 -9.87 -2.13 17.15
C ALA A 64 -10.06 -1.37 18.46
N GLY A 65 -11.11 -1.68 19.19
CA GLY A 65 -11.34 -0.97 20.48
C GLY A 65 -10.79 -1.82 21.63
N GLY A 66 -10.72 -1.27 22.81
CA GLY A 66 -10.19 -2.06 23.96
C GLY A 66 -8.65 -2.08 23.89
N MET A 1 9.53 -0.43 -11.16
CA MET A 1 8.71 0.24 -10.11
C MET A 1 9.46 0.22 -8.79
N GLN A 2 9.19 1.20 -7.98
CA GLN A 2 9.83 1.25 -6.65
C GLN A 2 8.92 1.94 -5.72
N ILE A 3 8.98 1.59 -4.50
CA ILE A 3 8.03 2.20 -3.58
C ILE A 3 8.66 2.35 -2.23
N LEU A 4 7.97 2.97 -1.36
CA LEU A 4 8.48 3.07 -0.01
C LEU A 4 7.42 2.49 0.92
N PHE A 5 7.65 1.34 1.43
CA PHE A 5 6.64 0.75 2.32
C PHE A 5 7.07 0.95 3.77
N ASN A 6 6.47 1.89 4.45
CA ASN A 6 6.85 2.16 5.86
C ASN A 6 8.33 2.50 5.94
N ASP A 7 8.68 3.52 5.23
CA ASP A 7 10.09 4.00 5.20
C ASP A 7 11.00 2.88 4.68
N GLN A 8 10.43 1.93 4.01
CA GLN A 8 11.26 0.82 3.43
C GLN A 8 11.19 0.89 1.91
N ALA A 9 12.30 0.97 1.24
CA ALA A 9 12.24 1.07 -0.24
C ALA A 9 11.92 -0.30 -0.86
N MET A 10 11.26 -0.29 -1.99
CA MET A 10 10.86 -1.58 -2.66
C MET A 10 10.79 -1.45 -4.18
N GLN A 11 10.36 -2.51 -4.83
CA GLN A 11 10.15 -2.49 -6.30
C GLN A 11 9.01 -3.43 -6.63
N CYS A 12 7.98 -2.89 -7.20
CA CYS A 12 6.79 -3.73 -7.56
C CYS A 12 6.37 -3.53 -9.02
N ALA A 13 5.14 -3.84 -9.32
CA ALA A 13 4.64 -3.73 -10.71
C ALA A 13 4.01 -2.38 -11.01
N ALA A 14 4.75 -1.47 -11.59
CA ALA A 14 4.15 -0.14 -11.89
C ALA A 14 2.75 -0.30 -12.46
N GLY A 15 1.85 0.42 -11.91
CA GLY A 15 0.45 0.34 -12.38
C GLY A 15 -0.31 -0.69 -11.54
N GLN A 16 0.34 -1.25 -10.57
CA GLN A 16 -0.31 -2.27 -9.71
C GLN A 16 -0.84 -1.61 -8.43
N THR A 17 -2.11 -1.74 -8.12
CA THR A 17 -2.65 -1.05 -6.90
C THR A 17 -1.97 -1.49 -5.62
N VAL A 18 -2.59 -1.12 -4.54
CA VAL A 18 -2.14 -1.48 -3.17
C VAL A 18 -2.42 -2.93 -2.94
N HIS A 19 -3.67 -3.29 -3.11
CA HIS A 19 -4.03 -4.71 -2.99
C HIS A 19 -3.03 -5.44 -3.86
N GLU A 20 -2.57 -4.73 -4.85
CA GLU A 20 -1.53 -5.30 -5.74
C GLU A 20 -0.17 -5.10 -5.09
N LEU A 21 0.05 -3.96 -4.49
CA LEU A 21 1.36 -3.70 -3.83
C LEU A 21 1.51 -4.68 -2.67
N LEU A 22 0.62 -4.63 -1.73
CA LEU A 22 0.69 -5.58 -0.58
C LEU A 22 0.94 -6.99 -1.09
N GLU A 23 0.10 -7.44 -1.97
CA GLU A 23 0.26 -8.80 -2.52
C GLU A 23 1.66 -8.97 -3.10
N GLN A 24 2.16 -7.98 -3.81
CA GLN A 24 3.53 -8.10 -4.38
C GLN A 24 4.55 -8.18 -3.25
N LEU A 25 4.36 -7.38 -2.22
CA LEU A 25 5.29 -7.41 -1.07
C LEU A 25 5.07 -8.70 -0.30
N ASP A 26 3.93 -9.34 -0.50
CA ASP A 26 3.60 -10.61 0.21
C ASP A 26 3.04 -10.31 1.60
N GLN A 27 2.38 -9.20 1.75
CA GLN A 27 1.79 -8.85 3.08
C GLN A 27 0.33 -8.43 2.88
N ARG A 28 -0.58 -9.29 3.22
CA ARG A 28 -2.02 -8.97 3.05
C ARG A 28 -2.45 -7.76 3.88
N GLN A 29 -1.87 -7.57 5.04
CA GLN A 29 -2.25 -6.41 5.89
C GLN A 29 -3.71 -6.53 6.25
N ALA A 30 -4.11 -7.71 6.64
CA ALA A 30 -5.53 -7.97 7.04
C ALA A 30 -6.25 -6.70 7.47
N GLY A 31 -6.13 -6.34 8.72
CA GLY A 31 -6.79 -5.10 9.21
C GLY A 31 -5.76 -3.98 9.29
N ALA A 32 -5.42 -3.40 8.18
CA ALA A 32 -4.40 -2.31 8.18
C ALA A 32 -4.83 -1.14 7.30
N ALA A 33 -4.21 -0.02 7.47
CA ALA A 33 -4.52 1.16 6.62
C ALA A 33 -3.20 1.78 6.19
N LEU A 34 -3.16 2.58 5.16
CA LEU A 34 -1.83 3.11 4.75
C LEU A 34 -1.93 4.52 4.13
N ALA A 35 -0.81 5.21 4.08
CA ALA A 35 -0.81 6.57 3.46
C ALA A 35 0.26 6.63 2.39
N ILE A 36 -0.13 6.80 1.16
CA ILE A 36 0.88 6.85 0.07
C ILE A 36 1.07 8.29 -0.40
N ASN A 37 2.27 8.71 -0.61
CA ASN A 37 2.51 10.10 -1.08
C ASN A 37 1.68 11.11 -0.26
N GLN A 38 1.61 10.92 1.04
CA GLN A 38 0.86 11.87 1.95
C GLN A 38 -0.67 11.70 1.83
N GLN A 39 -1.16 10.82 1.02
CA GLN A 39 -2.64 10.65 0.95
C GLN A 39 -3.05 9.36 1.66
N ILE A 40 -3.68 9.49 2.79
CA ILE A 40 -4.12 8.26 3.50
C ILE A 40 -5.31 7.65 2.77
N VAL A 41 -5.16 6.47 2.25
CA VAL A 41 -6.29 5.85 1.50
C VAL A 41 -6.97 4.82 2.35
N PRO A 42 -8.22 4.64 2.10
CA PRO A 42 -8.95 3.64 2.84
C PRO A 42 -8.74 2.27 2.23
N ARG A 43 -8.32 1.38 3.06
CA ARG A 43 -8.05 -0.03 2.66
C ARG A 43 -8.86 -0.45 1.44
N GLU A 44 -10.14 -0.29 1.53
CA GLU A 44 -11.04 -0.68 0.42
C GLU A 44 -10.46 -0.28 -0.95
N GLN A 45 -9.97 0.91 -1.07
CA GLN A 45 -9.41 1.35 -2.39
C GLN A 45 -8.10 0.63 -2.73
N TRP A 46 -7.41 0.09 -1.77
CA TRP A 46 -6.15 -0.62 -2.08
C TRP A 46 -6.32 -1.46 -3.35
N ALA A 47 -7.50 -1.97 -3.56
CA ALA A 47 -7.74 -2.81 -4.77
C ALA A 47 -8.01 -1.94 -6.00
N GLN A 48 -8.29 -0.68 -5.79
CA GLN A 48 -8.54 0.23 -6.94
C GLN A 48 -7.56 1.40 -6.85
N HIS A 49 -6.56 1.25 -6.03
CA HIS A 49 -5.56 2.33 -5.85
C HIS A 49 -4.24 1.96 -6.52
N ILE A 50 -4.15 2.14 -7.81
CA ILE A 50 -2.93 1.80 -8.58
C ILE A 50 -1.68 2.45 -8.00
N VAL A 51 -0.67 1.67 -7.79
CA VAL A 51 0.61 2.18 -7.22
C VAL A 51 1.51 2.68 -8.36
N GLN A 52 2.26 3.73 -8.12
CA GLN A 52 3.12 4.29 -9.19
C GLN A 52 4.61 4.03 -8.98
N ASP A 53 5.32 3.76 -10.03
CA ASP A 53 6.78 3.56 -9.94
C ASP A 53 7.38 4.62 -9.03
N GLY A 54 7.67 4.25 -7.83
CA GLY A 54 8.24 5.22 -6.85
C GLY A 54 7.16 5.48 -5.81
N ASP A 55 6.15 4.67 -5.81
CA ASP A 55 5.03 4.83 -4.84
C ASP A 55 5.49 4.82 -3.38
N GLN A 56 5.10 5.81 -2.62
CA GLN A 56 5.46 5.84 -1.17
C GLN A 56 4.30 5.27 -0.35
N ILE A 57 4.57 4.70 0.78
CA ILE A 57 3.45 4.14 1.58
C ILE A 57 3.63 4.39 3.08
N LEU A 58 2.53 4.57 3.75
CA LEU A 58 2.57 4.74 5.23
C LEU A 58 1.80 3.56 5.80
N LEU A 59 2.28 2.89 6.80
CA LEU A 59 1.51 1.71 7.32
C LEU A 59 0.87 2.00 8.67
N PHE A 60 -0.44 1.83 8.75
CA PHE A 60 -1.17 2.07 10.01
C PHE A 60 -1.61 0.74 10.63
N GLN A 61 -1.53 0.61 11.93
CA GLN A 61 -1.95 -0.67 12.58
C GLN A 61 -3.34 -0.50 13.22
N VAL A 62 -4.17 -1.50 13.10
CA VAL A 62 -5.54 -1.42 13.71
C VAL A 62 -6.36 -2.65 13.33
N ILE A 63 -6.84 -3.38 14.30
CA ILE A 63 -7.69 -4.56 14.02
C ILE A 63 -9.03 -4.28 14.66
N ALA A 64 -9.95 -3.78 13.90
CA ALA A 64 -11.26 -3.43 14.49
C ALA A 64 -12.39 -4.30 13.92
N GLY A 65 -13.48 -4.39 14.62
CA GLY A 65 -14.60 -5.22 14.15
C GLY A 65 -14.90 -4.87 12.69
N GLY A 66 -15.39 -5.82 11.93
CA GLY A 66 -15.70 -5.52 10.50
C GLY A 66 -16.39 -6.74 9.87
N MET A 1 -6.60 1.92 12.52
CA MET A 1 -5.22 1.47 12.15
C MET A 1 -4.37 2.68 11.79
N GLN A 2 -3.10 2.47 11.60
CA GLN A 2 -2.23 3.61 11.21
C GLN A 2 -1.15 3.12 10.29
N ILE A 3 -0.71 3.94 9.41
CA ILE A 3 0.27 3.46 8.45
C ILE A 3 1.20 4.57 8.00
N LEU A 4 2.14 4.21 7.20
CA LEU A 4 3.02 5.24 6.62
C LEU A 4 2.93 5.12 5.12
N PHE A 5 2.28 6.04 4.49
CA PHE A 5 2.17 5.96 3.01
C PHE A 5 3.10 6.98 2.39
N ASN A 6 4.22 6.56 1.87
CA ASN A 6 5.17 7.53 1.27
C ASN A 6 5.64 8.51 2.33
N ASP A 7 6.18 7.98 3.38
CA ASP A 7 6.67 8.83 4.50
C ASP A 7 5.53 9.66 5.04
N GLN A 8 4.33 9.29 4.73
CA GLN A 8 3.20 10.05 5.28
C GLN A 8 2.42 9.18 6.25
N ALA A 9 2.34 9.56 7.49
CA ALA A 9 1.58 8.71 8.45
C ALA A 9 0.08 8.78 8.15
N MET A 10 -0.62 7.71 8.40
CA MET A 10 -2.09 7.68 8.10
C MET A 10 -2.86 6.91 9.18
N GLN A 11 -4.14 6.84 9.00
CA GLN A 11 -4.98 6.05 9.90
C GLN A 11 -6.15 5.50 9.10
N CYS A 12 -6.23 4.23 9.06
CA CYS A 12 -7.30 3.56 8.25
C CYS A 12 -7.74 2.25 8.90
N ALA A 13 -8.27 1.35 8.10
CA ALA A 13 -8.78 0.06 8.65
C ALA A 13 -7.72 -1.03 8.74
N ALA A 14 -7.29 -1.35 9.93
CA ALA A 14 -6.29 -2.45 10.06
C ALA A 14 -6.92 -3.75 9.58
N GLY A 15 -6.16 -4.56 8.92
CA GLY A 15 -6.72 -5.83 8.41
C GLY A 15 -7.28 -5.59 7.01
N GLN A 16 -7.19 -4.37 6.54
CA GLN A 16 -7.71 -4.06 5.19
C GLN A 16 -6.55 -4.17 4.18
N THR A 17 -6.67 -4.98 3.16
CA THR A 17 -5.53 -5.09 2.21
C THR A 17 -5.08 -3.73 1.71
N VAL A 18 -4.29 -3.77 0.70
CA VAL A 18 -3.79 -2.55 0.04
C VAL A 18 -4.89 -2.01 -0.82
N HIS A 19 -5.40 -2.85 -1.68
CA HIS A 19 -6.55 -2.45 -2.49
C HIS A 19 -7.53 -1.87 -1.51
N GLU A 20 -7.46 -2.39 -0.32
CA GLU A 20 -8.33 -1.91 0.78
C GLU A 20 -7.71 -0.66 1.41
N LEU A 21 -6.42 -0.66 1.59
CA LEU A 21 -5.76 0.52 2.21
C LEU A 21 -5.76 1.66 1.20
N LEU A 22 -5.16 1.44 0.07
CA LEU A 22 -5.15 2.48 -1.00
C LEU A 22 -6.55 3.09 -1.11
N GLU A 23 -7.52 2.24 -1.30
CA GLU A 23 -8.92 2.73 -1.42
C GLU A 23 -9.28 3.64 -0.24
N GLN A 24 -8.91 3.25 0.97
CA GLN A 24 -9.21 4.12 2.14
C GLN A 24 -8.52 5.45 1.92
N LEU A 25 -7.28 5.38 1.57
CA LEU A 25 -6.49 6.60 1.29
C LEU A 25 -7.08 7.28 0.07
N ASP A 26 -7.86 6.56 -0.69
CA ASP A 26 -8.47 7.11 -1.93
C ASP A 26 -7.39 7.25 -3.00
N GLN A 27 -6.57 6.26 -3.10
CA GLN A 27 -5.48 6.27 -4.11
C GLN A 27 -5.44 4.88 -4.77
N ARG A 28 -4.98 4.78 -5.99
CA ARG A 28 -4.96 3.44 -6.63
C ARG A 28 -3.58 3.15 -7.23
N GLN A 29 -3.47 3.09 -8.52
CA GLN A 29 -2.15 2.79 -9.12
C GLN A 29 -2.16 3.02 -10.63
N ALA A 30 -2.89 2.21 -11.36
CA ALA A 30 -2.90 2.37 -12.84
C ALA A 30 -1.46 2.28 -13.33
N GLY A 31 -0.61 1.72 -12.54
CA GLY A 31 0.80 1.63 -12.91
C GLY A 31 1.64 1.94 -11.68
N ALA A 32 1.31 1.35 -10.56
CA ALA A 32 2.07 1.65 -9.31
C ALA A 32 2.49 0.36 -8.60
N ALA A 33 3.37 0.51 -7.64
CA ALA A 33 3.82 -0.64 -6.83
C ALA A 33 4.22 -0.10 -5.46
N LEU A 34 4.27 -0.89 -4.43
CA LEU A 34 4.60 -0.29 -3.12
C LEU A 34 5.36 -1.25 -2.20
N ALA A 35 6.10 -0.71 -1.25
CA ALA A 35 6.86 -1.59 -0.32
C ALA A 35 6.39 -1.34 1.10
N ILE A 36 5.83 -2.32 1.74
CA ILE A 36 5.36 -2.10 3.12
C ILE A 36 6.35 -2.66 4.13
N ASN A 37 6.67 -1.91 5.15
CA ASN A 37 7.64 -2.42 6.16
C ASN A 37 8.93 -2.90 5.48
N GLN A 38 9.26 -2.34 4.34
CA GLN A 38 10.51 -2.73 3.59
C GLN A 38 10.30 -3.91 2.64
N GLN A 39 9.13 -4.50 2.62
CA GLN A 39 8.94 -5.64 1.67
C GLN A 39 8.21 -5.12 0.43
N ILE A 40 8.88 -5.06 -0.68
CA ILE A 40 8.21 -4.56 -1.91
C ILE A 40 7.22 -5.62 -2.41
N VAL A 41 5.96 -5.38 -2.21
CA VAL A 41 4.94 -6.36 -2.65
C VAL A 41 4.48 -6.05 -4.04
N PRO A 42 4.16 -7.08 -4.74
CA PRO A 42 3.65 -6.91 -6.08
C PRO A 42 2.21 -6.43 -6.04
N ARG A 43 1.99 -5.36 -6.67
CA ARG A 43 0.63 -4.74 -6.74
C ARG A 43 -0.47 -5.78 -6.78
N GLU A 44 -0.33 -6.72 -7.64
CA GLU A 44 -1.36 -7.77 -7.81
C GLU A 44 -1.87 -8.31 -6.46
N GLN A 45 -1.09 -8.23 -5.43
CA GLN A 45 -1.56 -8.75 -4.11
C GLN A 45 -2.29 -7.67 -3.31
N TRP A 46 -2.10 -6.42 -3.64
CA TRP A 46 -2.79 -5.36 -2.88
C TRP A 46 -4.24 -5.75 -2.58
N ALA A 47 -4.83 -6.50 -3.46
CA ALA A 47 -6.24 -6.92 -3.25
C ALA A 47 -6.33 -8.07 -2.25
N GLN A 48 -5.26 -8.79 -2.08
CA GLN A 48 -5.26 -9.91 -1.10
C GLN A 48 -4.15 -9.66 -0.09
N HIS A 49 -3.59 -8.48 -0.11
CA HIS A 49 -2.49 -8.15 0.80
C HIS A 49 -3.02 -7.40 2.03
N ILE A 50 -3.62 -8.11 2.95
CA ILE A 50 -4.18 -7.45 4.17
C ILE A 50 -3.12 -6.58 4.84
N VAL A 51 -3.47 -5.35 5.08
CA VAL A 51 -2.53 -4.38 5.72
C VAL A 51 -2.73 -4.37 7.24
N GLN A 52 -1.68 -4.13 7.99
CA GLN A 52 -1.80 -4.16 9.48
C GLN A 52 -1.79 -2.76 10.10
N ASP A 53 -2.44 -2.61 11.22
CA ASP A 53 -2.44 -1.30 11.92
C ASP A 53 -0.99 -0.94 12.25
N GLY A 54 -0.52 0.06 11.60
CA GLY A 54 0.89 0.48 11.76
C GLY A 54 1.58 0.15 10.44
N ASP A 55 0.80 -0.19 9.45
CA ASP A 55 1.37 -0.58 8.13
C ASP A 55 2.25 0.52 7.53
N GLN A 56 3.45 0.19 7.17
CA GLN A 56 4.33 1.19 6.51
C GLN A 56 4.26 0.97 5.00
N ILE A 57 4.44 1.98 4.21
CA ILE A 57 4.32 1.77 2.74
C ILE A 57 5.37 2.55 1.94
N LEU A 58 5.86 1.96 0.89
CA LEU A 58 6.80 2.66 -0.01
C LEU A 58 6.12 2.74 -1.37
N LEU A 59 5.94 3.89 -1.93
CA LEU A 59 5.21 3.95 -3.23
C LEU A 59 6.16 3.98 -4.44
N PHE A 60 5.79 3.28 -5.47
CA PHE A 60 6.61 3.24 -6.71
C PHE A 60 5.78 3.71 -7.89
N GLN A 61 6.38 4.31 -8.87
CA GLN A 61 5.61 4.80 -10.06
C GLN A 61 5.64 3.76 -11.18
N VAL A 62 4.68 3.84 -12.07
CA VAL A 62 4.63 2.88 -13.22
C VAL A 62 6.03 2.48 -13.68
N ILE A 63 6.15 1.31 -14.24
CA ILE A 63 7.49 0.86 -14.70
C ILE A 63 7.43 0.64 -16.22
N ALA A 64 7.79 1.63 -16.96
CA ALA A 64 7.75 1.49 -18.44
C ALA A 64 9.11 1.84 -19.06
N GLY A 65 9.84 0.86 -19.52
CA GLY A 65 11.16 1.14 -20.13
C GLY A 65 11.18 0.56 -21.54
N GLY A 66 12.30 0.06 -21.97
CA GLY A 66 12.39 -0.54 -23.33
C GLY A 66 12.42 -2.06 -23.23
N MET A 1 10.12 -0.49 -10.61
CA MET A 1 9.42 0.53 -9.79
C MET A 1 9.86 0.46 -8.34
N GLN A 2 9.58 1.49 -7.58
CA GLN A 2 9.98 1.44 -6.16
C GLN A 2 8.98 2.16 -5.29
N ILE A 3 8.99 1.87 -4.03
CA ILE A 3 8.02 2.49 -3.14
C ILE A 3 8.60 2.67 -1.75
N LEU A 4 7.88 3.34 -0.93
CA LEU A 4 8.31 3.47 0.47
C LEU A 4 7.17 2.96 1.31
N PHE A 5 7.32 1.82 1.89
CA PHE A 5 6.21 1.30 2.70
C PHE A 5 6.54 1.51 4.18
N ASN A 6 5.94 2.50 4.79
CA ASN A 6 6.24 2.78 6.22
C ASN A 6 7.73 3.11 6.38
N ASP A 7 8.13 4.13 5.70
CA ASP A 7 9.54 4.60 5.72
C ASP A 7 10.49 3.48 5.29
N GLN A 8 9.95 2.44 4.70
CA GLN A 8 10.81 1.32 4.21
C GLN A 8 10.82 1.36 2.68
N ALA A 9 11.95 1.42 2.05
CA ALA A 9 11.97 1.47 0.56
C ALA A 9 11.75 0.10 -0.06
N MET A 10 11.13 0.07 -1.22
CA MET A 10 10.84 -1.24 -1.89
C MET A 10 10.85 -1.16 -3.41
N GLN A 11 10.81 -2.31 -4.05
CA GLN A 11 10.69 -2.32 -5.55
C GLN A 11 9.72 -3.42 -5.96
N CYS A 12 8.66 -3.00 -6.53
CA CYS A 12 7.59 -3.94 -6.96
C CYS A 12 7.11 -3.67 -8.38
N ALA A 13 5.97 -4.19 -8.74
CA ALA A 13 5.44 -4.04 -10.12
C ALA A 13 4.78 -2.68 -10.37
N ALA A 14 5.50 -1.74 -10.93
CA ALA A 14 4.83 -0.43 -11.23
C ALA A 14 3.51 -0.67 -11.96
N GLY A 15 2.54 0.13 -11.65
CA GLY A 15 1.20 0.00 -12.28
C GLY A 15 0.37 -1.00 -11.48
N GLN A 16 0.91 -1.51 -10.42
CA GLN A 16 0.16 -2.48 -9.59
C GLN A 16 -0.59 -1.75 -8.46
N THR A 17 -1.85 -2.02 -8.26
CA THR A 17 -2.54 -1.28 -7.17
C THR A 17 -1.94 -1.59 -5.82
N VAL A 18 -2.64 -1.21 -4.81
CA VAL A 18 -2.22 -1.47 -3.42
C VAL A 18 -2.52 -2.90 -3.10
N HIS A 19 -3.75 -3.28 -3.35
CA HIS A 19 -4.11 -4.69 -3.16
C HIS A 19 -3.02 -5.45 -3.88
N GLU A 20 -2.48 -4.81 -4.89
CA GLU A 20 -1.35 -5.44 -5.64
C GLU A 20 -0.03 -5.15 -4.90
N LEU A 21 0.15 -3.95 -4.41
CA LEU A 21 1.38 -3.62 -3.67
C LEU A 21 1.43 -4.46 -2.39
N LEU A 22 0.46 -4.33 -1.53
CA LEU A 22 0.45 -5.15 -0.29
C LEU A 22 0.70 -6.60 -0.64
N GLU A 23 -0.04 -7.08 -1.56
CA GLU A 23 0.08 -8.50 -2.00
C GLU A 23 1.54 -8.82 -2.32
N GLN A 24 2.20 -7.98 -3.06
CA GLN A 24 3.63 -8.25 -3.40
C GLN A 24 4.43 -8.33 -2.12
N LEU A 25 4.18 -7.37 -1.28
CA LEU A 25 4.88 -7.29 0.00
C LEU A 25 4.39 -8.43 0.90
N ASP A 26 3.27 -9.00 0.54
CA ASP A 26 2.69 -10.16 1.30
C ASP A 26 1.95 -9.69 2.54
N GLN A 27 1.25 -8.61 2.45
CA GLN A 27 0.49 -8.16 3.63
C GLN A 27 -0.95 -7.90 3.24
N ARG A 28 -1.84 -8.79 3.55
CA ARG A 28 -3.25 -8.52 3.19
C ARG A 28 -3.73 -7.30 3.92
N GLN A 29 -3.10 -7.01 5.02
CA GLN A 29 -3.46 -5.85 5.88
C GLN A 29 -4.66 -6.22 6.76
N ALA A 30 -5.50 -7.10 6.30
CA ALA A 30 -6.67 -7.54 7.11
C ALA A 30 -7.33 -6.36 7.81
N GLY A 31 -7.18 -5.18 7.32
CA GLY A 31 -7.84 -4.04 8.02
C GLY A 31 -6.86 -2.87 8.20
N ALA A 32 -5.92 -2.71 7.31
CA ALA A 32 -4.94 -1.59 7.45
C ALA A 32 -5.37 -0.41 6.57
N ALA A 33 -4.74 0.70 6.73
CA ALA A 33 -5.05 1.87 5.88
C ALA A 33 -3.71 2.48 5.48
N LEU A 34 -3.62 3.18 4.38
CA LEU A 34 -2.28 3.67 4.00
C LEU A 34 -2.30 5.04 3.29
N ALA A 35 -1.21 5.77 3.37
CA ALA A 35 -1.16 7.08 2.68
C ALA A 35 -0.05 7.09 1.65
N ILE A 36 -0.40 7.20 0.40
CA ILE A 36 0.68 7.21 -0.62
C ILE A 36 0.98 8.62 -1.07
N ASN A 37 2.24 8.97 -1.17
CA ASN A 37 2.55 10.35 -1.60
C ASN A 37 1.80 11.33 -0.70
N GLN A 38 1.43 10.88 0.48
CA GLN A 38 0.68 11.73 1.46
C GLN A 38 -0.83 11.65 1.22
N GLN A 39 -1.27 10.68 0.47
CA GLN A 39 -2.74 10.55 0.24
C GLN A 39 -3.24 9.31 0.95
N ILE A 40 -3.96 9.48 2.01
CA ILE A 40 -4.49 8.31 2.74
C ILE A 40 -5.68 7.74 1.95
N VAL A 41 -5.50 6.61 1.35
CA VAL A 41 -6.63 6.02 0.57
C VAL A 41 -7.33 4.95 1.38
N PRO A 42 -8.59 4.83 1.15
CA PRO A 42 -9.33 3.81 1.86
C PRO A 42 -9.04 2.43 1.30
N ARG A 43 -8.62 1.57 2.16
CA ARG A 43 -8.29 0.16 1.79
C ARG A 43 -9.04 -0.33 0.55
N GLU A 44 -10.32 -0.19 0.55
CA GLU A 44 -11.14 -0.69 -0.58
C GLU A 44 -10.55 -0.23 -1.93
N GLN A 45 -10.09 0.98 -2.00
CA GLN A 45 -9.48 1.47 -3.27
C GLN A 45 -8.20 0.70 -3.59
N TRP A 46 -7.49 0.26 -2.58
CA TRP A 46 -6.24 -0.49 -2.82
C TRP A 46 -6.44 -1.47 -3.98
N ALA A 47 -7.59 -2.06 -4.04
CA ALA A 47 -7.87 -3.04 -5.12
C ALA A 47 -7.91 -2.37 -6.49
N GLN A 48 -8.03 -1.08 -6.52
CA GLN A 48 -8.08 -0.39 -7.85
C GLN A 48 -7.17 0.84 -7.78
N HIS A 49 -6.36 0.90 -6.76
CA HIS A 49 -5.44 2.05 -6.57
C HIS A 49 -4.05 1.71 -7.12
N ILE A 50 -3.89 1.79 -8.41
CA ILE A 50 -2.60 1.47 -9.08
C ILE A 50 -1.45 2.23 -8.43
N VAL A 51 -0.44 1.52 -8.10
CA VAL A 51 0.74 2.11 -7.47
C VAL A 51 1.76 2.45 -8.54
N GLN A 52 2.50 3.50 -8.35
CA GLN A 52 3.49 3.89 -9.38
C GLN A 52 4.93 3.77 -8.89
N ASP A 53 5.84 3.60 -9.80
CA ASP A 53 7.27 3.55 -9.42
C ASP A 53 7.59 4.80 -8.62
N GLY A 54 7.93 4.61 -7.41
CA GLY A 54 8.19 5.73 -6.49
C GLY A 54 7.02 5.72 -5.53
N ASP A 55 6.22 4.70 -5.62
CA ASP A 55 5.04 4.60 -4.74
C ASP A 55 5.42 4.84 -3.28
N GLN A 56 5.14 5.96 -2.75
CA GLN A 56 5.45 6.17 -1.32
C GLN A 56 4.23 5.71 -0.52
N ILE A 57 4.41 5.20 0.66
CA ILE A 57 3.22 4.72 1.40
C ILE A 57 3.30 5.02 2.89
N LEU A 58 2.16 5.23 3.49
CA LEU A 58 2.11 5.46 4.95
C LEU A 58 1.20 4.40 5.54
N LEU A 59 1.63 3.63 6.48
CA LEU A 59 0.73 2.55 7.00
C LEU A 59 0.15 2.88 8.37
N PHE A 60 -1.14 2.73 8.46
CA PHE A 60 -1.86 2.93 9.74
C PHE A 60 -2.94 1.83 9.76
N GLN A 61 -2.88 0.89 10.67
CA GLN A 61 -3.88 -0.22 10.64
C GLN A 61 -4.42 -0.58 12.01
N VAL A 62 -5.37 -1.48 12.01
CA VAL A 62 -5.97 -1.99 13.27
C VAL A 62 -6.48 -3.40 13.01
N ILE A 63 -6.41 -4.29 13.96
CA ILE A 63 -6.89 -5.66 13.67
C ILE A 63 -8.01 -6.03 14.62
N ALA A 64 -9.24 -5.90 14.18
CA ALA A 64 -10.38 -6.21 15.07
C ALA A 64 -11.33 -7.23 14.40
N GLY A 65 -11.50 -8.40 14.97
CA GLY A 65 -12.41 -9.42 14.34
C GLY A 65 -11.59 -10.44 13.53
N GLY A 66 -11.96 -10.69 12.29
CA GLY A 66 -11.18 -11.64 11.47
C GLY A 66 -11.70 -13.06 11.70
N MET A 1 9.83 -0.33 -11.06
CA MET A 1 9.32 0.76 -10.19
C MET A 1 9.81 0.58 -8.75
N GLN A 2 9.60 1.56 -7.92
CA GLN A 2 10.04 1.42 -6.51
C GLN A 2 9.10 2.16 -5.60
N ILE A 3 9.10 1.77 -4.36
CA ILE A 3 8.15 2.37 -3.42
C ILE A 3 8.74 2.47 -2.04
N LEU A 4 7.97 3.03 -1.17
CA LEU A 4 8.38 3.08 0.25
C LEU A 4 7.24 2.46 1.06
N PHE A 5 7.44 1.28 1.56
CA PHE A 5 6.36 0.65 2.37
C PHE A 5 6.73 0.71 3.84
N ASN A 6 6.12 1.58 4.57
CA ASN A 6 6.45 1.71 6.01
C ASN A 6 7.91 2.11 6.13
N ASP A 7 8.25 3.16 5.48
CA ASP A 7 9.63 3.66 5.51
C ASP A 7 10.58 2.58 5.00
N GLN A 8 10.06 1.65 4.26
CA GLN A 8 10.94 0.58 3.69
C GLN A 8 10.91 0.67 2.18
N ALA A 9 12.02 0.95 1.58
CA ALA A 9 12.06 1.08 0.10
C ALA A 9 11.84 -0.26 -0.60
N MET A 10 11.22 -0.23 -1.73
CA MET A 10 10.92 -1.49 -2.48
C MET A 10 10.99 -1.31 -4.00
N GLN A 11 10.79 -2.39 -4.70
CA GLN A 11 10.70 -2.33 -6.18
C GLN A 11 9.66 -3.35 -6.59
N CYS A 12 8.64 -2.90 -7.22
CA CYS A 12 7.55 -3.82 -7.64
C CYS A 12 6.90 -3.36 -8.94
N ALA A 13 5.71 -3.82 -9.18
CA ALA A 13 5.01 -3.46 -10.44
C ALA A 13 4.47 -2.03 -10.43
N ALA A 14 5.06 -1.16 -11.18
CA ALA A 14 4.52 0.23 -11.25
C ALA A 14 3.17 0.22 -11.96
N GLY A 15 2.28 1.09 -11.58
CA GLY A 15 0.95 1.11 -12.22
C GLY A 15 0.05 0.06 -11.59
N GLN A 16 0.57 -0.66 -10.63
CA GLN A 16 -0.24 -1.70 -9.94
C GLN A 16 -0.89 -1.08 -8.70
N THR A 17 -2.15 -1.29 -8.44
CA THR A 17 -2.74 -0.65 -7.24
C THR A 17 -2.04 -1.12 -5.98
N VAL A 18 -2.68 -0.86 -4.89
CA VAL A 18 -2.22 -1.29 -3.54
C VAL A 18 -2.53 -2.73 -3.38
N HIS A 19 -3.79 -3.07 -3.55
CA HIS A 19 -4.18 -4.47 -3.48
C HIS A 19 -3.23 -5.19 -4.40
N GLU A 20 -2.77 -4.45 -5.38
CA GLU A 20 -1.77 -5.03 -6.32
C GLU A 20 -0.37 -4.85 -5.72
N LEU A 21 -0.14 -3.74 -5.05
CA LEU A 21 1.18 -3.51 -4.42
C LEU A 21 1.35 -4.50 -3.26
N LEU A 22 0.46 -4.43 -2.30
CA LEU A 22 0.53 -5.37 -1.14
C LEU A 22 0.66 -6.80 -1.63
N GLU A 23 -0.26 -7.20 -2.45
CA GLU A 23 -0.25 -8.58 -2.99
C GLU A 23 1.06 -8.84 -3.73
N GLN A 24 1.54 -7.87 -4.47
CA GLN A 24 2.84 -8.08 -5.19
C GLN A 24 3.94 -8.26 -4.17
N LEU A 25 3.94 -7.43 -3.16
CA LEU A 25 4.97 -7.55 -2.10
C LEU A 25 4.78 -8.89 -1.39
N ASP A 26 3.60 -9.48 -1.55
CA ASP A 26 3.27 -10.77 -0.89
C ASP A 26 2.88 -10.52 0.57
N GLN A 27 2.22 -9.42 0.79
CA GLN A 27 1.77 -9.08 2.17
C GLN A 27 0.34 -8.56 2.09
N ARG A 28 -0.58 -9.20 2.76
CA ARG A 28 -1.97 -8.75 2.68
C ARG A 28 -2.23 -7.63 3.70
N GLN A 29 -3.04 -7.88 4.68
CA GLN A 29 -3.36 -6.83 5.68
C GLN A 29 -4.47 -7.29 6.61
N ALA A 30 -5.39 -8.07 6.12
CA ALA A 30 -6.53 -8.52 6.97
C ALA A 30 -7.41 -7.31 7.30
N GLY A 31 -6.89 -6.39 8.06
CA GLY A 31 -7.66 -5.16 8.42
C GLY A 31 -6.68 -4.01 8.55
N ALA A 32 -5.60 -4.07 7.83
CA ALA A 32 -4.57 -2.98 7.89
C ALA A 32 -5.00 -1.80 7.02
N ALA A 33 -4.37 -0.68 7.22
CA ALA A 33 -4.69 0.51 6.39
C ALA A 33 -3.38 1.19 6.01
N LEU A 34 -3.37 2.04 5.03
CA LEU A 34 -2.07 2.66 4.66
C LEU A 34 -2.23 4.07 4.08
N ALA A 35 -1.15 4.81 4.02
CA ALA A 35 -1.23 6.18 3.43
C ALA A 35 -0.13 6.32 2.38
N ILE A 36 -0.49 6.53 1.15
CA ILE A 36 0.57 6.64 0.10
C ILE A 36 0.90 8.11 -0.18
N ASN A 37 2.14 8.45 -0.32
CA ASN A 37 2.47 9.87 -0.59
C ASN A 37 1.90 10.75 0.52
N GLN A 38 1.67 10.15 1.68
CA GLN A 38 1.10 10.89 2.86
C GLN A 38 -0.43 10.93 2.78
N GLN A 39 -1.00 10.43 1.72
CA GLN A 39 -2.48 10.43 1.64
C GLN A 39 -3.01 9.13 2.24
N ILE A 40 -3.68 9.21 3.35
CA ILE A 40 -4.21 7.96 3.93
C ILE A 40 -5.38 7.48 3.10
N VAL A 41 -5.25 6.36 2.48
CA VAL A 41 -6.36 5.85 1.65
C VAL A 41 -7.02 4.69 2.32
N PRO A 42 -8.29 4.63 2.14
CA PRO A 42 -9.03 3.52 2.71
C PRO A 42 -8.76 2.24 1.97
N ARG A 43 -8.32 1.29 2.70
CA ARG A 43 -8.00 -0.06 2.16
C ARG A 43 -8.81 -0.40 0.90
N GLU A 44 -10.09 -0.36 1.01
CA GLU A 44 -10.95 -0.69 -0.16
C GLU A 44 -10.39 -0.09 -1.45
N GLN A 45 -9.94 1.13 -1.42
CA GLN A 45 -9.40 1.76 -2.65
C GLN A 45 -8.12 1.04 -3.10
N TRP A 46 -7.39 0.45 -2.18
CA TRP A 46 -6.15 -0.27 -2.57
C TRP A 46 -6.36 -1.05 -3.88
N ALA A 47 -7.51 -1.61 -4.04
CA ALA A 47 -7.80 -2.40 -5.27
C ALA A 47 -7.96 -1.51 -6.49
N GLN A 48 -8.01 -0.22 -6.30
CA GLN A 48 -8.18 0.70 -7.45
C GLN A 48 -7.15 1.82 -7.38
N HIS A 49 -6.34 1.81 -6.37
CA HIS A 49 -5.32 2.87 -6.20
C HIS A 49 -4.02 2.50 -6.92
N ILE A 50 -4.00 2.62 -8.22
CA ILE A 50 -2.78 2.26 -8.99
C ILE A 50 -1.56 2.94 -8.39
N VAL A 51 -0.55 2.17 -8.14
CA VAL A 51 0.70 2.69 -7.52
C VAL A 51 1.71 3.08 -8.62
N GLN A 52 2.50 4.09 -8.37
CA GLN A 52 3.50 4.52 -9.41
C GLN A 52 4.94 4.30 -8.98
N ASP A 53 5.82 4.18 -9.94
CA ASP A 53 7.26 4.01 -9.63
C ASP A 53 7.72 5.19 -8.79
N GLY A 54 8.01 4.92 -7.58
CA GLY A 54 8.40 5.98 -6.62
C GLY A 54 7.27 6.04 -5.61
N ASP A 55 6.38 5.07 -5.69
CA ASP A 55 5.22 5.03 -4.78
C ASP A 55 5.65 5.14 -3.31
N GLN A 56 4.84 5.73 -2.50
CA GLN A 56 5.18 5.84 -1.06
C GLN A 56 4.05 5.21 -0.25
N ILE A 57 4.34 4.61 0.87
CA ILE A 57 3.23 3.97 1.62
C ILE A 57 3.37 4.14 3.14
N LEU A 58 2.27 4.45 3.79
CA LEU A 58 2.27 4.56 5.27
C LEU A 58 1.46 3.37 5.81
N LEU A 59 1.79 2.85 6.95
CA LEU A 59 1.03 1.67 7.44
C LEU A 59 0.24 1.93 8.72
N PHE A 60 -0.94 1.37 8.77
CA PHE A 60 -1.81 1.51 9.98
C PHE A 60 -2.14 0.11 10.49
N GLN A 61 -2.37 -0.03 11.78
CA GLN A 61 -2.64 -1.41 12.33
C GLN A 61 -4.12 -1.76 12.35
N VAL A 62 -4.41 -3.04 12.25
CA VAL A 62 -5.83 -3.51 12.28
C VAL A 62 -6.60 -2.79 13.39
N ILE A 63 -7.87 -2.56 13.17
CA ILE A 63 -8.68 -1.89 14.21
C ILE A 63 -9.82 -2.83 14.62
N ALA A 64 -9.63 -3.59 15.65
CA ALA A 64 -10.69 -4.53 16.08
C ALA A 64 -11.07 -4.27 17.54
N GLY A 65 -12.11 -4.89 18.01
CA GLY A 65 -12.54 -4.68 19.42
C GLY A 65 -11.40 -5.07 20.37
N GLY A 66 -10.62 -6.03 20.00
CA GLY A 66 -9.49 -6.46 20.90
C GLY A 66 -8.27 -5.58 20.64
N MET A 1 -7.72 2.24 11.71
CA MET A 1 -6.32 1.72 11.73
C MET A 1 -5.33 2.87 11.57
N GLN A 2 -4.10 2.52 11.37
CA GLN A 2 -3.06 3.54 11.15
C GLN A 2 -1.98 2.96 10.28
N ILE A 3 -1.36 3.76 9.49
CA ILE A 3 -0.38 3.20 8.58
C ILE A 3 0.75 4.18 8.31
N LEU A 4 1.72 3.74 7.60
CA LEU A 4 2.80 4.66 7.25
C LEU A 4 2.93 4.67 5.73
N PHE A 5 2.51 5.73 5.12
CA PHE A 5 2.60 5.80 3.64
C PHE A 5 3.80 6.66 3.24
N ASN A 6 4.88 6.04 2.87
CA ASN A 6 6.09 6.81 2.51
C ASN A 6 6.52 7.66 3.70
N ASP A 7 6.79 7.00 4.77
CA ASP A 7 7.22 7.68 6.02
C ASP A 7 6.16 8.70 6.45
N GLN A 8 4.96 8.54 5.98
CA GLN A 8 3.86 9.47 6.39
C GLN A 8 2.86 8.66 7.22
N ALA A 9 2.56 9.09 8.42
CA ALA A 9 1.60 8.31 9.23
C ALA A 9 0.16 8.56 8.78
N MET A 10 -0.66 7.57 8.89
CA MET A 10 -2.09 7.71 8.43
C MET A 10 -3.07 6.97 9.34
N GLN A 11 -4.32 7.03 8.98
CA GLN A 11 -5.37 6.28 9.73
C GLN A 11 -6.48 5.90 8.76
N CYS A 12 -6.71 4.65 8.63
CA CYS A 12 -7.75 4.15 7.68
C CYS A 12 -8.28 2.77 8.08
N ALA A 13 -8.90 2.09 7.15
CA ALA A 13 -9.52 0.77 7.43
C ALA A 13 -8.53 -0.35 7.71
N ALA A 14 -8.43 -0.74 8.94
CA ALA A 14 -7.52 -1.87 9.30
C ALA A 14 -8.08 -3.17 8.74
N GLY A 15 -7.22 -4.05 8.33
CA GLY A 15 -7.69 -5.33 7.76
C GLY A 15 -8.00 -5.12 6.28
N GLN A 16 -7.86 -3.91 5.82
CA GLN A 16 -8.13 -3.62 4.38
C GLN A 16 -6.84 -3.80 3.58
N THR A 17 -6.84 -4.61 2.55
CA THR A 17 -5.57 -4.80 1.78
C THR A 17 -4.99 -3.48 1.33
N VAL A 18 -4.11 -3.59 0.38
CA VAL A 18 -3.46 -2.42 -0.26
C VAL A 18 -4.43 -1.82 -1.23
N HIS A 19 -4.91 -2.64 -2.14
CA HIS A 19 -5.92 -2.16 -3.07
C HIS A 19 -6.97 -1.49 -2.20
N GLU A 20 -7.04 -1.96 -0.99
CA GLU A 20 -7.97 -1.37 -0.01
C GLU A 20 -7.31 -0.16 0.66
N LEU A 21 -6.05 -0.26 0.99
CA LEU A 21 -5.35 0.89 1.63
C LEU A 21 -5.18 2.00 0.60
N LEU A 22 -4.51 1.70 -0.48
CA LEU A 22 -4.31 2.70 -1.56
C LEU A 22 -5.63 3.35 -1.92
N GLU A 23 -6.59 2.53 -2.23
CA GLU A 23 -7.93 3.08 -2.59
C GLU A 23 -8.42 4.01 -1.48
N GLN A 24 -8.25 3.64 -0.24
CA GLN A 24 -8.70 4.52 0.86
C GLN A 24 -7.88 5.81 0.84
N LEU A 25 -6.59 5.70 0.63
CA LEU A 25 -5.73 6.90 0.55
C LEU A 25 -6.10 7.66 -0.71
N ASP A 26 -6.63 6.94 -1.69
CA ASP A 26 -7.06 7.50 -3.02
C ASP A 26 -6.01 7.17 -4.08
N GLN A 27 -5.34 6.06 -3.93
CA GLN A 27 -4.30 5.69 -4.93
C GLN A 27 -4.64 4.34 -5.58
N ARG A 28 -4.35 4.20 -6.85
CA ARG A 28 -4.67 2.91 -7.53
C ARG A 28 -3.36 2.20 -7.90
N GLN A 29 -3.07 2.05 -9.17
CA GLN A 29 -1.81 1.36 -9.56
C GLN A 29 -1.24 1.94 -10.85
N ALA A 30 -1.91 1.73 -11.95
CA ALA A 30 -1.38 2.24 -13.24
C ALA A 30 0.06 1.82 -13.40
N GLY A 31 0.46 0.79 -12.70
CA GLY A 31 1.86 0.35 -12.83
C GLY A 31 2.63 0.71 -11.56
N ALA A 32 1.94 1.01 -10.48
CA ALA A 32 2.63 1.39 -9.22
C ALA A 32 3.07 0.16 -8.42
N ALA A 33 3.92 0.37 -7.45
CA ALA A 33 4.38 -0.76 -6.59
C ALA A 33 4.68 -0.19 -5.21
N LEU A 34 4.63 -0.99 -4.19
CA LEU A 34 4.88 -0.44 -2.84
C LEU A 34 5.58 -1.47 -1.95
N ALA A 35 6.14 -1.01 -0.86
CA ALA A 35 6.82 -1.97 0.06
C ALA A 35 6.32 -1.72 1.48
N ILE A 36 5.62 -2.66 2.04
CA ILE A 36 5.11 -2.45 3.43
C ILE A 36 6.06 -3.09 4.45
N ASN A 37 6.48 -2.34 5.42
CA ASN A 37 7.39 -2.90 6.45
C ASN A 37 8.68 -3.41 5.78
N GLN A 38 9.03 -2.82 4.67
CA GLN A 38 10.27 -3.21 3.90
C GLN A 38 9.97 -4.38 2.95
N GLN A 39 8.74 -4.79 2.82
CA GLN A 39 8.45 -5.91 1.89
C GLN A 39 7.83 -5.36 0.60
N ILE A 40 8.56 -5.36 -0.47
CA ILE A 40 7.98 -4.83 -1.73
C ILE A 40 7.01 -5.86 -2.30
N VAL A 41 5.74 -5.64 -2.14
CA VAL A 41 4.76 -6.62 -2.67
C VAL A 41 4.37 -6.24 -4.07
N PRO A 42 4.07 -7.24 -4.84
CA PRO A 42 3.64 -6.98 -6.20
C PRO A 42 2.26 -6.39 -6.24
N ARG A 43 2.18 -5.25 -6.83
CA ARG A 43 0.90 -4.51 -6.98
C ARG A 43 -0.32 -5.43 -6.95
N GLU A 44 -0.40 -6.31 -7.88
CA GLU A 44 -1.55 -7.24 -7.94
C GLU A 44 -1.92 -7.76 -6.55
N GLN A 45 -0.96 -8.20 -5.78
CA GLN A 45 -1.28 -8.71 -4.42
C GLN A 45 -2.01 -7.65 -3.60
N TRP A 46 -1.75 -6.40 -3.84
CA TRP A 46 -2.44 -5.32 -3.08
C TRP A 46 -3.90 -5.68 -2.82
N ALA A 47 -4.48 -6.44 -3.69
CA ALA A 47 -5.90 -6.82 -3.53
C ALA A 47 -6.08 -7.96 -2.53
N GLN A 48 -5.02 -8.67 -2.23
CA GLN A 48 -5.13 -9.77 -1.24
C GLN A 48 -4.15 -9.52 -0.10
N HIS A 49 -3.53 -8.38 -0.11
CA HIS A 49 -2.53 -8.07 0.94
C HIS A 49 -3.18 -7.27 2.08
N ILE A 50 -3.94 -7.93 2.91
CA ILE A 50 -4.60 -7.21 4.03
C ILE A 50 -3.60 -6.40 4.83
N VAL A 51 -3.93 -5.16 5.02
CA VAL A 51 -3.05 -4.21 5.76
C VAL A 51 -3.48 -4.16 7.23
N GLN A 52 -2.56 -4.00 8.14
CA GLN A 52 -2.94 -3.98 9.59
C GLN A 52 -2.79 -2.60 10.21
N ASP A 53 -3.57 -2.31 11.22
CA ASP A 53 -3.41 -1.00 11.89
C ASP A 53 -1.96 -0.89 12.37
N GLY A 54 -1.27 0.01 11.78
CA GLY A 54 0.17 0.20 12.03
C GLY A 54 0.86 -0.08 10.71
N ASP A 55 0.06 -0.36 9.69
CA ASP A 55 0.59 -0.65 8.33
C ASP A 55 1.76 0.24 7.95
N GLN A 56 2.67 -0.31 7.19
CA GLN A 56 3.85 0.45 6.72
C GLN A 56 3.85 0.43 5.20
N ILE A 57 4.22 1.48 4.53
CA ILE A 57 4.18 1.41 3.05
C ILE A 57 5.36 2.11 2.37
N LEU A 58 5.76 1.58 1.25
CA LEU A 58 6.82 2.21 0.43
C LEU A 58 6.19 2.50 -0.92
N LEU A 59 6.46 3.61 -1.54
CA LEU A 59 5.77 3.86 -2.86
C LEU A 59 6.75 3.75 -4.02
N PHE A 60 6.36 3.04 -5.05
CA PHE A 60 7.23 2.89 -6.24
C PHE A 60 6.51 3.51 -7.44
N GLN A 61 7.21 4.14 -8.33
CA GLN A 61 6.54 4.78 -9.49
C GLN A 61 6.41 3.82 -10.67
N VAL A 62 5.51 4.13 -11.56
CA VAL A 62 5.28 3.26 -12.75
C VAL A 62 6.59 2.83 -13.40
N ILE A 63 6.61 1.65 -13.96
CA ILE A 63 7.83 1.16 -14.65
C ILE A 63 7.46 0.88 -16.11
N ALA A 64 7.70 1.81 -16.97
CA ALA A 64 7.33 1.60 -18.40
C ALA A 64 8.55 1.74 -19.30
N GLY A 65 8.82 0.72 -20.08
CA GLY A 65 10.00 0.77 -21.00
C GLY A 65 11.21 0.16 -20.29
N GLY A 66 12.15 0.97 -19.91
CA GLY A 66 13.37 0.45 -19.22
C GLY A 66 12.95 -0.32 -17.96
N MET A 1 10.73 0.46 -10.64
CA MET A 1 9.69 0.93 -9.69
C MET A 1 10.21 0.90 -8.27
N GLN A 2 9.75 1.80 -7.47
CA GLN A 2 10.16 1.81 -6.06
C GLN A 2 9.06 2.42 -5.25
N ILE A 3 9.00 2.08 -4.02
CA ILE A 3 7.91 2.61 -3.23
C ILE A 3 8.36 2.83 -1.81
N LEU A 4 7.53 3.39 -1.03
CA LEU A 4 7.89 3.55 0.38
C LEU A 4 6.82 2.89 1.21
N PHE A 5 7.13 1.80 1.81
CA PHE A 5 6.12 1.13 2.65
C PHE A 5 6.50 1.34 4.12
N ASN A 6 5.85 2.24 4.80
CA ASN A 6 6.22 2.49 6.22
C ASN A 6 7.67 2.95 6.29
N ASP A 7 7.95 3.99 5.59
CA ASP A 7 9.33 4.56 5.57
C ASP A 7 10.32 3.47 5.14
N GLN A 8 9.83 2.46 4.49
CA GLN A 8 10.74 1.38 4.02
C GLN A 8 10.74 1.42 2.49
N ALA A 9 11.87 1.61 1.89
CA ALA A 9 11.89 1.69 0.40
C ALA A 9 11.76 0.31 -0.23
N MET A 10 11.11 0.26 -1.36
CA MET A 10 10.89 -1.05 -2.06
C MET A 10 11.03 -0.93 -3.57
N GLN A 11 10.77 -2.02 -4.24
CA GLN A 11 10.74 -2.03 -5.72
C GLN A 11 9.70 -3.06 -6.14
N CYS A 12 8.74 -2.63 -6.87
CA CYS A 12 7.65 -3.56 -7.29
C CYS A 12 7.20 -3.28 -8.73
N ALA A 13 6.03 -3.74 -9.06
CA ALA A 13 5.50 -3.54 -10.43
C ALA A 13 4.88 -2.16 -10.59
N ALA A 14 5.51 -1.29 -11.31
CA ALA A 14 4.91 0.06 -11.51
C ALA A 14 3.55 -0.06 -12.18
N GLY A 15 2.61 0.69 -11.72
CA GLY A 15 1.25 0.65 -12.32
C GLY A 15 0.42 -0.42 -11.61
N GLN A 16 0.98 -1.08 -10.64
CA GLN A 16 0.21 -2.12 -9.90
C GLN A 16 -0.47 -1.50 -8.67
N THR A 17 -1.75 -1.71 -8.47
CA THR A 17 -2.41 -1.11 -7.29
C THR A 17 -1.72 -1.50 -6.00
N VAL A 18 -2.41 -1.25 -4.95
CA VAL A 18 -1.95 -1.60 -3.59
C VAL A 18 -2.18 -3.06 -3.41
N HIS A 19 -3.40 -3.49 -3.60
CA HIS A 19 -3.69 -4.92 -3.52
C HIS A 19 -2.63 -5.58 -4.39
N GLU A 20 -2.19 -4.82 -5.37
CA GLU A 20 -1.11 -5.34 -6.27
C GLU A 20 0.25 -5.09 -5.64
N LEU A 21 0.42 -3.98 -4.97
CA LEU A 21 1.73 -3.71 -4.32
C LEU A 21 1.85 -4.58 -3.08
N LEU A 22 0.94 -4.42 -2.17
CA LEU A 22 0.97 -5.25 -0.93
C LEU A 22 1.23 -6.71 -1.29
N GLU A 23 0.45 -7.21 -2.18
CA GLU A 23 0.62 -8.64 -2.60
C GLU A 23 2.06 -8.90 -3.03
N GLN A 24 2.62 -8.04 -3.86
CA GLN A 24 4.03 -8.26 -4.30
C GLN A 24 4.94 -8.27 -3.07
N LEU A 25 4.67 -7.39 -2.16
CA LEU A 25 5.47 -7.33 -0.92
C LEU A 25 5.16 -8.56 -0.08
N ASP A 26 4.03 -9.19 -0.35
CA ASP A 26 3.58 -10.43 0.38
C ASP A 26 2.86 -10.03 1.66
N GLN A 27 2.17 -8.93 1.64
CA GLN A 27 1.42 -8.49 2.85
C GLN A 27 -0.02 -8.18 2.46
N ARG A 28 -0.95 -9.05 2.77
CA ARG A 28 -2.36 -8.76 2.40
C ARG A 28 -2.83 -7.50 3.13
N GLN A 29 -2.72 -7.48 4.43
CA GLN A 29 -3.14 -6.30 5.21
C GLN A 29 -4.64 -6.05 4.98
N ALA A 30 -5.39 -7.10 4.95
CA ALA A 30 -6.84 -6.96 4.74
C ALA A 30 -7.45 -6.13 5.87
N GLY A 31 -7.04 -6.38 7.07
CA GLY A 31 -7.58 -5.59 8.23
C GLY A 31 -6.70 -4.37 8.44
N ALA A 32 -5.96 -3.97 7.44
CA ALA A 32 -5.08 -2.78 7.60
C ALA A 32 -5.52 -1.64 6.68
N ALA A 33 -4.89 -0.51 6.83
CA ALA A 33 -5.20 0.67 5.98
C ALA A 33 -3.88 1.39 5.70
N LEU A 34 -3.78 2.13 4.62
CA LEU A 34 -2.46 2.76 4.34
C LEU A 34 -2.61 4.17 3.72
N ALA A 35 -1.61 5.01 3.88
CA ALA A 35 -1.70 6.37 3.29
C ALA A 35 -0.62 6.52 2.22
N ILE A 36 -1.01 6.69 1.00
CA ILE A 36 0.02 6.84 -0.07
C ILE A 36 0.11 8.29 -0.51
N ASN A 37 1.29 8.82 -0.65
CA ASN A 37 1.42 10.24 -1.08
C ASN A 37 0.66 11.13 -0.09
N GLN A 38 0.59 10.71 1.15
CA GLN A 38 -0.11 11.48 2.23
C GLN A 38 -1.63 11.35 2.12
N GLN A 39 -2.12 10.49 1.27
CA GLN A 39 -3.60 10.34 1.18
C GLN A 39 -3.99 9.00 1.79
N ILE A 40 -4.65 9.02 2.93
CA ILE A 40 -5.04 7.72 3.55
C ILE A 40 -6.17 7.11 2.74
N VAL A 41 -5.85 6.15 1.94
CA VAL A 41 -6.89 5.50 1.11
C VAL A 41 -7.52 4.36 1.87
N PRO A 42 -8.74 4.14 1.58
CA PRO A 42 -9.44 3.03 2.20
C PRO A 42 -9.07 1.74 1.51
N ARG A 43 -8.60 0.84 2.28
CA ARG A 43 -8.17 -0.52 1.78
C ARG A 43 -8.87 -0.91 0.49
N GLU A 44 -10.17 -0.97 0.54
CA GLU A 44 -10.95 -1.36 -0.65
C GLU A 44 -10.33 -0.81 -1.93
N GLN A 45 -9.92 0.42 -1.93
CA GLN A 45 -9.30 1.02 -3.15
C GLN A 45 -8.00 0.32 -3.51
N TRP A 46 -7.27 -0.16 -2.54
CA TRP A 46 -5.98 -0.83 -2.83
C TRP A 46 -6.09 -1.67 -4.11
N ALA A 47 -7.24 -2.20 -4.36
CA ALA A 47 -7.43 -3.06 -5.57
C ALA A 47 -7.58 -2.21 -6.83
N GLN A 48 -7.98 -0.98 -6.70
CA GLN A 48 -8.14 -0.11 -7.89
C GLN A 48 -7.20 1.08 -7.75
N HIS A 49 -6.44 1.09 -6.69
CA HIS A 49 -5.49 2.20 -6.42
C HIS A 49 -4.12 1.89 -7.02
N ILE A 50 -3.99 2.07 -8.30
CA ILE A 50 -2.70 1.78 -9.01
C ILE A 50 -1.53 2.52 -8.36
N VAL A 51 -0.49 1.79 -8.09
CA VAL A 51 0.74 2.35 -7.46
C VAL A 51 1.78 2.66 -8.55
N GLN A 52 2.59 3.67 -8.37
CA GLN A 52 3.57 4.01 -9.43
C GLN A 52 5.02 3.99 -8.96
N ASP A 53 5.90 3.83 -9.89
CA ASP A 53 7.36 3.83 -9.59
C ASP A 53 7.72 5.02 -8.71
N GLY A 54 7.93 4.73 -7.48
CA GLY A 54 8.26 5.80 -6.49
C GLY A 54 7.14 5.85 -5.47
N ASP A 55 6.22 4.96 -5.59
CA ASP A 55 5.04 4.91 -4.66
C ASP A 55 5.42 5.22 -3.20
N GLN A 56 4.54 5.86 -2.47
CA GLN A 56 4.81 6.14 -1.02
C GLN A 56 3.66 5.56 -0.21
N ILE A 57 3.92 4.98 0.92
CA ILE A 57 2.79 4.39 1.69
C ILE A 57 2.90 4.62 3.19
N LEU A 58 1.78 4.81 3.84
CA LEU A 58 1.75 4.96 5.31
C LEU A 58 0.98 3.75 5.82
N LEU A 59 1.51 2.96 6.71
CA LEU A 59 0.75 1.74 7.10
C LEU A 59 0.22 1.76 8.53
N PHE A 60 -1.06 1.53 8.68
CA PHE A 60 -1.70 1.43 10.02
C PHE A 60 -2.34 0.05 10.07
N GLN A 61 -2.50 -0.58 11.20
CA GLN A 61 -3.05 -1.96 11.16
C GLN A 61 -4.13 -2.26 12.22
N VAL A 62 -5.01 -3.16 11.86
CA VAL A 62 -6.09 -3.64 12.76
C VAL A 62 -6.86 -2.54 13.51
N ILE A 63 -8.12 -2.81 13.75
CA ILE A 63 -8.99 -1.89 14.53
C ILE A 63 -9.51 -2.69 15.72
N ALA A 64 -8.91 -2.54 16.86
CA ALA A 64 -9.38 -3.37 18.02
C ALA A 64 -9.90 -2.50 19.16
N GLY A 65 -10.57 -3.12 20.10
CA GLY A 65 -11.12 -2.39 21.27
C GLY A 65 -10.92 -3.24 22.52
N GLY A 66 -11.91 -3.98 22.92
CA GLY A 66 -11.77 -4.84 24.12
C GLY A 66 -12.03 -4.01 25.38
N MET A 1 8.93 -0.96 -11.75
CA MET A 1 8.33 -0.01 -10.77
C MET A 1 9.15 0.02 -9.50
N GLN A 2 8.96 1.03 -8.70
CA GLN A 2 9.69 1.13 -7.42
C GLN A 2 8.84 1.86 -6.44
N ILE A 3 8.95 1.49 -5.21
CA ILE A 3 8.07 2.12 -4.22
C ILE A 3 8.77 2.24 -2.89
N LEU A 4 8.12 2.83 -1.95
CA LEU A 4 8.70 2.92 -0.62
C LEU A 4 7.71 2.33 0.37
N PHE A 5 8.00 1.18 0.89
CA PHE A 5 7.06 0.58 1.87
C PHE A 5 7.63 0.77 3.28
N ASN A 6 7.11 1.70 4.04
CA ASN A 6 7.65 1.94 5.41
C ASN A 6 9.12 2.31 5.32
N ASP A 7 9.38 3.36 4.62
CA ASP A 7 10.77 3.84 4.44
C ASP A 7 11.63 2.74 3.85
N GLN A 8 11.01 1.77 3.23
CA GLN A 8 11.80 0.67 2.59
C GLN A 8 11.58 0.70 1.10
N ALA A 9 12.61 0.88 0.34
CA ALA A 9 12.43 0.95 -1.13
C ALA A 9 12.06 -0.43 -1.72
N MET A 10 11.32 -0.43 -2.79
CA MET A 10 10.88 -1.72 -3.42
C MET A 10 10.80 -1.62 -4.93
N GLN A 11 10.40 -2.68 -5.56
CA GLN A 11 10.18 -2.65 -7.03
C GLN A 11 9.09 -3.65 -7.38
N CYS A 12 8.06 -3.17 -7.98
CA CYS A 12 6.91 -4.05 -8.36
C CYS A 12 6.26 -3.58 -9.65
N ALA A 13 4.97 -3.76 -9.77
CA ALA A 13 4.29 -3.38 -11.03
C ALA A 13 3.70 -1.97 -11.01
N ALA A 14 4.25 -1.10 -11.80
CA ALA A 14 3.69 0.28 -11.89
C ALA A 14 2.27 0.22 -12.43
N GLY A 15 1.41 1.06 -11.95
CA GLY A 15 0.01 1.06 -12.42
C GLY A 15 -0.77 -0.05 -11.72
N GLN A 16 -0.15 -0.68 -10.76
CA GLN A 16 -0.82 -1.78 -10.02
C GLN A 16 -1.37 -1.25 -8.68
N THR A 17 -2.64 -1.41 -8.42
CA THR A 17 -3.20 -0.89 -7.13
C THR A 17 -2.45 -1.38 -5.92
N VAL A 18 -3.05 -1.10 -4.79
CA VAL A 18 -2.51 -1.54 -3.48
C VAL A 18 -2.82 -2.99 -3.33
N HIS A 19 -4.08 -3.34 -3.46
CA HIS A 19 -4.44 -4.76 -3.43
C HIS A 19 -3.48 -5.42 -4.41
N GLU A 20 -3.05 -4.63 -5.35
CA GLU A 20 -2.05 -5.11 -6.35
C GLU A 20 -0.63 -4.98 -5.78
N LEU A 21 -0.35 -3.90 -5.08
CA LEU A 21 1.01 -3.72 -4.51
C LEU A 21 1.19 -4.74 -3.37
N LEU A 22 0.30 -4.72 -2.43
CA LEU A 22 0.37 -5.68 -1.31
C LEU A 22 0.50 -7.08 -1.84
N GLU A 23 -0.39 -7.43 -2.71
CA GLU A 23 -0.36 -8.79 -3.30
C GLU A 23 1.03 -9.09 -3.88
N GLN A 24 1.56 -8.17 -4.66
CA GLN A 24 2.92 -8.40 -5.23
C GLN A 24 3.90 -8.58 -4.08
N LEU A 25 3.80 -7.70 -3.14
CA LEU A 25 4.67 -7.72 -1.96
C LEU A 25 4.31 -8.92 -1.07
N ASP A 26 3.15 -9.48 -1.29
CA ASP A 26 2.66 -10.66 -0.50
C ASP A 26 2.02 -10.13 0.77
N GLN A 27 1.27 -9.07 0.64
CA GLN A 27 0.60 -8.44 1.81
C GLN A 27 -0.91 -8.36 1.56
N ARG A 28 -1.71 -8.41 2.58
CA ARG A 28 -3.17 -8.33 2.37
C ARG A 28 -3.76 -7.22 3.26
N GLN A 29 -4.60 -7.57 4.20
CA GLN A 29 -5.20 -6.53 5.09
C GLN A 29 -5.48 -7.12 6.47
N ALA A 30 -6.62 -7.76 6.63
CA ALA A 30 -6.98 -8.32 7.95
C ALA A 30 -7.15 -7.18 8.94
N GLY A 31 -7.25 -5.98 8.45
CA GLY A 31 -7.39 -4.84 9.36
C GLY A 31 -6.21 -3.89 9.18
N ALA A 32 -5.61 -3.88 8.01
CA ALA A 32 -4.43 -2.98 7.82
C ALA A 32 -4.80 -1.72 7.06
N ALA A 33 -3.95 -0.75 7.11
CA ALA A 33 -4.20 0.53 6.36
C ALA A 33 -2.85 1.09 5.91
N LEU A 34 -2.81 1.98 4.96
CA LEU A 34 -1.48 2.48 4.51
C LEU A 34 -1.56 3.93 4.01
N ALA A 35 -0.51 4.69 4.17
CA ALA A 35 -0.54 6.10 3.67
C ALA A 35 0.49 6.25 2.54
N ILE A 36 0.02 6.54 1.36
CA ILE A 36 0.98 6.69 0.22
C ILE A 36 1.18 8.18 -0.07
N ASN A 37 2.37 8.62 -0.31
CA ASN A 37 2.57 10.07 -0.58
C ASN A 37 1.91 10.90 0.53
N GLN A 38 1.76 10.31 1.69
CA GLN A 38 1.15 11.00 2.87
C GLN A 38 -0.38 10.96 2.82
N GLN A 39 -0.97 10.47 1.76
CA GLN A 39 -2.45 10.39 1.74
C GLN A 39 -2.88 9.03 2.28
N ILE A 40 -3.45 8.99 3.44
CA ILE A 40 -3.88 7.69 4.01
C ILE A 40 -5.11 7.18 3.27
N VAL A 41 -4.98 6.11 2.53
CA VAL A 41 -6.14 5.59 1.79
C VAL A 41 -6.77 4.44 2.55
N PRO A 42 -8.04 4.38 2.46
CA PRO A 42 -8.76 3.29 3.10
C PRO A 42 -8.58 1.97 2.38
N ARG A 43 -8.10 1.05 3.12
CA ARG A 43 -7.86 -0.35 2.62
C ARG A 43 -8.73 -0.71 1.42
N GLU A 44 -10.02 -0.72 1.60
CA GLU A 44 -10.93 -1.10 0.50
C GLU A 44 -10.49 -0.50 -0.83
N GLN A 45 -10.12 0.75 -0.85
CA GLN A 45 -9.71 1.37 -2.14
C GLN A 45 -8.45 0.69 -2.68
N TRP A 46 -7.66 0.08 -1.82
CA TRP A 46 -6.44 -0.62 -2.31
C TRP A 46 -6.77 -1.41 -3.58
N ALA A 47 -7.96 -1.92 -3.66
CA ALA A 47 -8.36 -2.71 -4.86
C ALA A 47 -8.63 -1.80 -6.06
N GLN A 48 -8.81 -0.54 -5.81
CA GLN A 48 -9.05 0.41 -6.94
C GLN A 48 -8.04 1.55 -6.83
N HIS A 49 -7.10 1.40 -5.93
CA HIS A 49 -6.08 2.47 -5.74
C HIS A 49 -4.79 2.13 -6.50
N ILE A 50 -4.76 2.38 -7.78
CA ILE A 50 -3.55 2.08 -8.58
C ILE A 50 -2.31 2.73 -7.96
N VAL A 51 -1.27 1.96 -7.76
CA VAL A 51 -0.01 2.51 -7.18
C VAL A 51 0.87 3.04 -8.31
N GLN A 52 1.62 4.08 -8.06
CA GLN A 52 2.47 4.67 -9.15
C GLN A 52 3.93 4.26 -9.06
N ASP A 53 4.58 4.20 -10.19
CA ASP A 53 6.01 3.86 -10.19
C ASP A 53 6.76 4.88 -9.33
N GLY A 54 7.39 4.40 -8.32
CA GLY A 54 8.10 5.30 -7.38
C GLY A 54 7.14 5.53 -6.23
N ASP A 55 6.13 4.70 -6.15
CA ASP A 55 5.10 4.80 -5.11
C ASP A 55 5.69 4.89 -3.70
N GLN A 56 5.04 5.62 -2.83
CA GLN A 56 5.50 5.72 -1.43
C GLN A 56 4.43 5.12 -0.54
N ILE A 57 4.79 4.49 0.55
CA ILE A 57 3.73 3.86 1.38
C ILE A 57 3.95 4.01 2.89
N LEU A 58 2.87 4.09 3.60
CA LEU A 58 2.91 4.10 5.08
C LEU A 58 2.18 2.83 5.51
N LEU A 59 2.61 2.15 6.53
CA LEU A 59 1.91 0.89 6.89
C LEU A 59 1.20 1.02 8.24
N PHE A 60 -0.05 0.65 8.29
CA PHE A 60 -0.80 0.72 9.58
C PHE A 60 -1.11 -0.71 10.02
N GLN A 61 -0.95 -0.99 11.29
CA GLN A 61 -1.22 -2.37 11.77
C GLN A 61 -2.68 -2.51 12.21
N VAL A 62 -3.08 -3.71 12.54
CA VAL A 62 -4.49 -3.95 12.97
C VAL A 62 -5.07 -2.75 13.71
N ILE A 63 -6.36 -2.58 13.62
CA ILE A 63 -7.04 -1.46 14.32
C ILE A 63 -8.03 -2.06 15.32
N ALA A 64 -7.63 -2.19 16.54
CA ALA A 64 -8.55 -2.80 17.54
C ALA A 64 -8.79 -1.85 18.72
N GLY A 65 -9.75 -2.14 19.55
CA GLY A 65 -10.01 -1.25 20.72
C GLY A 65 -11.50 -1.23 21.06
N GLY A 66 -11.82 -1.36 22.31
CA GLY A 66 -13.26 -1.34 22.72
C GLY A 66 -13.74 0.11 22.83
N MET A 1 -6.35 2.31 13.33
CA MET A 1 -5.09 1.72 12.80
C MET A 1 -4.24 2.80 12.15
N GLN A 2 -2.99 2.55 11.95
CA GLN A 2 -2.12 3.56 11.30
C GLN A 2 -1.06 2.87 10.49
N ILE A 3 -0.49 3.58 9.59
CA ILE A 3 0.49 2.96 8.71
C ILE A 3 1.60 3.91 8.32
N LEU A 4 2.54 3.41 7.60
CA LEU A 4 3.59 4.30 7.09
C LEU A 4 3.60 4.21 5.58
N PHE A 5 3.13 5.22 4.93
CA PHE A 5 3.11 5.18 3.45
C PHE A 5 4.24 6.07 2.93
N ASN A 6 5.32 5.48 2.48
CA ASN A 6 6.45 6.31 1.97
C ASN A 6 6.99 7.18 3.09
N ASP A 7 7.37 6.55 4.15
CA ASP A 7 7.90 7.27 5.34
C ASP A 7 6.87 8.30 5.82
N GLN A 8 5.64 8.11 5.44
CA GLN A 8 4.56 9.04 5.87
C GLN A 8 3.56 8.29 6.73
N ALA A 9 3.41 8.67 7.96
CA ALA A 9 2.44 7.95 8.82
C ALA A 9 1.02 8.19 8.35
N MET A 10 0.16 7.23 8.53
CA MET A 10 -1.27 7.37 8.07
C MET A 10 -2.24 6.68 9.02
N GLN A 11 -3.51 6.90 8.80
CA GLN A 11 -4.50 6.17 9.61
C GLN A 11 -5.59 5.66 8.69
N CYS A 12 -5.76 4.39 8.67
CA CYS A 12 -6.79 3.78 7.77
C CYS A 12 -7.52 2.63 8.46
N ALA A 13 -8.23 1.86 7.69
CA ALA A 13 -9.00 0.73 8.27
C ALA A 13 -8.11 -0.48 8.55
N ALA A 14 -7.84 -0.76 9.79
CA ALA A 14 -7.01 -1.95 10.08
C ALA A 14 -7.73 -3.19 9.55
N GLY A 15 -6.99 -4.11 9.00
CA GLY A 15 -7.60 -5.34 8.46
C GLY A 15 -7.96 -5.11 6.99
N GLN A 16 -7.86 -3.89 6.53
CA GLN A 16 -8.17 -3.60 5.12
C GLN A 16 -6.94 -3.83 4.25
N THR A 17 -7.05 -4.53 3.16
CA THR A 17 -5.84 -4.76 2.34
C THR A 17 -5.27 -3.45 1.83
N VAL A 18 -4.42 -3.60 0.86
CA VAL A 18 -3.79 -2.45 0.19
C VAL A 18 -4.77 -1.87 -0.78
N HIS A 19 -5.27 -2.71 -1.65
CA HIS A 19 -6.30 -2.24 -2.58
C HIS A 19 -7.34 -1.57 -1.72
N GLU A 20 -7.39 -2.03 -0.48
CA GLU A 20 -8.32 -1.41 0.49
C GLU A 20 -7.65 -0.16 1.06
N LEU A 21 -6.37 -0.21 1.30
CA LEU A 21 -5.69 1.01 1.81
C LEU A 21 -5.62 2.04 0.68
N LEU A 22 -5.00 1.68 -0.42
CA LEU A 22 -4.92 2.63 -1.57
C LEU A 22 -6.24 3.36 -1.72
N GLU A 23 -7.29 2.62 -1.88
CA GLU A 23 -8.64 3.24 -2.01
C GLU A 23 -8.88 4.19 -0.83
N GLN A 24 -8.62 3.75 0.38
CA GLN A 24 -8.84 4.63 1.55
C GLN A 24 -7.91 5.84 1.46
N LEU A 25 -6.67 5.62 1.13
CA LEU A 25 -5.72 6.74 0.99
C LEU A 25 -6.15 7.58 -0.22
N ASP A 26 -6.92 6.96 -1.10
CA ASP A 26 -7.43 7.63 -2.35
C ASP A 26 -6.36 7.49 -3.43
N GLN A 27 -5.74 6.36 -3.49
CA GLN A 27 -4.67 6.13 -4.50
C GLN A 27 -5.07 4.96 -5.41
N ARG A 28 -5.34 5.21 -6.66
CA ARG A 28 -5.71 4.08 -7.57
C ARG A 28 -4.45 3.37 -8.08
N GLN A 29 -3.29 3.85 -7.67
CA GLN A 29 -2.01 3.25 -8.07
C GLN A 29 -2.05 2.85 -9.53
N ALA A 30 -2.71 3.66 -10.30
CA ALA A 30 -2.83 3.40 -11.74
C ALA A 30 -1.55 2.71 -12.26
N GLY A 31 -0.44 3.09 -11.71
CA GLY A 31 0.86 2.48 -12.10
C GLY A 31 1.78 2.56 -10.88
N ALA A 32 1.54 1.73 -9.89
CA ALA A 32 2.39 1.79 -8.66
C ALA A 32 2.73 0.41 -8.11
N ALA A 33 3.65 0.40 -7.18
CA ALA A 33 4.06 -0.85 -6.49
C ALA A 33 4.48 -0.46 -5.08
N LEU A 34 4.44 -1.35 -4.14
CA LEU A 34 4.80 -0.93 -2.75
C LEU A 34 5.44 -2.06 -1.96
N ALA A 35 6.13 -1.72 -0.90
CA ALA A 35 6.75 -2.77 -0.04
C ALA A 35 6.30 -2.55 1.40
N ILE A 36 5.56 -3.48 1.93
CA ILE A 36 5.07 -3.31 3.33
C ILE A 36 6.00 -4.06 4.30
N ASN A 37 6.36 -3.45 5.38
CA ASN A 37 7.27 -4.15 6.33
C ASN A 37 8.51 -4.65 5.57
N GLN A 38 8.83 -3.99 4.48
CA GLN A 38 10.04 -4.34 3.64
C GLN A 38 9.72 -5.43 2.60
N GLN A 39 8.53 -5.94 2.57
CA GLN A 39 8.22 -6.97 1.54
C GLN A 39 7.56 -6.33 0.33
N ILE A 40 8.25 -6.23 -0.78
CA ILE A 40 7.60 -5.62 -1.98
C ILE A 40 6.59 -6.60 -2.53
N VAL A 41 5.37 -6.17 -2.68
CA VAL A 41 4.35 -7.08 -3.24
C VAL A 41 3.79 -6.52 -4.51
N PRO A 42 3.46 -7.40 -5.38
CA PRO A 42 2.85 -6.96 -6.62
C PRO A 42 1.44 -6.46 -6.38
N ARG A 43 1.16 -5.33 -6.90
CA ARG A 43 -0.18 -4.69 -6.75
C ARG A 43 -1.31 -5.72 -6.66
N GLU A 44 -1.30 -6.65 -7.56
CA GLU A 44 -2.36 -7.68 -7.60
C GLU A 44 -2.68 -8.23 -6.22
N GLN A 45 -1.70 -8.33 -5.36
CA GLN A 45 -1.98 -8.87 -3.99
C GLN A 45 -2.62 -7.78 -3.13
N TRP A 46 -2.34 -6.54 -3.39
CA TRP A 46 -2.95 -5.46 -2.59
C TRP A 46 -4.42 -5.76 -2.31
N ALA A 47 -5.07 -6.40 -3.23
CA ALA A 47 -6.51 -6.72 -3.03
C ALA A 47 -6.68 -7.87 -2.05
N GLN A 48 -5.62 -8.58 -1.81
CA GLN A 48 -5.68 -9.72 -0.85
C GLN A 48 -4.61 -9.50 0.22
N HIS A 49 -4.08 -8.30 0.28
CA HIS A 49 -3.02 -7.98 1.25
C HIS A 49 -3.55 -7.17 2.43
N ILE A 50 -4.28 -7.80 3.31
CA ILE A 50 -4.86 -7.09 4.48
C ILE A 50 -3.79 -6.30 5.24
N VAL A 51 -4.07 -5.06 5.47
CA VAL A 51 -3.12 -4.17 6.18
C VAL A 51 -3.36 -4.21 7.70
N GLN A 52 -2.31 -4.09 8.50
CA GLN A 52 -2.49 -4.17 9.99
C GLN A 52 -2.24 -2.82 10.67
N ASP A 53 -2.88 -2.59 11.79
CA ASP A 53 -2.63 -1.33 12.51
C ASP A 53 -1.13 -1.28 12.80
N GLY A 54 -0.48 -0.36 12.19
CA GLY A 54 0.99 -0.26 12.31
C GLY A 54 1.55 -0.62 10.94
N ASP A 55 0.66 -0.72 9.97
CA ASP A 55 1.07 -1.08 8.59
C ASP A 55 2.24 -0.22 8.09
N GLN A 56 3.15 -0.80 7.37
CA GLN A 56 4.27 0.01 6.81
C GLN A 56 4.25 -0.14 5.29
N ILE A 57 4.63 0.87 4.56
CA ILE A 57 4.56 0.74 3.07
C ILE A 57 5.72 1.40 2.35
N LEU A 58 6.07 0.83 1.24
CA LEU A 58 7.11 1.44 0.38
C LEU A 58 6.37 1.87 -0.89
N LEU A 59 6.75 2.94 -1.53
CA LEU A 59 5.96 3.35 -2.73
C LEU A 59 6.78 3.28 -4.02
N PHE A 60 6.19 2.73 -5.05
CA PHE A 60 6.87 2.65 -6.37
C PHE A 60 6.06 3.47 -7.38
N GLN A 61 6.70 4.22 -8.23
CA GLN A 61 5.94 5.04 -9.20
C GLN A 61 5.73 4.27 -10.50
N VAL A 62 4.95 4.81 -11.40
CA VAL A 62 4.70 4.11 -12.69
C VAL A 62 5.98 3.60 -13.32
N ILE A 63 5.87 2.52 -14.06
CA ILE A 63 7.05 1.96 -14.77
C ILE A 63 6.71 1.96 -16.25
N ALA A 64 7.13 2.96 -16.96
CA ALA A 64 6.79 3.01 -18.39
C ALA A 64 8.05 3.00 -19.27
N GLY A 65 7.89 2.75 -20.55
CA GLY A 65 9.07 2.70 -21.45
C GLY A 65 9.71 4.10 -21.54
N GLY A 66 10.88 4.26 -21.01
CA GLY A 66 11.55 5.60 -21.06
C GLY A 66 12.96 5.41 -21.61
#